data_9E3Q
#
_entry.id   9E3Q
#
_cell.length_a   1.00
_cell.length_b   1.00
_cell.length_c   1.00
_cell.angle_alpha   90.00
_cell.angle_beta   90.00
_cell.angle_gamma   90.00
#
_symmetry.space_group_name_H-M   'P 1'
#
loop_
_entity.id
_entity.type
_entity.pdbx_description
1 polymer 'P2X purinoceptor 7'
2 non-polymer "GUANOSINE-5'-DIPHOSPHATE"
3 non-polymer 'ZINC ION'
4 non-polymer 2-acetamido-2-deoxy-beta-D-glucopyranose
5 non-polymer 'PALMITIC ACID'
6 non-polymer 'SODIUM ION'
7 water water
#
_entity_poly.entity_id   1
_entity_poly.type   'polypeptide(L)'
_entity_poly.pdbx_seq_one_letter_code
;MPACCSWNDVLQYETNKVTRIQSTNYGTVKWVLHMIVFSYISFALVSDKLYQRKEPVISSVHTKVKGIAEVTENVTEGGV
TKLGHSIFDTADYTFPLQGNSFFVMTNYVKSEGQVQTLCPEYPRRGAQCSSDRRCKKGWMDPQSKGIQTGRCVPYDKTRK
TCEVSAWCPTEEEKEAPRPALLRSAENFTVLIKNNIHFPGHNYTTRNILPTMNGSCTFHKTWDPQCSIFRLGDIFQEAGE
NFTEVAVQGGIMGIEIYWDCNLDSWSHHCRPRYSFRRLDDKNTDESFVPGYNFRYAKYYKENNVEKRTLIKAFGIRFDIL
VFGTGGKFDIIQLVVYIGSTLSYFGLATVCIDLLINTYSSAFCRSGVYPYCKCCEPCTVNEYYYRKKCESIMEPKPTLKY
VSFVDEPHIRMVDQQLLGKSLQVVKGQEVPRPQMDFSDLSRLSLSLHDSPLTPGQSEEIQLLHEEVAPKSGDSPSWCQCG
NCLPSRLPEQRRALEELCCRRKPGRCITTSKLFHKLVLSRDTLQLLLLYQDPLLVLGEEATNSRLRHRAYRCYATWRFGS
QDMADFAILPSCCRWRIRKEFPKTEGQYSGFKYPY
;
_entity_poly.pdbx_strand_id   A,B,C
#
loop_
_chem_comp.id
_chem_comp.type
_chem_comp.name
_chem_comp.formula
GDP RNA linking GUANOSINE-5'-DIPHOSPHATE 'C10 H15 N5 O11 P2'
NA non-polymer 'SODIUM ION' 'Na 1'
NAG D-saccharide, beta linking 2-acetamido-2-deoxy-beta-D-glucopyranose 'C8 H15 N O6'
PLM non-polymer 'PALMITIC ACID' 'C16 H32 O2'
ZN non-polymer 'ZINC ION' 'Zn 2'
#
# COMPACT_ATOMS: atom_id res chain seq x y z
N SER A 6 -21.60 8.73 -31.56
CA SER A 6 -21.02 7.47 -31.12
C SER A 6 -21.58 7.07 -29.76
N TRP A 7 -22.87 7.35 -29.54
CA TRP A 7 -23.52 6.95 -28.30
C TRP A 7 -23.59 5.43 -28.18
N ASN A 8 -23.88 4.74 -29.28
CA ASN A 8 -23.89 3.29 -29.30
C ASN A 8 -22.48 2.70 -29.27
N ASP A 9 -21.48 3.44 -29.76
CA ASP A 9 -20.11 2.96 -29.70
C ASP A 9 -19.59 2.90 -28.28
N VAL A 10 -20.01 3.82 -27.42
CA VAL A 10 -19.56 3.83 -26.04
C VAL A 10 -20.34 2.84 -25.18
N LEU A 11 -21.65 2.70 -25.42
CA LEU A 11 -22.49 1.81 -24.63
C LEU A 11 -22.38 0.38 -25.16
N GLN A 12 -21.20 -0.19 -24.94
CA GLN A 12 -20.88 -1.55 -25.30
C GLN A 12 -20.19 -2.23 -24.14
N TYR A 13 -20.35 -3.53 -24.03
CA TYR A 13 -19.65 -4.33 -23.03
C TYR A 13 -18.84 -5.41 -23.73
N GLU A 14 -17.58 -5.53 -23.36
CA GLU A 14 -16.68 -6.54 -23.91
C GLU A 14 -16.40 -7.57 -22.83
N THR A 15 -16.69 -8.83 -23.12
CA THR A 15 -16.43 -9.93 -22.21
C THR A 15 -15.43 -10.89 -22.85
N ASN A 16 -14.65 -11.55 -22.01
CA ASN A 16 -13.66 -12.50 -22.49
C ASN A 16 -14.32 -13.81 -22.89
N LYS A 17 -13.86 -14.38 -24.00
CA LYS A 17 -14.24 -15.73 -24.38
C LYS A 17 -13.43 -16.73 -23.55
N VAL A 18 -14.11 -17.68 -22.93
CA VAL A 18 -13.47 -18.60 -22.00
C VAL A 18 -13.76 -20.04 -22.40
N THR A 19 -12.87 -20.93 -21.99
CA THR A 19 -13.06 -22.36 -22.10
C THR A 19 -13.20 -22.92 -20.69
N ARG A 20 -14.37 -23.45 -20.39
CA ARG A 20 -14.64 -24.07 -19.09
C ARG A 20 -14.31 -25.55 -19.16
N ILE A 21 -13.33 -25.98 -18.37
CA ILE A 21 -12.86 -27.35 -18.38
C ILE A 21 -13.52 -28.11 -17.24
N GLN A 22 -14.14 -29.23 -17.57
CA GLN A 22 -14.75 -30.12 -16.57
C GLN A 22 -13.69 -31.09 -16.05
N SER A 23 -12.71 -30.52 -15.36
CA SER A 23 -11.59 -31.26 -14.78
C SER A 23 -11.61 -31.10 -13.27
N THR A 24 -11.63 -32.23 -12.55
CA THR A 24 -11.60 -32.17 -11.09
C THR A 24 -10.21 -31.83 -10.55
N ASN A 25 -9.16 -32.20 -11.28
CA ASN A 25 -7.81 -31.86 -10.83
C ASN A 25 -7.58 -30.36 -10.89
N TYR A 26 -7.92 -29.72 -12.01
CA TYR A 26 -7.71 -28.29 -12.13
C TYR A 26 -8.71 -27.50 -11.30
N GLY A 27 -9.93 -28.02 -11.14
CA GLY A 27 -10.88 -27.35 -10.27
C GLY A 27 -10.47 -27.41 -8.81
N THR A 28 -9.86 -28.52 -8.39
CA THR A 28 -9.37 -28.62 -7.02
C THR A 28 -8.12 -27.77 -6.81
N VAL A 29 -7.19 -27.79 -7.77
CA VAL A 29 -5.98 -27.00 -7.66
C VAL A 29 -6.32 -25.51 -7.60
N LYS A 30 -7.27 -25.07 -8.42
CA LYS A 30 -7.65 -23.67 -8.45
C LYS A 30 -8.23 -23.22 -7.11
N TRP A 31 -9.08 -24.05 -6.50
CA TRP A 31 -9.67 -23.68 -5.23
C TRP A 31 -8.67 -23.78 -4.09
N VAL A 32 -7.77 -24.76 -4.13
CA VAL A 32 -6.76 -24.88 -3.08
C VAL A 32 -5.87 -23.64 -3.07
N LEU A 33 -5.46 -23.18 -4.25
CA LEU A 33 -4.66 -21.95 -4.31
C LEU A 33 -5.46 -20.73 -3.89
N HIS A 34 -6.78 -20.75 -4.12
CA HIS A 34 -7.61 -19.64 -3.66
C HIS A 34 -7.69 -19.56 -2.15
N MET A 35 -7.78 -20.72 -1.47
CA MET A 35 -7.77 -20.71 -0.02
C MET A 35 -6.43 -20.28 0.54
N ILE A 36 -5.33 -20.70 -0.11
CA ILE A 36 -4.00 -20.34 0.38
C ILE A 36 -3.80 -18.83 0.31
N VAL A 37 -4.18 -18.23 -0.81
CA VAL A 37 -4.07 -16.77 -0.94
C VAL A 37 -5.00 -16.08 0.05
N PHE A 38 -6.24 -16.55 0.15
CA PHE A 38 -7.20 -15.94 1.06
C PHE A 38 -6.77 -16.10 2.51
N SER A 39 -6.23 -17.26 2.87
CA SER A 39 -5.79 -17.49 4.25
C SER A 39 -4.65 -16.55 4.62
N TYR A 40 -3.69 -16.36 3.72
CA TYR A 40 -2.57 -15.47 4.02
C TYR A 40 -3.02 -14.01 4.02
N ILE A 41 -3.88 -13.64 3.09
CA ILE A 41 -4.37 -12.26 3.02
C ILE A 41 -5.15 -11.91 4.29
N SER A 42 -5.99 -12.83 4.75
CA SER A 42 -6.73 -12.60 5.99
C SER A 42 -5.81 -12.57 7.20
N PHE A 43 -4.83 -13.47 7.24
CA PHE A 43 -3.91 -13.51 8.38
C PHE A 43 -3.06 -12.26 8.46
N ALA A 44 -2.55 -11.78 7.32
CA ALA A 44 -1.74 -10.57 7.32
C ALA A 44 -2.56 -9.36 7.75
N LEU A 45 -3.82 -9.29 7.31
CA LEU A 45 -4.67 -8.17 7.66
C LEU A 45 -4.96 -8.13 9.15
N VAL A 46 -5.20 -9.29 9.76
CA VAL A 46 -5.62 -9.33 11.16
C VAL A 46 -4.43 -9.23 12.09
N SER A 47 -3.35 -9.96 11.80
CA SER A 47 -2.19 -9.94 12.68
C SER A 47 -1.52 -8.57 12.71
N ASP A 48 -1.44 -7.91 11.55
CA ASP A 48 -0.80 -6.61 11.44
C ASP A 48 -1.78 -5.44 11.55
N LYS A 49 -3.06 -5.71 11.73
CA LYS A 49 -4.10 -4.66 11.84
C LYS A 49 -4.00 -3.68 10.67
N LEU A 50 -3.88 -4.23 9.47
CA LEU A 50 -3.71 -3.41 8.27
C LEU A 50 -4.98 -2.68 7.87
N TYR A 51 -6.10 -2.95 8.53
CA TYR A 51 -7.33 -2.20 8.35
C TYR A 51 -7.40 -0.96 9.23
N GLN A 52 -6.41 -0.75 10.10
CA GLN A 52 -6.44 0.31 11.09
C GLN A 52 -5.55 1.48 10.66
N ARG A 53 -6.01 2.67 11.05
CA ARG A 53 -5.19 3.90 10.86
C ARG A 53 -4.42 4.05 12.18
N LYS A 54 -3.10 3.97 12.13
CA LYS A 54 -2.27 3.98 13.32
C LYS A 54 -1.73 5.37 13.60
N GLU A 55 -1.57 5.68 14.90
CA GLU A 55 -1.18 7.01 15.33
C GLU A 55 -0.20 6.94 16.49
N PRO A 56 0.90 7.70 16.42
CA PRO A 56 1.81 7.75 17.57
C PRO A 56 1.18 8.44 18.77
N VAL A 57 1.64 8.04 19.95
CA VAL A 57 1.05 8.51 21.20
C VAL A 57 1.63 9.87 21.57
N ILE A 58 0.82 10.68 22.24
CA ILE A 58 1.24 11.93 22.85
C ILE A 58 1.19 11.72 24.36
N SER A 59 2.35 11.81 25.01
CA SER A 59 2.49 11.39 26.40
C SER A 59 2.84 12.57 27.30
N SER A 60 2.36 12.50 28.54
CA SER A 60 2.75 13.39 29.61
C SER A 60 3.05 12.55 30.84
N VAL A 61 4.19 12.78 31.47
CA VAL A 61 4.66 11.98 32.59
C VAL A 61 4.79 12.86 33.82
N HIS A 62 4.29 12.36 34.95
CA HIS A 62 4.43 13.02 36.25
C HIS A 62 4.94 11.98 37.23
N THR A 63 6.09 12.25 37.84
CA THR A 63 6.73 11.29 38.74
C THR A 63 6.81 11.87 40.15
N LYS A 64 6.81 10.97 41.14
CA LYS A 64 6.91 11.35 42.54
C LYS A 64 7.77 10.31 43.25
N VAL A 65 8.95 10.71 43.68
CA VAL A 65 9.87 9.82 44.39
C VAL A 65 9.61 9.93 45.88
N LYS A 66 9.64 8.80 46.57
CA LYS A 66 9.38 8.75 48.00
C LYS A 66 10.49 7.96 48.68
N GLY A 67 11.03 8.50 49.75
CA GLY A 67 12.05 7.83 50.53
C GLY A 67 12.93 8.82 51.27
N ILE A 68 13.42 8.38 52.43
CA ILE A 68 14.32 9.16 53.27
C ILE A 68 15.62 8.39 53.40
N ALA A 69 16.73 9.10 53.39
CA ALA A 69 18.05 8.49 53.50
C ALA A 69 18.81 9.08 54.68
N GLU A 70 19.55 8.21 55.37
CA GLU A 70 20.46 8.59 56.44
C GLU A 70 21.88 8.35 55.97
N VAL A 71 22.73 9.37 56.06
CA VAL A 71 24.12 9.27 55.62
C VAL A 71 25.03 9.37 56.84
N THR A 72 25.92 8.40 56.98
CA THR A 72 26.85 8.34 58.11
C THR A 72 28.17 8.99 57.68
N GLU A 73 28.48 10.14 58.27
CA GLU A 73 29.71 10.85 57.95
C GLU A 73 30.22 11.63 59.17
N GLY A 84 28.35 14.33 61.54
CA GLY A 84 27.66 13.27 62.25
C GLY A 84 26.73 12.47 61.36
N HIS A 85 25.44 12.77 61.44
CA HIS A 85 24.43 12.12 60.62
C HIS A 85 23.60 13.18 59.91
N SER A 86 23.53 13.08 58.59
CA SER A 86 22.80 14.04 57.76
C SER A 86 21.59 13.35 57.14
N ILE A 87 20.49 14.07 57.04
CA ILE A 87 19.22 13.54 56.57
C ILE A 87 18.99 14.00 55.14
N PHE A 88 18.57 13.06 54.28
CA PHE A 88 18.25 13.36 52.89
C PHE A 88 16.80 12.97 52.63
N ASP A 89 15.94 13.96 52.44
CA ASP A 89 14.59 13.73 51.95
C ASP A 89 14.54 14.15 50.48
N THR A 90 13.34 14.10 49.89
CA THR A 90 13.21 14.31 48.46
C THR A 90 13.77 15.65 48.01
N ALA A 91 13.71 16.66 48.88
CA ALA A 91 14.31 17.95 48.55
C ALA A 91 15.84 17.91 48.56
N ASP A 92 16.44 16.82 49.06
CA ASP A 92 17.89 16.73 49.19
C ASP A 92 18.55 15.86 48.13
N TYR A 93 17.85 14.86 47.61
CA TYR A 93 18.42 13.99 46.59
C TYR A 93 17.70 14.07 45.25
N THR A 94 16.61 14.83 45.14
CA THR A 94 15.88 15.00 43.90
C THR A 94 15.83 16.49 43.56
N PHE A 95 15.30 16.78 42.38
CA PHE A 95 15.16 18.13 41.86
C PHE A 95 13.71 18.38 41.46
N PRO A 96 13.29 19.65 41.39
CA PRO A 96 11.87 19.95 41.10
C PRO A 96 11.35 19.35 39.80
N LEU A 97 12.20 18.81 38.93
CA LEU A 97 11.74 18.20 37.69
C LEU A 97 11.04 16.87 37.98
N GLN A 98 9.83 16.72 37.44
CA GLN A 98 9.02 15.52 37.64
C GLN A 98 8.40 15.06 36.34
N GLY A 99 9.11 15.24 35.23
CA GLY A 99 8.61 14.84 33.92
C GLY A 99 9.20 13.54 33.44
N ASN A 100 9.68 13.52 32.20
CA ASN A 100 10.25 12.31 31.62
C ASN A 100 11.56 11.89 32.26
N SER A 101 12.21 12.76 33.02
CA SER A 101 13.46 12.44 33.68
C SER A 101 13.40 12.88 35.13
N PHE A 102 13.94 12.05 36.02
CA PHE A 102 14.21 12.46 37.39
C PHE A 102 15.53 11.84 37.83
N PHE A 103 16.21 12.54 38.71
CA PHE A 103 17.52 12.14 39.21
C PHE A 103 17.41 11.76 40.67
N VAL A 104 18.08 10.67 41.04
CA VAL A 104 18.18 10.28 42.46
C VAL A 104 19.68 10.22 42.80
N MET A 105 20.12 11.06 43.74
CA MET A 105 21.56 11.06 44.14
C MET A 105 21.82 9.84 45.03
N THR A 106 22.87 9.07 44.70
CA THR A 106 23.17 7.82 45.45
C THR A 106 24.55 7.94 46.10
N ASN A 107 25.36 8.90 45.66
CA ASN A 107 26.74 9.09 46.21
C ASN A 107 27.10 10.56 46.04
N TYR A 108 28.09 11.06 46.80
CA TYR A 108 28.49 12.47 46.57
C TYR A 108 29.84 12.81 47.22
N VAL A 109 30.54 13.78 46.64
CA VAL A 109 31.78 14.30 47.22
C VAL A 109 31.60 15.80 47.38
N LYS A 110 31.94 16.32 48.56
CA LYS A 110 31.75 17.73 48.87
C LYS A 110 33.08 18.43 49.07
N SER A 111 33.18 19.65 48.55
CA SER A 111 34.29 20.56 48.82
C SER A 111 33.70 21.89 49.24
N GLU A 112 33.77 22.20 50.53
CA GLU A 112 33.05 23.34 51.10
C GLU A 112 33.96 24.56 51.25
N GLY A 113 33.32 25.72 51.35
CA GLY A 113 34.02 26.96 51.61
C GLY A 113 34.96 27.42 50.52
N GLN A 114 34.54 27.34 49.26
CA GLN A 114 35.37 27.77 48.15
C GLN A 114 35.21 29.26 47.92
N VAL A 115 36.33 29.92 47.65
CA VAL A 115 36.38 31.37 47.45
C VAL A 115 37.12 31.65 46.15
N GLN A 116 36.62 32.60 45.38
CA GLN A 116 37.27 33.04 44.14
C GLN A 116 38.53 33.80 44.52
N THR A 117 39.69 33.14 44.43
CA THR A 117 40.96 33.74 44.78
C THR A 117 42.06 32.97 44.06
N LEU A 118 43.30 33.17 44.50
CA LEU A 118 44.46 32.46 43.98
C LEU A 118 44.84 31.35 44.94
N CYS A 119 45.18 30.19 44.39
CA CYS A 119 45.53 29.03 45.21
C CYS A 119 46.40 28.10 44.36
N PRO A 120 47.19 27.25 45.00
CA PRO A 120 47.93 26.23 44.24
C PRO A 120 46.99 25.15 43.72
N GLU A 121 47.39 24.54 42.61
CA GLU A 121 46.64 23.41 42.07
C GLU A 121 46.71 22.22 43.01
N TYR A 122 45.69 21.37 42.94
CA TYR A 122 45.76 20.12 43.67
C TYR A 122 46.80 19.20 43.02
N PRO A 123 47.62 18.51 43.82
CA PRO A 123 48.63 17.62 43.22
C PRO A 123 48.01 16.48 42.45
N ARG A 124 48.19 16.49 41.13
CA ARG A 124 47.72 15.44 40.24
C ARG A 124 48.92 14.68 39.69
N ARG A 125 48.65 13.78 38.73
CA ARG A 125 49.71 12.97 38.14
C ARG A 125 50.77 13.83 37.46
N GLY A 126 50.42 15.04 37.02
CA GLY A 126 51.39 15.92 36.40
C GLY A 126 51.22 17.37 36.79
N ALA A 127 50.61 17.63 37.94
CA ALA A 127 50.37 18.99 38.39
C ALA A 127 51.51 19.56 39.24
N GLN A 128 52.51 18.75 39.57
CA GLN A 128 53.64 19.26 40.33
C GLN A 128 54.56 20.10 39.45
N CYS A 129 55.31 21.00 40.08
CA CYS A 129 56.27 21.82 39.38
C CYS A 129 57.50 21.99 40.25
N SER A 130 58.63 22.28 39.60
CA SER A 130 59.87 22.59 40.29
C SER A 130 60.43 23.95 39.93
N SER A 131 59.86 24.65 38.95
CA SER A 131 60.31 25.97 38.55
C SER A 131 59.15 26.68 37.85
N ASP A 132 59.21 28.01 37.83
CA ASP A 132 58.17 28.77 37.17
C ASP A 132 58.16 28.55 35.66
N ARG A 133 59.26 28.03 35.10
CA ARG A 133 59.29 27.72 33.67
C ARG A 133 58.34 26.60 33.30
N ARG A 134 58.02 25.71 34.25
CA ARG A 134 57.05 24.66 33.96
C ARG A 134 55.63 25.23 33.86
N CYS A 135 55.25 26.13 34.76
CA CYS A 135 53.94 26.76 34.70
C CYS A 135 53.90 27.78 33.56
N LYS A 136 52.72 27.93 32.97
CA LYS A 136 52.50 28.87 31.88
C LYS A 136 51.33 29.76 32.26
N LYS A 137 51.53 31.07 32.21
CA LYS A 137 50.48 32.02 32.56
C LYS A 137 49.37 31.95 31.53
N GLY A 138 48.12 31.92 32.00
CA GLY A 138 46.97 31.84 31.13
C GLY A 138 46.64 30.46 30.63
N TRP A 139 47.41 29.44 31.01
CA TRP A 139 47.16 28.09 30.51
C TRP A 139 45.89 27.53 31.13
N MET A 140 45.22 26.68 30.36
CA MET A 140 43.93 26.11 30.74
C MET A 140 44.08 24.59 30.68
N ASP A 141 44.47 23.99 31.80
CA ASP A 141 44.64 22.55 31.85
C ASP A 141 43.29 21.86 31.74
N PRO A 142 43.11 20.92 30.82
CA PRO A 142 41.81 20.24 30.70
C PRO A 142 41.36 19.55 31.97
N GLN A 143 42.30 19.08 32.80
CA GLN A 143 41.98 18.41 34.04
C GLN A 143 41.92 19.34 35.24
N SER A 144 42.10 20.65 35.04
CA SER A 144 42.10 21.61 36.12
C SER A 144 40.85 22.46 36.10
N LYS A 145 40.56 23.09 37.23
CA LYS A 145 39.40 23.96 37.38
C LYS A 145 39.81 25.43 37.50
N GLY A 146 41.01 25.79 37.07
CA GLY A 146 41.46 27.16 37.12
C GLY A 146 42.38 27.48 35.96
N ILE A 147 42.72 28.76 35.85
CA ILE A 147 43.63 29.27 34.83
C ILE A 147 44.94 29.65 35.49
N GLN A 148 46.04 29.09 34.99
CA GLN A 148 47.33 29.29 35.61
C GLN A 148 47.81 30.73 35.47
N THR A 149 48.63 31.16 36.43
CA THR A 149 49.25 32.48 36.41
C THR A 149 50.76 32.41 36.19
N GLY A 150 51.30 31.23 35.93
CA GLY A 150 52.73 31.07 35.69
C GLY A 150 53.59 31.03 36.92
N ARG A 151 53.00 30.85 38.10
CA ARG A 151 53.73 30.84 39.36
C ARG A 151 53.59 29.47 40.02
N CYS A 152 54.72 28.91 40.46
CA CYS A 152 54.76 27.59 41.09
C CYS A 152 54.81 27.79 42.60
N VAL A 153 53.64 28.03 43.19
CA VAL A 153 53.51 28.25 44.62
C VAL A 153 53.50 26.90 45.34
N PRO A 154 53.80 26.84 46.64
CA PRO A 154 53.77 25.56 47.34
C PRO A 154 52.34 25.18 47.73
N TYR A 155 51.99 23.92 47.44
CA TYR A 155 50.72 23.38 47.92
C TYR A 155 50.85 22.89 49.35
N ASP A 156 51.78 21.95 49.57
CA ASP A 156 52.12 21.50 50.91
C ASP A 156 53.63 21.53 51.07
N LYS A 157 54.13 20.98 52.18
CA LYS A 157 55.58 20.96 52.39
C LYS A 157 56.28 20.07 51.37
N THR A 158 55.66 18.94 51.01
CA THR A 158 56.34 17.96 50.16
C THR A 158 56.52 18.46 48.73
N ARG A 159 55.46 19.00 48.14
CA ARG A 159 55.48 19.32 46.72
C ARG A 159 54.87 20.68 46.46
N LYS A 160 55.14 21.19 45.26
CA LYS A 160 54.65 22.50 44.80
C LYS A 160 53.82 22.31 43.54
N THR A 161 52.80 23.14 43.39
CA THR A 161 51.90 23.09 42.24
C THR A 161 51.70 24.50 41.68
N CYS A 162 51.38 24.55 40.40
CA CYS A 162 51.20 25.84 39.72
C CYS A 162 50.01 26.59 40.30
N GLU A 163 50.20 27.89 40.51
CA GLU A 163 49.12 28.74 41.01
C GLU A 163 48.07 28.95 39.92
N VAL A 164 46.80 28.91 40.31
CA VAL A 164 45.70 29.10 39.39
C VAL A 164 44.70 30.07 39.98
N SER A 165 43.93 30.71 39.11
CA SER A 165 42.77 31.50 39.49
C SER A 165 41.56 30.58 39.44
N ALA A 166 40.95 30.32 40.59
CA ALA A 166 39.84 29.38 40.66
C ALA A 166 39.10 29.60 41.98
N TRP A 167 38.04 28.82 42.17
CA TRP A 167 37.46 28.69 43.50
C TRP A 167 38.40 27.89 44.39
N CYS A 168 38.69 28.41 45.57
CA CYS A 168 39.80 27.85 46.32
C CYS A 168 39.35 27.40 47.71
N PRO A 169 39.87 26.27 48.20
CA PRO A 169 40.79 25.39 47.47
C PRO A 169 40.11 24.56 46.39
N THR A 170 40.86 24.22 45.34
CA THR A 170 40.30 23.44 44.25
C THR A 170 39.86 22.06 44.73
N GLU A 171 38.86 21.51 44.06
CA GLU A 171 38.35 20.20 44.43
C GLU A 171 39.43 19.14 44.22
N GLU A 172 39.62 18.30 45.23
CA GLU A 172 40.60 17.23 45.13
C GLU A 172 40.12 16.14 44.18
N GLU A 173 41.08 15.44 43.58
CA GLU A 173 40.77 14.30 42.72
C GLU A 173 40.40 13.11 43.59
N LYS A 174 39.24 13.25 44.25
CA LYS A 174 38.77 12.20 45.17
C LYS A 174 37.77 11.30 44.44
N GLU A 175 37.96 9.99 44.54
CA GLU A 175 37.05 9.03 43.94
C GLU A 175 35.71 9.05 44.66
N ALA A 176 34.69 8.55 43.98
CA ALA A 176 33.38 8.42 44.60
C ALA A 176 33.48 7.43 45.76
N PRO A 177 32.84 7.71 46.90
CA PRO A 177 32.90 6.78 48.02
C PRO A 177 32.33 5.42 47.65
N ARG A 178 32.96 4.37 48.17
CA ARG A 178 32.48 3.00 48.01
C ARG A 178 32.44 2.36 49.39
N PRO A 179 31.28 1.90 49.87
CA PRO A 179 29.98 1.88 49.19
C PRO A 179 29.33 3.26 49.10
N ALA A 180 28.31 3.38 48.24
CA ALA A 180 27.66 4.66 48.01
C ALA A 180 27.03 5.19 49.29
N LEU A 181 27.13 6.50 49.48
CA LEU A 181 26.64 7.13 50.71
C LEU A 181 25.12 6.98 50.83
N LEU A 182 24.41 7.08 49.72
CA LEU A 182 22.95 6.97 49.70
C LEU A 182 22.50 5.72 48.95
N ARG A 183 23.16 4.59 49.21
CA ARG A 183 22.76 3.34 48.58
C ARG A 183 21.44 2.79 49.11
N SER A 184 20.92 3.36 50.21
CA SER A 184 19.59 3.04 50.68
C SER A 184 18.49 3.58 49.77
N ALA A 185 18.86 4.33 48.73
CA ALA A 185 17.92 4.72 47.69
C ALA A 185 17.38 3.52 46.93
N GLU A 186 18.02 2.35 47.07
CA GLU A 186 17.47 1.12 46.52
C GLU A 186 16.05 0.87 46.98
N ASN A 187 15.73 1.24 48.21
CA ASN A 187 14.42 1.03 48.80
C ASN A 187 13.47 2.19 48.58
N PHE A 188 13.90 3.23 47.86
CA PHE A 188 13.01 4.30 47.48
C PHE A 188 12.01 3.79 46.44
N THR A 189 10.86 4.45 46.37
CA THR A 189 9.85 4.13 45.39
C THR A 189 9.51 5.39 44.60
N VAL A 190 9.15 5.20 43.34
CA VAL A 190 8.67 6.27 42.48
C VAL A 190 7.28 5.89 41.99
N LEU A 191 6.35 6.83 42.10
CA LEU A 191 5.03 6.69 41.49
C LEU A 191 5.06 7.44 40.16
N ILE A 192 4.64 6.76 39.10
CA ILE A 192 4.65 7.32 37.76
C ILE A 192 3.23 7.48 37.29
N LYS A 193 2.86 8.71 36.91
CA LYS A 193 1.57 9.02 36.32
C LYS A 193 1.80 9.35 34.85
N ASN A 194 1.20 8.56 33.97
CA ASN A 194 1.37 8.71 32.53
C ASN A 194 0.01 9.01 31.92
N ASN A 195 -0.13 10.22 31.38
CA ASN A 195 -1.29 10.61 30.59
C ASN A 195 -0.92 10.50 29.12
N ILE A 196 -1.69 9.73 28.37
CA ILE A 196 -1.42 9.57 26.94
C ILE A 196 -2.67 9.97 26.16
N HIS A 197 -2.44 10.33 24.90
CA HIS A 197 -3.50 10.90 24.07
C HIS A 197 -3.24 10.55 22.62
N PHE A 198 -4.32 10.32 21.88
CA PHE A 198 -4.26 10.13 20.42
C PHE A 198 -5.08 11.23 19.78
N PRO A 199 -4.45 12.33 19.35
CA PRO A 199 -5.23 13.47 18.82
C PRO A 199 -6.02 13.14 17.57
N GLY A 200 -5.51 12.26 16.71
CA GLY A 200 -6.26 11.89 15.52
C GLY A 200 -7.52 11.11 15.85
N HIS A 201 -7.41 10.15 16.77
CA HIS A 201 -8.56 9.37 17.20
C HIS A 201 -9.34 10.03 18.33
N ASN A 202 -8.81 11.11 18.90
CA ASN A 202 -9.44 11.83 20.01
C ASN A 202 -9.70 10.90 21.20
N TYR A 203 -8.68 10.15 21.58
CA TYR A 203 -8.77 9.23 22.69
C TYR A 203 -7.73 9.59 23.74
N THR A 204 -8.15 9.62 25.00
CA THR A 204 -7.27 9.91 26.13
C THR A 204 -7.44 8.84 27.19
N THR A 205 -6.32 8.41 27.78
CA THR A 205 -6.35 7.51 28.93
C THR A 205 -5.09 7.74 29.75
N ARG A 206 -5.07 7.12 30.93
CA ARG A 206 -3.92 7.22 31.83
C ARG A 206 -3.56 5.83 32.33
N ASN A 207 -2.35 5.72 32.86
CA ASN A 207 -1.83 4.42 33.27
C ASN A 207 -2.37 3.96 34.63
N ILE A 208 -2.91 4.86 35.44
CA ILE A 208 -3.41 4.51 36.76
C ILE A 208 -4.91 4.27 36.66
N LEU A 209 -5.33 3.04 36.93
CA LEU A 209 -6.73 2.68 36.95
C LEU A 209 -7.36 3.04 38.29
N PRO A 210 -8.68 3.24 38.32
CA PRO A 210 -9.34 3.48 39.60
C PRO A 210 -9.20 2.34 40.60
N THR A 211 -8.96 1.11 40.12
CA THR A 211 -8.80 -0.02 41.02
C THR A 211 -7.44 -0.04 41.72
N MET A 212 -6.47 0.75 41.24
CA MET A 212 -5.14 0.76 41.82
C MET A 212 -5.16 1.43 43.19
N ASN A 213 -4.50 0.80 44.16
CA ASN A 213 -4.36 1.34 45.49
C ASN A 213 -2.93 1.80 45.72
N GLY A 214 -2.76 2.63 46.75
CA GLY A 214 -1.44 3.16 47.07
C GLY A 214 -0.51 2.20 47.75
N SER A 215 -1.01 1.05 48.18
CA SER A 215 -0.18 0.04 48.82
C SER A 215 0.44 -0.93 47.83
N CYS A 216 0.13 -0.81 46.55
CA CYS A 216 0.68 -1.71 45.55
C CYS A 216 2.14 -1.38 45.27
N THR A 217 2.86 -2.40 44.81
CA THR A 217 4.18 -2.22 44.23
C THR A 217 4.25 -3.04 42.96
N PHE A 218 4.96 -2.53 41.96
CA PHE A 218 5.02 -3.20 40.67
C PHE A 218 5.72 -4.55 40.80
N HIS A 219 5.13 -5.56 40.18
CA HIS A 219 5.76 -6.85 39.99
C HIS A 219 5.50 -7.30 38.57
N LYS A 220 6.48 -7.98 37.97
CA LYS A 220 6.35 -8.37 36.57
C LYS A 220 5.18 -9.33 36.35
N THR A 221 4.88 -10.18 37.33
CA THR A 221 3.80 -11.14 37.21
C THR A 221 2.67 -10.94 38.21
N TRP A 222 2.96 -10.42 39.41
CA TRP A 222 1.93 -10.29 40.43
C TRP A 222 1.15 -8.99 40.32
N ASP A 223 1.82 -7.87 40.07
CA ASP A 223 1.17 -6.56 39.92
C ASP A 223 1.80 -5.83 38.74
N PRO A 224 1.57 -6.30 37.51
CA PRO A 224 2.19 -5.67 36.34
C PRO A 224 1.57 -4.35 35.93
N GLN A 225 0.49 -3.91 36.57
CA GLN A 225 -0.14 -2.65 36.22
C GLN A 225 0.00 -1.58 37.30
N CYS A 226 0.61 -1.92 38.43
CA CYS A 226 0.90 -0.91 39.45
C CYS A 226 2.08 -0.06 39.00
N SER A 227 1.91 1.26 39.05
CA SER A 227 2.93 2.19 38.59
C SER A 227 3.73 2.79 39.74
N ILE A 228 3.87 2.05 40.84
CA ILE A 228 4.79 2.38 41.92
C ILE A 228 5.92 1.38 41.87
N PHE A 229 7.14 1.87 41.67
CA PHE A 229 8.30 1.01 41.42
C PHE A 229 9.35 1.25 42.49
N ARG A 230 9.83 0.16 43.09
CA ARG A 230 11.06 0.23 43.88
C ARG A 230 12.26 0.35 42.95
N LEU A 231 13.18 1.26 43.30
CA LEU A 231 14.33 1.52 42.43
C LEU A 231 15.21 0.28 42.29
N GLY A 232 15.45 -0.42 43.40
CA GLY A 232 16.20 -1.66 43.34
C GLY A 232 15.49 -2.72 42.52
N ASP A 233 14.16 -2.76 42.58
CA ASP A 233 13.41 -3.67 41.73
C ASP A 233 13.55 -3.31 40.27
N ILE A 234 13.56 -2.01 39.96
CA ILE A 234 13.81 -1.56 38.59
C ILE A 234 15.16 -2.07 38.11
N PHE A 235 16.17 -1.96 38.95
CA PHE A 235 17.51 -2.40 38.55
C PHE A 235 17.58 -3.91 38.40
N GLN A 236 16.88 -4.65 39.28
CA GLN A 236 16.83 -6.11 39.14
C GLN A 236 16.17 -6.52 37.83
N GLU A 237 15.07 -5.85 37.46
CA GLU A 237 14.38 -6.19 36.23
C GLU A 237 15.17 -5.83 34.98
N ALA A 238 16.15 -4.95 35.10
CA ALA A 238 17.04 -4.62 34.00
C ALA A 238 18.30 -5.45 33.98
N GLY A 239 18.48 -6.35 34.95
CA GLY A 239 19.70 -7.12 35.05
C GLY A 239 20.88 -6.36 35.60
N GLU A 240 20.65 -5.32 36.39
CA GLU A 240 21.71 -4.49 36.93
C GLU A 240 21.72 -4.61 38.45
N ASN A 241 22.84 -4.19 39.04
CA ASN A 241 23.03 -4.18 40.49
C ASN A 241 22.97 -2.74 40.95
N PHE A 242 21.92 -2.39 41.71
CA PHE A 242 21.77 -1.02 42.18
C PHE A 242 22.94 -0.60 43.05
N THR A 243 23.41 -1.50 43.92
CA THR A 243 24.48 -1.16 44.84
C THR A 243 25.77 -0.81 44.10
N GLU A 244 26.09 -1.56 43.05
CA GLU A 244 27.31 -1.29 42.30
C GLU A 244 27.17 -0.05 41.43
N VAL A 245 26.03 0.11 40.74
CA VAL A 245 25.83 1.28 39.90
C VAL A 245 25.73 2.56 40.72
N ALA A 246 25.33 2.46 41.99
CA ALA A 246 25.14 3.63 42.82
C ALA A 246 26.45 4.37 43.13
N VAL A 247 27.59 3.69 43.04
CA VAL A 247 28.86 4.31 43.40
C VAL A 247 29.20 5.44 42.43
N GLN A 248 29.12 5.18 41.12
CA GLN A 248 29.45 6.17 40.12
C GLN A 248 28.24 6.69 39.36
N GLY A 249 27.06 6.10 39.55
CA GLY A 249 25.87 6.56 38.89
C GLY A 249 25.63 5.87 37.57
N GLY A 250 24.50 6.21 36.97
CA GLY A 250 24.13 5.65 35.68
C GLY A 250 22.82 6.23 35.23
N ILE A 251 22.39 5.78 34.06
CA ILE A 251 21.12 6.19 33.46
C ILE A 251 20.28 4.93 33.29
N MET A 252 19.07 4.95 33.85
CA MET A 252 18.15 3.83 33.78
C MET A 252 16.92 4.25 33.00
N GLY A 253 16.52 3.43 32.04
CA GLY A 253 15.36 3.71 31.21
C GLY A 253 14.14 2.94 31.71
N ILE A 254 13.07 3.67 31.96
CA ILE A 254 11.78 3.09 32.28
C ILE A 254 10.90 3.25 31.05
N GLU A 255 10.66 2.16 30.35
CA GLU A 255 9.92 2.19 29.10
C GLU A 255 8.45 1.90 29.36
N ILE A 256 7.59 2.79 28.88
CA ILE A 256 6.14 2.60 28.94
C ILE A 256 5.67 2.43 27.51
N TYR A 257 5.25 1.22 27.18
CA TYR A 257 4.82 0.88 25.83
C TYR A 257 3.30 0.81 25.80
N TRP A 258 2.70 1.50 24.84
CA TRP A 258 1.26 1.57 24.68
C TRP A 258 0.87 0.95 23.34
N ASP A 259 0.48 -0.32 23.37
CA ASP A 259 -0.10 -0.98 22.21
C ASP A 259 -1.62 -0.94 22.39
N CYS A 260 -2.26 0.04 21.77
CA CYS A 260 -3.65 0.37 22.05
C CYS A 260 -4.51 0.09 20.83
N ASN A 261 -5.57 -0.69 21.04
CA ASN A 261 -6.59 -0.94 20.03
C ASN A 261 -7.83 -0.14 20.42
N LEU A 262 -8.22 0.80 19.58
CA LEU A 262 -9.33 1.69 19.88
C LEU A 262 -10.62 1.28 19.21
N ASP A 263 -10.66 0.10 18.60
CA ASP A 263 -11.90 -0.43 18.05
C ASP A 263 -12.81 -0.90 19.18
N SER A 264 -14.11 -0.66 19.02
CA SER A 264 -15.06 -0.94 20.10
C SER A 264 -15.12 -2.43 20.41
N TRP A 265 -14.99 -3.28 19.39
CA TRP A 265 -15.12 -4.72 19.59
C TRP A 265 -13.85 -5.37 20.10
N SER A 266 -12.70 -4.69 20.03
CA SER A 266 -11.45 -5.22 20.53
C SER A 266 -10.67 -4.16 21.27
N HIS A 267 -11.35 -3.39 22.11
CA HIS A 267 -10.75 -2.24 22.77
C HIS A 267 -9.80 -2.68 23.89
N HIS A 268 -8.57 -2.15 23.85
CA HIS A 268 -7.63 -2.32 24.95
C HIS A 268 -6.55 -1.27 24.82
N CYS A 269 -6.39 -0.43 25.83
CA CYS A 269 -5.33 0.59 25.87
C CYS A 269 -4.72 0.56 27.27
N ARG A 270 -3.71 -0.29 27.44
CA ARG A 270 -3.01 -0.44 28.70
C ARG A 270 -1.50 -0.41 28.45
N PRO A 271 -0.73 0.05 29.42
CA PRO A 271 0.72 0.14 29.24
C PRO A 271 1.45 -1.15 29.61
N ARG A 272 2.65 -1.28 29.03
CA ARG A 272 3.56 -2.41 29.36
C ARG A 272 4.84 -1.77 29.87
N TYR A 273 5.35 -2.18 31.03
CA TYR A 273 6.51 -1.61 31.67
C TYR A 273 7.72 -2.50 31.47
N SER A 274 8.80 -1.91 30.96
CA SER A 274 10.07 -2.59 30.81
C SER A 274 11.18 -1.65 31.26
N PHE A 275 12.33 -2.23 31.57
CA PHE A 275 13.43 -1.49 32.16
C PHE A 275 14.72 -1.83 31.42
N ARG A 276 15.50 -0.80 31.10
CA ARG A 276 16.71 -0.96 30.30
C ARG A 276 17.72 0.08 30.73
N ARG A 277 18.94 -0.37 31.01
CA ARG A 277 20.00 0.56 31.34
C ARG A 277 20.44 1.32 30.09
N LEU A 278 20.47 2.65 30.19
CA LEU A 278 20.88 3.49 29.07
C LEU A 278 22.32 3.96 29.20
N ASP A 279 22.91 3.84 30.37
CA ASP A 279 24.33 4.05 30.55
C ASP A 279 25.13 2.94 29.89
N ASP A 280 26.32 3.26 29.42
CA ASP A 280 27.25 2.27 28.87
C ASP A 280 28.27 1.93 29.96
N LYS A 281 28.12 0.76 30.57
CA LYS A 281 29.05 0.34 31.61
C LYS A 281 30.46 0.12 31.08
N ASN A 282 30.61 -0.18 29.80
CA ASN A 282 31.91 -0.36 29.16
C ASN A 282 32.48 0.94 28.61
N THR A 283 32.05 2.07 29.14
CA THR A 283 32.55 3.36 28.68
C THR A 283 34.04 3.47 28.95
N ASP A 284 34.77 4.00 27.97
CA ASP A 284 36.18 4.28 28.15
C ASP A 284 36.36 5.37 29.19
N GLU A 285 37.48 5.30 29.93
CA GLU A 285 37.66 6.14 31.11
C GLU A 285 37.72 7.63 30.76
N SER A 286 38.09 7.98 29.52
CA SER A 286 38.16 9.39 29.15
C SER A 286 36.78 10.01 28.99
N PHE A 287 35.74 9.20 28.86
CA PHE A 287 34.38 9.69 28.68
C PHE A 287 33.60 9.72 29.98
N VAL A 288 34.26 9.58 31.13
CA VAL A 288 33.65 9.63 32.45
C VAL A 288 32.48 8.66 32.57
N PRO A 289 32.74 7.37 32.72
CA PRO A 289 31.64 6.41 32.87
C PRO A 289 30.83 6.69 34.13
N GLY A 290 29.54 6.37 34.05
CA GLY A 290 28.62 6.61 35.15
C GLY A 290 27.70 7.78 34.89
N TYR A 291 27.25 8.43 35.95
CA TYR A 291 26.46 9.65 35.82
C TYR A 291 26.73 10.53 37.03
N ASN A 292 27.21 11.75 36.78
CA ASN A 292 27.47 12.69 37.85
C ASN A 292 27.39 14.11 37.29
N PHE A 293 27.25 15.06 38.20
CA PHE A 293 27.35 16.47 37.85
C PHE A 293 27.80 17.24 39.07
N ARG A 294 28.37 18.42 38.81
CA ARG A 294 28.80 19.32 39.86
C ARG A 294 27.81 20.49 39.95
N TYR A 295 27.36 20.77 41.17
CA TYR A 295 26.53 21.93 41.43
C TYR A 295 27.03 22.62 42.69
N ALA A 296 26.75 23.91 42.79
CA ALA A 296 27.28 24.76 43.85
C ALA A 296 26.15 25.35 44.68
N LYS A 297 26.37 25.39 45.99
CA LYS A 297 25.48 26.09 46.91
C LYS A 297 26.16 27.40 47.29
N TYR A 298 25.63 28.51 46.77
CA TYR A 298 26.24 29.81 46.96
C TYR A 298 25.71 30.47 48.23
N TYR A 299 26.62 31.08 48.98
CA TYR A 299 26.25 31.78 50.20
C TYR A 299 27.31 32.82 50.51
N LYS A 300 26.95 33.79 51.33
CA LYS A 300 27.86 34.83 51.77
C LYS A 300 28.30 34.58 53.20
N GLU A 301 29.57 34.84 53.48
CA GLU A 301 30.12 34.70 54.82
C GLU A 301 31.22 35.72 55.01
N ASN A 302 31.07 36.57 56.02
CA ASN A 302 32.01 37.66 56.29
C ASN A 302 32.18 38.57 55.07
N ASN A 303 31.06 38.88 54.43
CA ASN A 303 31.03 39.73 53.22
C ASN A 303 31.86 39.14 52.10
N VAL A 304 31.93 37.82 52.02
CA VAL A 304 32.68 37.11 50.98
C VAL A 304 31.75 36.14 50.29
N GLU A 305 31.75 36.16 48.96
CA GLU A 305 30.93 35.24 48.16
C GLU A 305 31.56 33.86 48.22
N LYS A 306 30.95 32.96 48.99
CA LYS A 306 31.46 31.62 49.17
C LYS A 306 30.60 30.61 48.41
N ARG A 307 31.15 29.41 48.24
CA ARG A 307 30.40 28.34 47.53
C ARG A 307 30.82 26.95 48.02
N THR A 308 29.83 26.10 48.26
CA THR A 308 30.07 24.69 48.53
C THR A 308 29.82 23.93 47.23
N LEU A 309 30.85 23.24 46.74
CA LEU A 309 30.76 22.49 45.50
C LEU A 309 30.52 21.02 45.82
N ILE A 310 29.46 20.47 45.23
CA ILE A 310 29.09 19.07 45.42
C ILE A 310 29.18 18.37 44.08
N LYS A 311 29.92 17.26 44.04
CA LYS A 311 29.91 16.35 42.90
C LYS A 311 28.93 15.24 43.23
N ALA A 312 27.76 15.30 42.61
CA ALA A 312 26.66 14.39 42.91
C ALA A 312 26.69 13.21 41.95
N PHE A 313 26.76 12.00 42.47
CA PHE A 313 26.58 10.79 41.70
C PHE A 313 25.19 10.24 41.97
N GLY A 314 24.61 9.60 40.96
CA GLY A 314 23.31 9.00 41.15
C GLY A 314 22.76 8.49 39.84
N ILE A 315 21.53 8.00 39.92
CA ILE A 315 20.84 7.42 38.78
C ILE A 315 19.90 8.45 38.20
N ARG A 316 20.05 8.72 36.91
CA ARG A 316 19.05 9.45 36.15
C ARG A 316 18.08 8.44 35.56
N PHE A 317 16.80 8.61 35.85
CA PHE A 317 15.76 7.73 35.33
C PHE A 317 15.05 8.43 34.19
N ASP A 318 15.10 7.83 32.99
CA ASP A 318 14.42 8.36 31.82
C ASP A 318 13.13 7.57 31.61
N ILE A 319 12.00 8.28 31.61
CA ILE A 319 10.70 7.66 31.32
C ILE A 319 10.48 7.78 29.82
N LEU A 320 10.65 6.67 29.11
CA LEU A 320 10.49 6.62 27.67
C LEU A 320 9.11 6.04 27.37
N VAL A 321 8.19 6.88 26.91
CA VAL A 321 6.83 6.47 26.62
C VAL A 321 6.63 6.49 25.11
N PHE A 322 6.29 5.33 24.56
CA PHE A 322 6.11 5.16 23.13
C PHE A 322 4.94 4.22 22.90
N GLY A 323 4.48 4.17 21.68
CA GLY A 323 3.39 3.28 21.34
C GLY A 323 2.52 3.88 20.26
N THR A 324 1.50 3.11 19.88
CA THR A 324 0.64 3.46 18.77
C THR A 324 -0.80 3.16 19.16
N GLY A 325 -1.71 3.97 18.62
CA GLY A 325 -3.13 3.72 18.77
C GLY A 325 -3.79 3.51 17.43
N GLY A 326 -4.41 2.35 17.25
CA GLY A 326 -5.04 2.00 15.98
C GLY A 326 -6.55 1.96 16.10
N LYS A 327 -7.22 2.46 15.07
CA LYS A 327 -8.66 2.38 14.95
C LYS A 327 -9.00 2.05 13.49
N PHE A 328 -10.11 1.34 13.30
CA PHE A 328 -10.50 0.91 11.97
C PHE A 328 -10.65 2.09 11.03
N ASP A 329 -10.06 1.97 9.84
CA ASP A 329 -10.15 2.98 8.80
C ASP A 329 -10.63 2.31 7.53
N ILE A 330 -11.68 2.86 6.91
CA ILE A 330 -12.23 2.25 5.72
C ILE A 330 -11.27 2.39 4.54
N ILE A 331 -10.61 3.55 4.43
CA ILE A 331 -9.68 3.79 3.34
C ILE A 331 -8.46 2.89 3.48
N GLN A 332 -8.02 2.65 4.72
CA GLN A 332 -6.91 1.72 4.94
C GLN A 332 -7.27 0.31 4.51
N LEU A 333 -8.50 -0.13 4.80
CA LEU A 333 -8.94 -1.45 4.38
C LEU A 333 -9.07 -1.55 2.86
N VAL A 334 -9.60 -0.51 2.23
CA VAL A 334 -9.78 -0.53 0.78
C VAL A 334 -8.44 -0.60 0.07
N VAL A 335 -7.45 0.17 0.56
CA VAL A 335 -6.13 0.14 -0.05
C VAL A 335 -5.48 -1.22 0.12
N TYR A 336 -5.61 -1.83 1.30
CA TYR A 336 -5.01 -3.14 1.52
C TYR A 336 -5.67 -4.21 0.64
N ILE A 337 -7.01 -4.18 0.55
CA ILE A 337 -7.71 -5.18 -0.25
C ILE A 337 -7.36 -5.04 -1.72
N GLY A 338 -7.31 -3.80 -2.22
CA GLY A 338 -6.91 -3.58 -3.59
C GLY A 338 -5.48 -4.00 -3.87
N SER A 339 -4.61 -3.90 -2.87
CA SER A 339 -3.21 -4.29 -3.03
C SER A 339 -3.01 -5.80 -2.93
N THR A 340 -4.05 -6.56 -2.60
CA THR A 340 -3.95 -8.02 -2.55
C THR A 340 -4.88 -8.71 -3.52
N LEU A 341 -5.62 -7.96 -4.34
CA LEU A 341 -6.55 -8.57 -5.28
C LEU A 341 -5.83 -9.27 -6.42
N SER A 342 -4.65 -8.75 -6.83
CA SER A 342 -3.91 -9.37 -7.93
C SER A 342 -3.37 -10.74 -7.57
N TYR A 343 -3.30 -11.08 -6.27
CA TYR A 343 -2.80 -12.37 -5.86
C TYR A 343 -3.79 -13.50 -6.13
N PHE A 344 -5.05 -13.17 -6.42
CA PHE A 344 -6.02 -14.19 -6.77
C PHE A 344 -5.90 -14.65 -8.22
N GLY A 345 -5.03 -14.02 -9.00
CA GLY A 345 -4.66 -14.53 -10.31
C GLY A 345 -3.59 -15.57 -10.28
N LEU A 346 -3.12 -15.95 -9.09
CA LEU A 346 -2.06 -16.95 -8.98
C LEU A 346 -2.52 -18.31 -9.48
N ALA A 347 -3.75 -18.70 -9.15
CA ALA A 347 -4.27 -19.98 -9.63
C ALA A 347 -4.36 -20.00 -11.16
N THR A 348 -4.85 -18.92 -11.74
CA THR A 348 -4.91 -18.82 -13.20
C THR A 348 -3.52 -18.91 -13.80
N VAL A 349 -2.56 -18.18 -13.24
CA VAL A 349 -1.20 -18.19 -13.77
C VAL A 349 -0.62 -19.60 -13.71
N CYS A 350 -0.77 -20.26 -12.56
CA CYS A 350 -0.19 -21.59 -12.39
C CYS A 350 -0.82 -22.61 -13.32
N ILE A 351 -2.15 -22.64 -13.40
CA ILE A 351 -2.81 -23.65 -14.23
C ILE A 351 -2.59 -23.36 -15.71
N ASP A 352 -2.57 -22.09 -16.10
CA ASP A 352 -2.28 -21.77 -17.50
C ASP A 352 -0.85 -22.13 -17.85
N LEU A 353 0.09 -21.95 -16.92
CA LEU A 353 1.47 -22.39 -17.15
C LEU A 353 1.52 -23.91 -17.31
N LEU A 354 0.75 -24.64 -16.49
CA LEU A 354 0.68 -26.09 -16.63
C LEU A 354 0.13 -26.48 -18.01
N ILE A 355 -0.91 -25.78 -18.46
CA ILE A 355 -1.51 -26.10 -19.76
C ILE A 355 -0.55 -25.80 -20.89
N ASN A 356 0.12 -24.65 -20.84
CA ASN A 356 1.02 -24.27 -21.92
C ASN A 356 2.31 -25.07 -21.93
N THR A 357 2.72 -25.59 -20.77
CA THR A 357 3.97 -26.33 -20.68
C THR A 357 3.80 -27.82 -21.01
N TYR A 358 2.78 -28.46 -20.47
CA TYR A 358 2.58 -29.88 -20.68
C TYR A 358 1.96 -30.20 -22.03
N SER A 359 1.71 -29.20 -22.86
CA SER A 359 1.21 -29.41 -24.21
C SER A 359 2.33 -29.47 -25.24
N SER A 360 3.58 -29.34 -24.81
CA SER A 360 4.71 -29.35 -25.74
C SER A 360 5.08 -30.78 -26.14
N ALA A 361 5.70 -30.90 -27.30
CA ALA A 361 6.07 -32.20 -27.85
C ALA A 361 7.27 -32.82 -27.15
N PHE A 362 8.03 -32.05 -26.38
CA PHE A 362 9.19 -32.61 -25.67
C PHE A 362 8.74 -33.35 -24.42
N CYS A 363 7.46 -33.28 -24.11
CA CYS A 363 6.90 -34.01 -23.00
C CYS A 363 6.91 -35.51 -23.25
N ARG A 364 6.45 -35.86 -24.44
CA ARG A 364 6.44 -37.25 -24.89
C ARG A 364 7.84 -37.68 -25.31
N SER A 365 8.61 -36.71 -25.82
CA SER A 365 9.93 -37.03 -26.36
C SER A 365 10.94 -37.33 -25.26
N GLY A 366 10.97 -36.52 -24.21
CA GLY A 366 12.04 -36.62 -23.25
C GLY A 366 11.68 -36.47 -21.79
N VAL A 367 10.39 -36.52 -21.46
CA VAL A 367 9.92 -36.44 -20.08
C VAL A 367 9.12 -37.68 -19.69
N TYR A 368 8.11 -38.02 -20.48
CA TYR A 368 7.25 -39.15 -20.14
C TYR A 368 7.99 -40.49 -20.11
N PRO A 369 8.89 -40.83 -21.06
CA PRO A 369 9.61 -42.11 -20.94
C PRO A 369 10.38 -42.25 -19.63
N TYR A 370 10.93 -41.15 -19.12
CA TYR A 370 11.60 -41.17 -17.83
C TYR A 370 10.59 -41.34 -16.70
N CYS A 371 9.66 -40.40 -16.60
CA CYS A 371 8.64 -40.44 -15.59
C CYS A 371 7.25 -40.68 -16.17
N LYS A 372 6.71 -41.86 -15.84
CA LYS A 372 5.42 -42.28 -16.36
C LYS A 372 4.28 -41.91 -15.43
N CYS A 373 4.59 -41.21 -14.34
CA CYS A 373 3.58 -40.74 -13.44
C CYS A 373 2.90 -39.49 -13.99
N CYS A 374 3.62 -38.83 -14.89
CA CYS A 374 3.16 -37.63 -15.52
C CYS A 374 2.49 -37.89 -16.86
N GLU A 375 2.29 -39.18 -17.13
CA GLU A 375 1.69 -39.62 -18.38
C GLU A 375 0.25 -39.11 -18.61
N PRO A 376 -0.61 -39.13 -17.57
CA PRO A 376 -1.97 -38.63 -17.84
C PRO A 376 -2.05 -37.11 -17.99
N CYS A 377 -0.92 -36.44 -18.08
CA CYS A 377 -0.89 -35.02 -18.28
C CYS A 377 -0.87 -34.64 -19.76
N THR A 378 -1.24 -35.62 -20.58
CA THR A 378 -1.34 -35.42 -22.01
C THR A 378 -2.63 -34.70 -22.36
N VAL A 379 -3.52 -34.59 -21.36
CA VAL A 379 -4.77 -33.87 -21.53
C VAL A 379 -4.53 -32.39 -21.78
N ASN A 380 -3.33 -31.89 -21.44
CA ASN A 380 -3.01 -30.49 -21.67
C ASN A 380 -2.81 -30.16 -23.14
N GLU A 381 -2.46 -31.16 -23.96
CA GLU A 381 -2.43 -30.94 -25.40
C GLU A 381 -3.82 -30.66 -25.94
N TYR A 382 -4.83 -31.35 -25.41
CA TYR A 382 -6.20 -31.04 -25.78
C TYR A 382 -6.64 -29.70 -25.23
N TYR A 383 -6.25 -29.38 -23.99
CA TYR A 383 -6.62 -28.10 -23.39
C TYR A 383 -5.99 -26.94 -24.14
N TYR A 384 -4.73 -27.08 -24.54
CA TYR A 384 -4.07 -26.02 -25.29
C TYR A 384 -4.70 -25.80 -26.65
N ARG A 385 -5.22 -26.86 -27.27
CA ARG A 385 -5.90 -26.72 -28.55
C ARG A 385 -7.16 -25.88 -28.42
N LYS A 386 -7.93 -26.09 -27.35
CA LYS A 386 -9.18 -25.38 -27.16
C LYS A 386 -8.99 -23.99 -26.59
N LYS A 387 -7.78 -23.63 -26.17
CA LYS A 387 -7.50 -22.36 -25.52
C LYS A 387 -6.79 -21.37 -26.41
N CYS A 388 -5.76 -21.80 -27.14
CA CYS A 388 -4.89 -20.89 -27.87
C CYS A 388 -5.00 -21.15 -29.37
N GLU A 389 -5.15 -20.08 -30.14
CA GLU A 389 -5.07 -20.12 -31.59
C GLU A 389 -3.90 -19.26 -32.04
N SER A 390 -2.98 -19.84 -32.80
CA SER A 390 -1.80 -19.14 -33.26
C SER A 390 -2.04 -18.57 -34.65
N ILE A 391 -1.72 -17.29 -34.83
CA ILE A 391 -1.82 -16.64 -36.12
C ILE A 391 -0.48 -16.00 -36.46
N MET A 392 -0.25 -15.84 -37.76
CA MET A 392 0.96 -15.22 -38.29
C MET A 392 0.71 -13.75 -38.59
N GLU A 393 1.75 -12.95 -38.41
CA GLU A 393 1.70 -11.56 -38.85
C GLU A 393 1.63 -11.52 -40.37
N PRO A 394 0.61 -10.90 -40.95
CA PRO A 394 0.48 -10.89 -42.42
C PRO A 394 1.39 -9.87 -43.10
N LYS A 395 2.68 -10.19 -43.16
CA LYS A 395 3.61 -9.29 -43.79
C LYS A 395 3.63 -9.49 -45.32
N PRO A 396 4.10 -8.49 -46.06
CA PRO A 396 4.07 -8.60 -47.54
C PRO A 396 4.87 -9.75 -48.10
N THR A 397 5.84 -10.28 -47.37
CA THR A 397 6.64 -11.40 -47.85
C THR A 397 6.17 -12.74 -47.29
N LEU A 398 4.96 -12.79 -46.75
CA LEU A 398 4.43 -14.03 -46.20
C LEU A 398 3.90 -14.90 -47.34
N LYS A 399 4.44 -16.11 -47.44
CA LYS A 399 4.04 -17.06 -48.47
C LYS A 399 3.81 -18.41 -47.82
N TYR A 400 2.85 -19.16 -48.37
CA TYR A 400 2.59 -20.53 -47.95
C TYR A 400 2.69 -21.44 -49.16
N VAL A 401 3.40 -22.55 -48.99
CA VAL A 401 3.63 -23.50 -50.08
C VAL A 401 3.20 -24.87 -49.61
N SER A 402 2.42 -25.57 -50.43
CA SER A 402 2.01 -26.94 -50.18
C SER A 402 2.49 -27.81 -51.32
N PHE A 403 3.17 -28.90 -50.99
CA PHE A 403 3.62 -29.88 -51.98
C PHE A 403 2.76 -31.12 -51.85
N VAL A 404 2.25 -31.61 -52.98
CA VAL A 404 1.31 -32.73 -52.96
C VAL A 404 1.96 -33.99 -52.42
N ASP A 405 3.29 -34.06 -52.46
CA ASP A 405 4.03 -35.23 -51.99
C ASP A 405 4.62 -35.01 -50.59
N GLU A 406 4.09 -34.05 -49.84
CA GLU A 406 4.53 -33.78 -48.48
C GLU A 406 3.32 -33.68 -47.55
N PRO A 407 3.49 -34.02 -46.28
CA PRO A 407 2.38 -33.93 -45.33
C PRO A 407 2.24 -32.59 -44.63
N HIS A 408 3.22 -31.70 -44.76
CA HIS A 408 3.21 -30.40 -44.10
C HIS A 408 3.10 -29.29 -45.13
N ILE A 409 3.06 -28.06 -44.63
CA ILE A 409 2.97 -26.85 -45.45
C ILE A 409 4.13 -25.94 -45.08
N ARG A 410 4.87 -25.48 -46.09
CA ARG A 410 6.01 -24.60 -45.86
C ARG A 410 5.57 -23.14 -45.86
N MET A 411 6.15 -22.37 -44.94
CA MET A 411 5.93 -20.93 -44.87
C MET A 411 7.23 -20.22 -45.26
N VAL A 412 7.25 -19.64 -46.46
CA VAL A 412 8.40 -18.92 -46.96
C VAL A 412 8.16 -17.44 -46.64
N ASP A 413 8.63 -17.00 -45.47
CA ASP A 413 8.35 -15.60 -45.02
C ASP A 413 9.48 -14.66 -45.45
N GLN A 414 10.52 -15.18 -46.09
CA GLN A 414 11.66 -14.37 -46.50
C GLN A 414 11.51 -13.93 -47.95
N GLN A 415 12.34 -12.95 -48.33
CA GLN A 415 12.33 -12.48 -49.73
C GLN A 415 13.07 -13.51 -50.59
N LEU A 416 12.55 -13.78 -51.79
CA LEU A 416 13.14 -14.77 -52.67
C LEU A 416 14.46 -14.29 -53.27
N LEU A 417 14.52 -13.02 -53.67
CA LEU A 417 15.73 -12.41 -54.23
C LEU A 417 16.23 -13.18 -55.45
N GLY A 418 15.31 -13.55 -56.33
CA GLY A 418 15.65 -14.21 -57.57
C GLY A 418 15.74 -15.72 -57.50
N LYS A 419 15.69 -16.29 -56.29
CA LYS A 419 15.64 -17.75 -56.15
C LYS A 419 14.20 -18.23 -56.32
N SER A 420 14.02 -19.26 -57.15
CA SER A 420 12.68 -19.79 -57.39
C SER A 420 12.07 -20.28 -56.09
N LEU A 421 10.76 -20.07 -55.95
CA LEU A 421 10.06 -20.46 -54.73
C LEU A 421 10.12 -21.96 -54.50
N GLN A 422 10.39 -22.75 -55.54
CA GLN A 422 10.47 -24.20 -55.38
C GLN A 422 11.63 -24.58 -54.46
N VAL A 423 12.77 -23.91 -54.60
CA VAL A 423 13.96 -24.30 -53.85
C VAL A 423 14.09 -23.59 -52.51
N VAL A 424 13.45 -22.42 -52.34
CA VAL A 424 13.54 -21.68 -51.08
C VAL A 424 12.72 -22.41 -50.02
N LYS A 425 13.39 -23.11 -49.12
CA LYS A 425 12.71 -23.82 -48.06
C LYS A 425 12.29 -22.87 -46.95
N GLY A 426 11.12 -23.14 -46.38
CA GLY A 426 10.61 -22.36 -45.27
C GLY A 426 10.25 -23.27 -44.10
N GLN A 427 9.71 -22.65 -43.06
CA GLN A 427 9.35 -23.38 -41.86
C GLN A 427 8.20 -24.35 -42.14
N GLU A 428 8.31 -25.55 -41.59
CA GLU A 428 7.25 -26.53 -41.72
C GLU A 428 6.06 -26.14 -40.85
N VAL A 429 4.87 -26.18 -41.43
CA VAL A 429 3.63 -25.85 -40.71
C VAL A 429 2.63 -26.98 -40.92
N PRO A 430 2.03 -27.52 -39.87
CA PRO A 430 0.99 -28.54 -40.06
C PRO A 430 -0.25 -27.95 -40.73
N ARG A 431 -0.92 -28.78 -41.52
CA ARG A 431 -2.12 -28.35 -42.19
C ARG A 431 -3.30 -28.37 -41.23
N PRO A 432 -4.02 -27.26 -41.05
CA PRO A 432 -5.17 -27.18 -40.13
C PRO A 432 -6.31 -28.09 -40.56
N SER A 473 8.79 -29.15 -68.15
CA SER A 473 9.80 -28.50 -68.97
C SER A 473 10.77 -27.61 -68.16
N PRO A 474 10.27 -26.76 -67.25
CA PRO A 474 11.19 -25.96 -66.44
C PRO A 474 12.07 -26.83 -65.56
N SER A 475 13.24 -26.30 -65.22
CA SER A 475 14.19 -27.07 -64.42
C SER A 475 13.64 -27.36 -63.02
N TRP A 476 12.94 -26.39 -62.43
CA TRP A 476 12.40 -26.58 -61.10
C TRP A 476 11.19 -27.49 -61.08
N CYS A 477 10.53 -27.68 -62.22
CA CYS A 477 9.31 -28.48 -62.26
C CYS A 477 9.63 -29.96 -62.07
N GLN A 478 8.82 -30.62 -61.24
CA GLN A 478 8.98 -32.05 -60.98
C GLN A 478 7.75 -32.85 -61.40
N CYS A 479 6.84 -32.26 -62.19
CA CYS A 479 5.63 -32.94 -62.61
C CYS A 479 5.42 -32.95 -64.11
N GLY A 480 6.20 -32.20 -64.88
CA GLY A 480 6.08 -32.19 -66.31
C GLY A 480 4.97 -31.32 -66.86
N ASN A 481 4.23 -30.62 -66.01
CA ASN A 481 3.09 -29.82 -66.43
C ASN A 481 3.26 -28.33 -66.17
N CYS A 482 4.26 -27.93 -65.40
CA CYS A 482 4.43 -26.53 -65.07
C CYS A 482 4.96 -25.75 -66.28
N LEU A 483 4.67 -24.44 -66.28
CA LEU A 483 5.06 -23.55 -67.35
C LEU A 483 5.87 -22.40 -66.80
N PRO A 484 6.76 -21.82 -67.60
CA PRO A 484 7.54 -20.67 -67.11
C PRO A 484 6.64 -19.49 -66.82
N SER A 485 7.03 -18.71 -65.81
CA SER A 485 6.26 -17.54 -65.42
C SER A 485 6.31 -16.48 -66.50
N ARG A 486 5.16 -15.82 -66.72
CA ARG A 486 5.06 -14.70 -67.65
C ARG A 486 5.07 -13.36 -66.92
N LEU A 487 5.46 -13.34 -65.66
CA LEU A 487 5.60 -12.13 -64.88
C LEU A 487 6.88 -11.39 -65.28
N PRO A 488 7.00 -10.11 -64.90
CA PRO A 488 8.28 -9.43 -65.06
C PRO A 488 9.39 -10.17 -64.34
N GLU A 489 10.61 -10.07 -64.89
CA GLU A 489 11.71 -10.92 -64.46
C GLU A 489 11.99 -10.78 -62.96
N GLN A 490 11.72 -9.60 -62.38
CA GLN A 490 11.99 -9.41 -60.96
C GLN A 490 11.09 -10.29 -60.10
N ARG A 491 9.84 -10.46 -60.51
CA ARG A 491 8.86 -11.21 -59.73
C ARG A 491 8.65 -12.63 -60.26
N ARG A 492 9.50 -13.10 -61.18
CA ARG A 492 9.30 -14.42 -61.77
C ARG A 492 9.45 -15.53 -60.74
N ALA A 493 10.35 -15.34 -59.77
CA ALA A 493 10.66 -16.39 -58.81
C ALA A 493 9.47 -16.78 -57.96
N LEU A 494 8.47 -15.90 -57.83
CA LEU A 494 7.27 -16.24 -57.06
C LEU A 494 6.51 -17.38 -57.72
N GLU A 495 6.33 -17.31 -59.03
CA GLU A 495 5.50 -18.28 -59.75
C GLU A 495 6.30 -19.49 -60.23
N GLU A 496 7.58 -19.58 -59.89
CA GLU A 496 8.39 -20.74 -60.24
C GLU A 496 8.27 -21.79 -59.13
N LEU A 497 7.05 -22.33 -59.02
CA LEU A 497 6.71 -23.31 -57.99
C LEU A 497 6.01 -24.48 -58.64
N CYS A 498 6.41 -25.68 -58.26
CA CYS A 498 5.80 -26.91 -58.77
C CYS A 498 4.83 -27.47 -57.73
N CYS A 499 4.00 -28.41 -58.18
CA CYS A 499 3.01 -29.00 -57.29
C CYS A 499 3.60 -30.03 -56.34
N ARG A 500 4.77 -30.55 -56.69
CA ARG A 500 5.40 -31.61 -55.86
C ARG A 500 6.89 -31.34 -55.71
N ARG A 501 7.46 -31.72 -54.57
CA ARG A 501 8.88 -31.53 -54.33
C ARG A 501 9.72 -32.52 -55.12
N LYS A 502 9.31 -33.79 -55.15
CA LYS A 502 10.01 -34.87 -55.80
C LYS A 502 9.28 -35.31 -57.07
N PRO A 503 9.98 -35.85 -58.05
CA PRO A 503 9.34 -36.20 -59.33
C PRO A 503 8.20 -37.19 -59.15
N GLY A 504 7.17 -37.01 -59.96
CA GLY A 504 6.00 -37.87 -59.87
C GLY A 504 4.84 -37.30 -60.66
N ARG A 505 3.64 -37.75 -60.30
CA ARG A 505 2.43 -37.32 -61.00
C ARG A 505 2.03 -35.92 -60.57
N CYS A 506 1.45 -35.18 -61.52
CA CYS A 506 0.97 -33.84 -61.25
C CYS A 506 -0.36 -33.87 -60.50
N ILE A 507 -0.57 -32.86 -59.65
CA ILE A 507 -1.82 -32.79 -58.91
C ILE A 507 -2.97 -32.41 -59.82
N THR A 508 -2.70 -31.71 -60.93
CA THR A 508 -3.76 -31.34 -61.85
C THR A 508 -4.32 -32.54 -62.62
N THR A 509 -3.65 -33.68 -62.55
CA THR A 509 -4.14 -34.92 -63.15
C THR A 509 -5.00 -35.73 -62.19
N SER A 510 -5.22 -35.22 -60.99
CA SER A 510 -6.08 -35.90 -60.02
C SER A 510 -7.54 -35.75 -60.40
N LYS A 511 -8.36 -36.69 -59.91
CA LYS A 511 -9.79 -36.65 -60.19
C LYS A 511 -10.45 -35.45 -59.50
N LEU A 512 -10.02 -35.14 -58.28
CA LEU A 512 -10.64 -34.05 -57.52
C LEU A 512 -10.23 -32.68 -58.03
N PHE A 513 -9.11 -32.55 -58.73
CA PHE A 513 -8.73 -31.25 -59.26
C PHE A 513 -9.76 -30.77 -60.28
N HIS A 514 -10.22 -31.66 -61.16
CA HIS A 514 -11.27 -31.29 -62.09
C HIS A 514 -12.61 -31.10 -61.42
N LYS A 515 -12.78 -31.69 -60.23
CA LYS A 515 -14.09 -31.62 -59.52
C LYS A 515 -14.12 -30.42 -58.57
N LEU A 516 -13.01 -30.16 -57.88
CA LEU A 516 -12.98 -29.10 -56.88
C LEU A 516 -12.50 -27.76 -57.41
N VAL A 517 -11.78 -27.74 -58.53
CA VAL A 517 -11.11 -26.52 -58.98
C VAL A 517 -11.60 -26.12 -60.37
N LEU A 518 -11.72 -27.10 -61.27
CA LEU A 518 -11.97 -26.81 -62.68
C LEU A 518 -13.44 -26.90 -63.08
N SER A 519 -14.29 -27.51 -62.26
CA SER A 519 -15.69 -27.66 -62.61
C SER A 519 -16.36 -26.31 -62.78
N ARG A 520 -16.77 -25.99 -64.01
CA ARG A 520 -17.40 -24.69 -64.28
C ARG A 520 -18.76 -24.59 -63.60
N ASP A 521 -19.50 -25.70 -63.56
CA ASP A 521 -20.82 -25.69 -62.93
C ASP A 521 -20.72 -25.37 -61.44
N THR A 522 -19.76 -25.99 -60.75
CA THR A 522 -19.60 -25.74 -59.32
C THR A 522 -19.20 -24.29 -59.06
N LEU A 523 -18.28 -23.76 -59.87
CA LEU A 523 -17.85 -22.38 -59.68
C LEU A 523 -19.00 -21.40 -59.97
N GLN A 524 -19.81 -21.70 -60.98
CA GLN A 524 -20.99 -20.87 -61.24
C GLN A 524 -21.97 -20.94 -60.09
N LEU A 525 -22.14 -22.13 -59.51
CA LEU A 525 -23.03 -22.26 -58.35
C LEU A 525 -22.52 -21.44 -57.17
N LEU A 526 -21.21 -21.45 -56.94
CA LEU A 526 -20.64 -20.62 -55.88
C LEU A 526 -20.87 -19.14 -56.16
N LEU A 527 -20.66 -18.73 -57.42
CA LEU A 527 -20.87 -17.33 -57.79
C LEU A 527 -22.32 -16.91 -57.55
N LEU A 528 -23.26 -17.78 -57.92
CA LEU A 528 -24.67 -17.48 -57.70
C LEU A 528 -25.04 -17.53 -56.23
N TYR A 529 -24.37 -18.37 -55.44
CA TYR A 529 -24.56 -18.33 -54.00
C TYR A 529 -24.16 -16.97 -53.45
N GLN A 530 -23.06 -16.41 -53.95
CA GLN A 530 -22.70 -15.04 -53.57
C GLN A 530 -23.76 -14.05 -54.04
N ASP A 531 -24.15 -14.12 -55.30
CA ASP A 531 -25.12 -13.21 -55.90
C ASP A 531 -26.15 -13.99 -56.69
N PRO A 532 -27.33 -14.25 -56.13
CA PRO A 532 -28.32 -15.10 -56.84
C PRO A 532 -28.74 -14.55 -58.18
N LEU A 533 -28.91 -13.23 -58.31
CA LEU A 533 -29.31 -12.62 -59.58
C LEU A 533 -28.11 -11.88 -60.15
N LEU A 534 -27.28 -12.63 -60.88
CA LEU A 534 -26.02 -12.11 -61.41
C LEU A 534 -25.99 -12.34 -62.91
N VAL A 535 -25.80 -11.26 -63.66
CA VAL A 535 -25.66 -11.31 -65.12
C VAL A 535 -24.35 -10.62 -65.48
N LEU A 536 -23.49 -11.33 -66.19
CA LEU A 536 -22.18 -10.79 -66.56
C LEU A 536 -21.82 -11.28 -67.95
N GLY A 537 -20.94 -10.53 -68.61
CA GLY A 537 -20.38 -10.98 -69.87
C GLY A 537 -19.35 -12.08 -69.66
N GLU A 538 -18.90 -12.64 -70.77
CA GLU A 538 -17.94 -13.74 -70.69
C GLU A 538 -16.63 -13.28 -70.08
N GLU A 539 -16.17 -12.07 -70.44
CA GLU A 539 -14.94 -11.54 -69.87
C GLU A 539 -15.07 -11.34 -68.37
N ALA A 540 -16.22 -10.82 -67.92
CA ALA A 540 -16.46 -10.66 -66.49
C ALA A 540 -16.68 -12.00 -65.81
N THR A 541 -17.38 -12.93 -66.47
CA THR A 541 -17.60 -14.25 -65.90
C THR A 541 -16.30 -15.03 -65.79
N ASN A 542 -15.44 -14.94 -66.81
CA ASN A 542 -14.19 -15.68 -66.78
C ASN A 542 -13.28 -15.20 -65.65
N SER A 543 -13.23 -13.88 -65.44
CA SER A 543 -12.41 -13.34 -64.36
C SER A 543 -12.90 -13.82 -63.01
N ARG A 544 -14.22 -13.82 -62.80
CA ARG A 544 -14.77 -14.29 -61.53
C ARG A 544 -14.58 -15.79 -61.37
N LEU A 545 -14.72 -16.56 -62.46
CA LEU A 545 -14.51 -18.00 -62.38
C LEU A 545 -13.05 -18.33 -62.15
N ARG A 546 -12.14 -17.60 -62.77
CA ARG A 546 -10.71 -17.85 -62.59
C ARG A 546 -10.28 -17.56 -61.15
N HIS A 547 -10.71 -16.42 -60.62
CA HIS A 547 -10.35 -16.07 -59.24
C HIS A 547 -11.00 -17.00 -58.23
N ARG A 548 -12.20 -17.48 -58.53
CA ARG A 548 -12.85 -18.44 -57.65
C ARG A 548 -12.13 -19.79 -57.66
N ALA A 549 -11.55 -20.15 -58.80
CA ALA A 549 -10.82 -21.42 -58.89
C ALA A 549 -9.50 -21.35 -58.15
N TYR A 550 -8.86 -20.17 -58.09
CA TYR A 550 -7.68 -20.02 -57.24
C TYR A 550 -8.03 -20.28 -55.79
N ARG A 551 -9.14 -19.69 -55.31
CA ARG A 551 -9.54 -19.87 -53.93
C ARG A 551 -9.96 -21.31 -53.64
N CYS A 552 -10.57 -21.98 -54.62
CA CYS A 552 -10.94 -23.38 -54.43
C CYS A 552 -9.71 -24.25 -54.25
N TYR A 553 -8.66 -24.02 -55.04
CA TYR A 553 -7.42 -24.77 -54.85
C TYR A 553 -6.77 -24.40 -53.51
N ALA A 554 -6.72 -23.11 -53.20
CA ALA A 554 -6.05 -22.68 -51.97
C ALA A 554 -6.77 -23.21 -50.74
N THR A 555 -8.10 -23.16 -50.73
CA THR A 555 -8.86 -23.69 -49.60
C THR A 555 -8.69 -25.19 -49.47
N TRP A 556 -8.71 -25.90 -50.60
CA TRP A 556 -8.58 -27.35 -50.56
C TRP A 556 -7.21 -27.78 -50.04
N ARG A 557 -6.14 -27.18 -50.56
CA ARG A 557 -4.80 -27.63 -50.25
C ARG A 557 -4.22 -27.02 -48.97
N PHE A 558 -4.82 -25.96 -48.45
CA PHE A 558 -4.31 -25.29 -47.27
C PHE A 558 -5.30 -25.23 -46.12
N GLY A 559 -6.58 -25.48 -46.37
CA GLY A 559 -7.57 -25.61 -45.31
C GLY A 559 -8.09 -24.30 -44.77
N SER A 560 -7.30 -23.64 -43.94
CA SER A 560 -7.74 -22.40 -43.31
C SER A 560 -7.62 -21.23 -44.27
N GLN A 561 -8.56 -20.30 -44.19
CA GLN A 561 -8.49 -19.10 -45.00
C GLN A 561 -7.33 -18.19 -44.59
N ASP A 562 -6.85 -18.32 -43.35
CA ASP A 562 -5.69 -17.54 -42.92
C ASP A 562 -4.46 -17.92 -43.74
N MET A 563 -4.26 -19.21 -43.98
CA MET A 563 -3.15 -19.68 -44.79
C MET A 563 -3.47 -19.68 -46.27
N ALA A 564 -4.74 -19.85 -46.64
CA ALA A 564 -5.13 -19.79 -48.04
C ALA A 564 -5.02 -18.39 -48.62
N ASP A 565 -5.06 -17.36 -47.77
CA ASP A 565 -4.91 -15.99 -48.26
C ASP A 565 -3.52 -15.74 -48.81
N PHE A 566 -2.50 -16.34 -48.22
CA PHE A 566 -1.12 -16.18 -48.65
C PHE A 566 -0.57 -17.41 -49.35
N ALA A 567 -1.43 -18.38 -49.66
CA ALA A 567 -1.01 -19.56 -50.39
C ALA A 567 -0.59 -19.19 -51.80
N ILE A 568 0.45 -19.87 -52.30
CA ILE A 568 0.97 -19.66 -53.64
C ILE A 568 0.62 -20.87 -54.48
N LEU A 569 -0.04 -20.63 -55.59
CA LEU A 569 -0.44 -21.71 -56.48
C LEU A 569 0.76 -22.23 -57.27
N PRO A 570 0.86 -23.55 -57.47
CA PRO A 570 1.89 -24.07 -58.36
C PRO A 570 1.65 -23.62 -59.79
N SER A 571 2.73 -23.62 -60.58
CA SER A 571 2.61 -23.15 -61.97
C SER A 571 1.67 -24.03 -62.78
N CYS A 572 1.72 -25.34 -62.55
CA CYS A 572 0.83 -26.25 -63.29
C CYS A 572 -0.63 -25.95 -62.98
N CYS A 573 -0.98 -25.84 -61.70
CA CYS A 573 -2.36 -25.56 -61.32
C CYS A 573 -2.79 -24.18 -61.79
N ARG A 574 -1.93 -23.19 -61.61
CA ARG A 574 -2.25 -21.83 -62.05
C ARG A 574 -2.55 -21.79 -63.54
N TRP A 575 -1.71 -22.42 -64.34
CA TRP A 575 -1.90 -22.36 -65.78
C TRP A 575 -3.02 -23.29 -66.27
N ARG A 576 -3.29 -24.38 -65.56
CA ARG A 576 -4.47 -25.17 -65.88
C ARG A 576 -5.75 -24.38 -65.63
N ILE A 577 -5.81 -23.65 -64.51
CA ILE A 577 -6.96 -22.80 -64.23
C ILE A 577 -7.08 -21.72 -65.29
N ARG A 578 -5.96 -21.08 -65.63
CA ARG A 578 -5.99 -20.03 -66.65
C ARG A 578 -6.31 -20.56 -68.03
N LYS A 579 -6.06 -21.85 -68.28
CA LYS A 579 -6.50 -22.45 -69.54
C LYS A 579 -8.00 -22.70 -69.53
N GLU A 580 -8.53 -23.12 -68.38
CA GLU A 580 -9.98 -23.36 -68.30
C GLU A 580 -10.77 -22.06 -68.38
N PHE A 581 -10.26 -20.98 -67.79
CA PHE A 581 -10.93 -19.68 -67.76
C PHE A 581 -9.95 -18.62 -68.25
N PRO A 582 -9.78 -18.51 -69.56
CA PRO A 582 -8.72 -17.65 -70.09
C PRO A 582 -9.06 -16.17 -69.98
N LYS A 583 -8.01 -15.36 -70.05
CA LYS A 583 -8.11 -13.91 -70.13
C LYS A 583 -7.82 -13.51 -71.56
N THR A 584 -8.83 -13.00 -72.26
CA THR A 584 -8.70 -12.73 -73.69
C THR A 584 -7.70 -11.62 -73.97
N GLU A 585 -7.79 -10.53 -73.23
CA GLU A 585 -6.94 -9.36 -73.46
C GLU A 585 -6.18 -9.01 -72.19
N GLY A 586 -4.91 -8.65 -72.35
CA GLY A 586 -4.07 -8.30 -71.22
C GLY A 586 -3.35 -9.50 -70.63
N GLN A 587 -2.63 -9.22 -69.55
CA GLN A 587 -1.86 -10.22 -68.84
C GLN A 587 -2.40 -10.44 -67.44
N TYR A 588 -2.07 -11.59 -66.86
CA TYR A 588 -2.54 -11.94 -65.53
C TYR A 588 -1.76 -11.23 -64.45
N SER A 589 -2.48 -10.68 -63.47
CA SER A 589 -1.83 -9.93 -62.40
C SER A 589 -0.98 -10.83 -61.51
N GLY A 590 -1.42 -12.06 -61.28
CA GLY A 590 -0.75 -12.94 -60.35
C GLY A 590 -1.19 -12.67 -58.92
N PHE A 591 -0.44 -13.25 -57.98
CA PHE A 591 -0.75 -13.08 -56.57
C PHE A 591 -0.46 -11.66 -56.12
N LYS A 592 -1.38 -11.08 -55.37
CA LYS A 592 -1.19 -9.75 -54.80
C LYS A 592 -1.44 -9.81 -53.30
N TYR A 593 -0.67 -9.02 -52.55
CA TYR A 593 -0.72 -9.04 -51.10
C TYR A 593 -2.11 -8.64 -50.61
N PRO A 594 -2.81 -9.49 -49.85
CA PRO A 594 -4.18 -9.17 -49.46
C PRO A 594 -4.32 -7.96 -48.54
N TYR A 595 -3.24 -7.51 -47.90
CA TYR A 595 -3.32 -6.35 -47.03
C TYR A 595 -2.41 -5.23 -47.54
N SER B 6 -23.70 -30.57 -6.49
CA SER B 6 -22.96 -29.72 -7.41
C SER B 6 -21.45 -29.82 -7.16
N TRP B 7 -20.99 -31.02 -6.81
CA TRP B 7 -19.56 -31.23 -6.60
C TRP B 7 -18.79 -31.06 -7.90
N ASN B 8 -19.33 -31.55 -9.01
CA ASN B 8 -18.71 -31.35 -10.31
C ASN B 8 -18.88 -29.93 -10.83
N ASP B 9 -19.92 -29.22 -10.39
CA ASP B 9 -20.10 -27.83 -10.80
C ASP B 9 -19.03 -26.93 -10.20
N VAL B 10 -18.57 -27.22 -8.99
CA VAL B 10 -17.55 -26.40 -8.35
C VAL B 10 -16.15 -26.78 -8.85
N LEU B 11 -15.89 -28.06 -9.09
CA LEU B 11 -14.57 -28.52 -9.52
C LEU B 11 -14.43 -28.35 -11.04
N GLN B 12 -14.36 -27.09 -11.44
CA GLN B 12 -14.19 -26.70 -12.83
C GLN B 12 -13.12 -25.62 -12.89
N TYR B 13 -12.42 -25.56 -14.02
CA TYR B 13 -11.45 -24.50 -14.27
C TYR B 13 -11.83 -23.78 -15.55
N GLU B 14 -11.87 -22.45 -15.49
CA GLU B 14 -12.18 -21.61 -16.64
C GLU B 14 -10.91 -20.89 -17.07
N THR B 15 -10.52 -21.08 -18.33
CA THR B 15 -9.36 -20.43 -18.89
C THR B 15 -9.80 -19.53 -20.04
N ASN B 16 -9.04 -18.45 -20.25
CA ASN B 16 -9.35 -17.51 -21.31
C ASN B 16 -8.93 -18.07 -22.66
N LYS B 17 -9.76 -17.85 -23.67
CA LYS B 17 -9.37 -18.13 -25.05
C LYS B 17 -8.50 -16.99 -25.56
N VAL B 18 -7.36 -17.33 -26.13
CA VAL B 18 -6.37 -16.33 -26.53
C VAL B 18 -6.00 -16.52 -27.99
N THR B 19 -5.55 -15.43 -28.60
CA THR B 19 -4.96 -15.44 -29.93
C THR B 19 -3.48 -15.11 -29.79
N ARG B 20 -2.62 -16.06 -30.13
CA ARG B 20 -1.19 -15.87 -30.07
C ARG B 20 -0.72 -15.36 -31.44
N ILE B 21 -0.16 -14.15 -31.46
CA ILE B 21 0.28 -13.51 -32.70
C ILE B 21 1.77 -13.71 -32.85
N GLN B 22 2.18 -14.24 -34.01
CA GLN B 22 3.59 -14.41 -34.33
C GLN B 22 4.12 -13.13 -34.97
N SER B 23 4.16 -12.07 -34.14
CA SER B 23 4.61 -10.75 -34.54
C SER B 23 5.83 -10.37 -33.72
N THR B 24 6.92 -10.01 -34.39
CA THR B 24 8.12 -9.60 -33.68
C THR B 24 8.00 -8.18 -33.15
N ASN B 25 7.21 -7.33 -33.79
CA ASN B 25 7.03 -5.97 -33.30
C ASN B 25 6.26 -5.97 -31.99
N TYR B 26 5.14 -6.69 -31.92
CA TYR B 26 4.35 -6.73 -30.70
C TYR B 26 5.03 -7.57 -29.62
N GLY B 27 5.76 -8.61 -30.00
CA GLY B 27 6.52 -9.36 -29.02
C GLY B 27 7.64 -8.54 -28.40
N THR B 28 8.28 -7.70 -29.21
CA THR B 28 9.34 -6.83 -28.69
C THR B 28 8.75 -5.71 -27.83
N VAL B 29 7.66 -5.10 -28.28
CA VAL B 29 7.04 -4.02 -27.52
C VAL B 29 6.55 -4.54 -26.16
N LYS B 30 5.96 -5.73 -26.16
CA LYS B 30 5.46 -6.30 -24.91
C LYS B 30 6.58 -6.54 -23.91
N TRP B 31 7.71 -7.06 -24.37
CA TRP B 31 8.82 -7.32 -23.46
C TRP B 31 9.52 -6.04 -23.03
N VAL B 32 9.63 -5.05 -23.93
CA VAL B 32 10.24 -3.79 -23.56
C VAL B 32 9.44 -3.11 -22.45
N LEU B 33 8.11 -3.11 -22.57
CA LEU B 33 7.27 -2.54 -21.52
C LEU B 33 7.36 -3.36 -20.23
N HIS B 34 7.59 -4.67 -20.35
CA HIS B 34 7.75 -5.49 -19.15
C HIS B 34 9.03 -5.15 -18.40
N MET B 35 10.12 -4.88 -19.12
CA MET B 35 11.36 -4.47 -18.44
C MET B 35 11.22 -3.09 -17.82
N ILE B 36 10.50 -2.17 -18.49
CA ILE B 36 10.35 -0.83 -17.95
C ILE B 36 9.58 -0.87 -16.63
N VAL B 37 8.50 -1.63 -16.60
CA VAL B 37 7.71 -1.77 -15.38
C VAL B 37 8.55 -2.47 -14.30
N PHE B 38 9.23 -3.56 -14.68
CA PHE B 38 10.03 -4.30 -13.71
C PHE B 38 11.20 -3.46 -13.19
N SER B 39 11.82 -2.68 -14.08
CA SER B 39 12.96 -1.85 -13.65
C SER B 39 12.51 -0.79 -12.66
N TYR B 40 11.37 -0.15 -12.89
CA TYR B 40 10.88 0.86 -11.96
C TYR B 40 10.40 0.23 -10.66
N ILE B 41 9.72 -0.90 -10.75
CA ILE B 41 9.22 -1.57 -9.54
C ILE B 41 10.38 -2.00 -8.66
N SER B 42 11.44 -2.55 -9.27
CA SER B 42 12.62 -2.95 -8.50
C SER B 42 13.34 -1.73 -7.93
N PHE B 43 13.46 -0.66 -8.71
CA PHE B 43 14.15 0.53 -8.24
C PHE B 43 13.40 1.19 -7.08
N ALA B 44 12.07 1.29 -7.18
CA ALA B 44 11.30 1.89 -6.10
C ALA B 44 11.41 1.06 -4.83
N LEU B 45 11.39 -0.26 -4.97
CA LEU B 45 11.47 -1.14 -3.80
C LEU B 45 12.81 -1.00 -3.09
N VAL B 46 13.90 -0.89 -3.85
CA VAL B 46 15.23 -0.90 -3.25
C VAL B 46 15.60 0.48 -2.73
N SER B 47 15.33 1.53 -3.52
CA SER B 47 15.71 2.88 -3.12
C SER B 47 14.92 3.32 -1.88
N ASP B 48 13.64 2.98 -1.81
CA ASP B 48 12.80 3.37 -0.70
C ASP B 48 12.69 2.32 0.39
N LYS B 49 13.35 1.17 0.23
CA LYS B 49 13.32 0.10 1.22
C LYS B 49 11.89 -0.30 1.57
N LEU B 50 11.05 -0.44 0.53
CA LEU B 50 9.64 -0.73 0.71
C LEU B 50 9.38 -2.15 1.19
N TYR B 51 10.41 -2.99 1.25
CA TYR B 51 10.32 -4.31 1.84
C TYR B 51 10.56 -4.29 3.34
N GLN B 52 10.89 -3.15 3.92
CA GLN B 52 11.26 -3.05 5.31
C GLN B 52 10.13 -2.50 6.16
N ARG B 53 10.08 -2.98 7.41
CA ARG B 53 9.14 -2.43 8.40
C ARG B 53 9.95 -1.36 9.13
N LYS B 54 9.54 -0.10 9.05
CA LYS B 54 10.27 1.02 9.59
C LYS B 54 9.74 1.41 10.96
N GLU B 55 10.66 1.88 11.82
CA GLU B 55 10.33 2.18 13.20
C GLU B 55 11.03 3.46 13.66
N PRO B 56 10.31 4.38 14.31
CA PRO B 56 10.96 5.56 14.88
C PRO B 56 11.87 5.20 16.03
N VAL B 57 12.90 6.01 16.21
CA VAL B 57 13.94 5.75 17.20
C VAL B 57 13.49 6.21 18.57
N ILE B 58 13.97 5.50 19.60
CA ILE B 58 13.81 5.91 21.00
C ILE B 58 15.19 6.31 21.49
N SER B 59 15.35 7.58 21.87
CA SER B 59 16.65 8.16 22.12
C SER B 59 16.80 8.58 23.58
N SER B 60 18.03 8.47 24.07
CA SER B 60 18.43 9.02 25.36
C SER B 60 19.74 9.77 25.15
N VAL B 61 19.81 11.00 25.65
CA VAL B 61 20.96 11.87 25.44
C VAL B 61 21.58 12.21 26.79
N HIS B 62 22.90 12.13 26.86
CA HIS B 62 23.67 12.54 28.03
C HIS B 62 24.80 13.44 27.56
N THR B 63 24.84 14.67 28.06
CA THR B 63 25.82 15.65 27.62
C THR B 63 26.74 16.05 28.77
N LYS B 64 27.95 16.44 28.42
CA LYS B 64 28.95 16.88 29.40
C LYS B 64 29.72 18.04 28.78
N VAL B 65 29.54 19.23 29.33
CA VAL B 65 30.24 20.42 28.85
C VAL B 65 31.53 20.58 29.64
N LYS B 66 32.60 20.96 28.95
CA LYS B 66 33.91 21.12 29.55
C LYS B 66 34.48 22.48 29.15
N GLY B 67 35.00 23.21 30.12
CA GLY B 67 35.61 24.50 29.87
C GLY B 67 35.54 25.40 31.08
N ILE B 68 36.55 26.25 31.22
CA ILE B 68 36.64 27.23 32.29
C ILE B 68 36.68 28.61 31.65
N ALA B 69 36.02 29.57 32.30
CA ALA B 69 35.95 30.94 31.80
C ALA B 69 36.47 31.91 32.84
N GLU B 70 37.19 32.92 32.39
CA GLU B 70 37.65 34.03 33.21
C GLU B 70 36.91 35.29 32.78
N VAL B 71 36.28 35.97 33.72
CA VAL B 71 35.51 37.18 33.44
C VAL B 71 36.21 38.37 34.08
N THR B 72 36.48 39.40 33.28
CA THR B 72 37.17 40.61 33.73
C THR B 72 36.11 41.64 34.12
N GLU B 73 36.01 41.94 35.40
CA GLU B 73 35.05 42.92 35.90
C GLU B 73 35.59 43.63 37.13
N GLY B 84 37.02 42.14 40.62
CA GLY B 84 38.29 41.83 40.01
C GLY B 84 38.17 40.82 38.89
N HIS B 85 38.52 39.57 39.20
CA HIS B 85 38.42 38.47 38.24
C HIS B 85 37.62 37.34 38.87
N SER B 86 36.57 36.91 38.18
CA SER B 86 35.69 35.85 38.66
C SER B 86 35.84 34.64 37.76
N ILE B 87 35.78 33.46 38.38
CA ILE B 87 36.02 32.19 37.68
C ILE B 87 34.68 31.52 37.44
N PHE B 88 34.48 31.00 36.22
CA PHE B 88 33.28 30.27 35.85
C PHE B 88 33.69 28.87 35.39
N ASP B 89 33.37 27.87 36.19
CA ASP B 89 33.48 26.48 35.76
C ASP B 89 32.08 25.95 35.47
N THR B 90 31.97 24.66 35.17
CA THR B 90 30.70 24.10 34.70
C THR B 90 29.57 24.33 35.70
N ALA B 91 29.88 24.37 36.99
CA ALA B 91 28.87 24.68 37.99
C ALA B 91 28.42 26.12 37.95
N ASP B 92 29.11 26.99 37.22
CA ASP B 92 28.81 28.41 37.18
C ASP B 92 28.09 28.86 35.93
N TYR B 93 28.29 28.20 34.79
CA TYR B 93 27.62 28.58 33.56
C TYR B 93 26.68 27.50 33.02
N THR B 94 26.60 26.34 33.66
CA THR B 94 25.71 25.27 33.24
C THR B 94 24.80 24.92 34.41
N PHE B 95 23.84 24.03 34.15
CA PHE B 95 22.86 23.57 35.11
C PHE B 95 22.86 22.04 35.16
N PRO B 96 22.39 21.45 36.25
CA PRO B 96 22.46 19.97 36.39
C PRO B 96 21.79 19.19 35.26
N LEU B 97 21.02 19.85 34.39
CA LEU B 97 20.38 19.15 33.29
C LEU B 97 21.41 18.74 32.24
N GLN B 98 21.39 17.46 31.86
CA GLN B 98 22.34 16.92 30.88
C GLN B 98 21.63 16.03 29.88
N GLY B 99 20.39 16.38 29.54
CA GLY B 99 19.62 15.59 28.60
C GLY B 99 19.59 16.20 27.22
N ASN B 100 18.39 16.32 26.64
CA ASN B 100 18.24 16.87 25.28
C ASN B 100 18.56 18.35 25.20
N SER B 101 18.62 19.05 26.33
CA SER B 101 18.93 20.47 26.34
C SER B 101 19.98 20.76 27.39
N PHE B 102 20.92 21.63 27.04
CA PHE B 102 21.82 22.22 28.03
C PHE B 102 22.05 23.67 27.68
N PHE B 103 22.27 24.47 28.71
CA PHE B 103 22.46 25.91 28.58
C PHE B 103 23.89 26.27 28.89
N VAL B 104 24.46 27.16 28.08
CA VAL B 104 25.81 27.71 28.39
C VAL B 104 25.65 29.24 28.48
N MET B 105 25.94 29.81 29.65
CA MET B 105 25.84 31.28 29.84
C MET B 105 27.02 31.96 29.15
N THR B 106 26.76 32.96 28.31
CA THR B 106 27.83 33.64 27.54
C THR B 106 27.90 35.11 27.93
N ASN B 107 26.86 35.62 28.59
CA ASN B 107 26.81 37.05 29.00
C ASN B 107 25.91 37.14 30.24
N TYR B 108 26.03 38.22 31.02
CA TYR B 108 25.11 38.35 32.18
C TYR B 108 25.08 39.76 32.78
N VAL B 109 23.96 40.13 33.38
CA VAL B 109 23.84 41.39 34.10
C VAL B 109 23.39 41.05 35.52
N LYS B 110 24.05 41.64 36.51
CA LYS B 110 23.77 41.34 37.91
C LYS B 110 23.22 42.57 38.62
N SER B 111 22.21 42.34 39.47
CA SER B 111 21.71 43.35 40.41
C SER B 111 21.67 42.70 41.78
N GLU B 112 22.60 43.09 42.64
CA GLU B 112 22.82 42.42 43.91
C GLU B 112 22.15 43.15 45.06
N GLY B 113 21.93 42.41 46.14
CA GLY B 113 21.40 42.97 47.37
C GLY B 113 19.98 43.50 47.28
N GLN B 114 19.08 42.75 46.64
CA GLN B 114 17.70 43.17 46.52
C GLN B 114 16.90 42.75 47.74
N VAL B 115 16.04 43.64 48.22
CA VAL B 115 15.24 43.42 49.41
C VAL B 115 13.78 43.72 49.07
N GLN B 116 12.87 42.89 49.57
CA GLN B 116 11.43 43.12 49.39
C GLN B 116 11.02 44.31 50.25
N THR B 117 10.88 45.47 49.61
CA THR B 117 10.51 46.69 50.31
C THR B 117 9.90 47.65 49.29
N LEU B 118 9.80 48.92 49.67
CA LEU B 118 9.30 49.96 48.79
C LEU B 118 10.47 50.76 48.24
N CYS B 119 10.40 51.09 46.96
CA CYS B 119 11.48 51.81 46.28
C CYS B 119 10.90 52.53 45.08
N PRO B 120 11.54 53.60 44.61
CA PRO B 120 11.12 54.21 43.35
C PRO B 120 11.43 53.32 42.17
N GLU B 121 10.63 53.49 41.12
CA GLU B 121 10.89 52.78 39.87
C GLU B 121 12.19 53.28 39.23
N TYR B 122 12.81 52.41 38.44
CA TYR B 122 13.95 52.85 37.65
C TYR B 122 13.47 53.78 36.54
N PRO B 123 14.17 54.89 36.29
CA PRO B 123 13.74 55.81 35.22
C PRO B 123 13.77 55.16 33.85
N ARG B 124 12.60 54.97 33.27
CA ARG B 124 12.44 54.42 31.93
C ARG B 124 11.93 55.51 31.00
N ARG B 125 11.60 55.10 29.76
CA ARG B 125 11.10 56.05 28.78
C ARG B 125 9.83 56.76 29.22
N GLY B 126 9.05 56.13 30.10
CA GLY B 126 7.84 56.75 30.60
C GLY B 126 7.59 56.49 32.07
N ALA B 127 8.65 56.21 32.82
CA ALA B 127 8.52 55.91 34.24
C ALA B 127 8.63 57.15 35.14
N GLN B 128 8.95 58.31 34.57
CA GLN B 128 9.02 59.53 35.37
C GLN B 128 7.62 60.03 35.71
N CYS B 129 7.54 60.80 36.79
CA CYS B 129 6.29 61.39 37.22
C CYS B 129 6.56 62.79 37.76
N SER B 130 5.53 63.64 37.71
CA SER B 130 5.60 64.96 38.30
C SER B 130 4.53 65.20 39.36
N SER B 131 3.57 64.29 39.52
CA SER B 131 2.53 64.42 40.53
C SER B 131 2.00 63.02 40.84
N ASP B 132 1.38 62.88 42.01
CA ASP B 132 0.82 61.60 42.40
C ASP B 132 -0.36 61.21 41.52
N ARG B 133 -0.95 62.16 40.80
CA ARG B 133 -2.03 61.84 39.88
C ARG B 133 -1.56 60.99 38.71
N ARG B 134 -0.28 61.07 38.34
CA ARG B 134 0.24 60.21 37.28
C ARG B 134 0.34 58.76 37.73
N CYS B 135 0.84 58.54 38.94
CA CYS B 135 0.92 57.19 39.49
C CYS B 135 -0.46 56.68 39.88
N LYS B 136 -0.65 55.38 39.75
CA LYS B 136 -1.92 54.73 40.10
C LYS B 136 -1.62 53.59 41.07
N LYS B 137 -2.29 53.59 42.21
CA LYS B 137 -2.07 52.56 43.22
C LYS B 137 -2.56 51.21 42.68
N GLY B 138 -1.76 50.17 42.89
CA GLY B 138 -2.09 48.84 42.42
C GLY B 138 -1.83 48.58 40.96
N TRP B 139 -1.31 49.57 40.22
CA TRP B 139 -1.07 49.38 38.80
C TRP B 139 0.09 48.42 38.57
N MET B 140 0.02 47.69 37.47
CA MET B 140 1.00 46.65 37.13
C MET B 140 1.56 46.99 35.75
N ASP B 141 2.63 47.77 35.73
CA ASP B 141 3.25 48.14 34.46
C ASP B 141 3.87 46.92 33.80
N PRO B 142 3.55 46.63 32.55
CA PRO B 142 4.15 45.46 31.89
C PRO B 142 5.67 45.49 31.84
N GLN B 143 6.27 46.67 31.81
CA GLN B 143 7.72 46.80 31.77
C GLN B 143 8.35 46.96 33.14
N SER B 144 7.56 46.89 34.22
CA SER B 144 8.06 47.07 35.57
C SER B 144 8.07 45.74 36.31
N LYS B 145 8.85 45.70 37.39
CA LYS B 145 8.95 44.52 38.24
C LYS B 145 8.30 44.73 39.61
N GLY B 146 7.40 45.70 39.72
CA GLY B 146 6.71 45.95 40.97
C GLY B 146 5.31 46.46 40.72
N ILE B 147 4.55 46.56 41.82
CA ILE B 147 3.19 47.07 41.80
C ILE B 147 3.17 48.45 42.44
N GLN B 148 2.64 49.42 41.72
CA GLN B 148 2.68 50.80 42.18
C GLN B 148 1.79 51.01 43.39
N THR B 149 2.16 52.01 44.21
CA THR B 149 1.38 52.40 45.37
C THR B 149 0.75 53.78 45.21
N GLY B 150 0.87 54.39 44.03
CA GLY B 150 0.29 55.69 43.79
C GLY B 150 1.08 56.87 44.30
N ARG B 151 2.34 56.66 44.69
CA ARG B 151 3.18 57.71 45.24
C ARG B 151 4.37 57.96 44.32
N CYS B 152 4.63 59.23 44.02
CA CYS B 152 5.72 59.63 43.13
C CYS B 152 6.90 60.07 43.99
N VAL B 153 7.65 59.10 44.47
CA VAL B 153 8.82 59.34 45.32
C VAL B 153 10.01 59.73 44.44
N PRO B 154 11.03 60.38 44.98
CA PRO B 154 12.20 60.73 44.16
C PRO B 154 13.14 59.54 43.99
N TYR B 155 13.54 59.29 42.75
CA TYR B 155 14.57 58.29 42.48
C TYR B 155 15.96 58.89 42.69
N ASP B 156 16.26 59.96 41.95
CA ASP B 156 17.48 60.73 42.16
C ASP B 156 17.13 62.21 42.26
N LYS B 157 18.15 63.08 42.26
CA LYS B 157 17.89 64.50 42.34
C LYS B 157 17.18 65.02 41.08
N THR B 158 17.55 64.48 39.91
CA THR B 158 17.06 65.03 38.66
C THR B 158 15.57 64.72 38.46
N ARG B 159 15.16 63.48 38.67
CA ARG B 159 13.82 63.05 38.30
C ARG B 159 13.21 62.21 39.40
N LYS B 160 11.89 62.04 39.32
CA LYS B 160 11.09 61.29 40.27
C LYS B 160 10.36 60.17 39.54
N THR B 161 10.20 59.03 40.21
CA THR B 161 9.52 57.87 39.64
C THR B 161 8.51 57.32 40.64
N CYS B 162 7.50 56.65 40.10
CA CYS B 162 6.44 56.12 40.95
C CYS B 162 6.97 55.04 41.89
N GLU B 163 6.52 55.09 43.14
CA GLU B 163 6.92 54.09 44.12
C GLU B 163 6.24 52.76 43.82
N VAL B 164 6.99 51.68 43.96
CA VAL B 164 6.47 50.34 43.72
C VAL B 164 6.88 49.42 44.86
N SER B 165 6.09 48.35 45.02
CA SER B 165 6.45 47.25 45.91
C SER B 165 7.17 46.21 45.07
N ALA B 166 8.45 45.99 45.36
CA ALA B 166 9.27 45.09 44.56
C ALA B 166 10.51 44.73 45.35
N TRP B 167 11.34 43.88 44.74
CA TRP B 167 12.71 43.72 45.23
C TRP B 167 13.51 44.98 44.91
N CYS B 168 14.19 45.51 45.92
CA CYS B 168 14.72 46.84 45.75
C CYS B 168 16.23 46.88 45.99
N PRO B 169 16.98 47.66 45.20
CA PRO B 169 16.44 48.46 44.09
C PRO B 169 16.10 47.63 42.86
N THR B 170 15.13 48.10 42.07
CA THR B 170 14.71 47.37 40.88
C THR B 170 15.85 47.28 39.87
N GLU B 171 15.84 46.21 39.08
CA GLU B 171 16.88 46.03 38.08
C GLU B 171 16.81 47.13 37.05
N GLU B 172 17.97 47.72 36.74
CA GLU B 172 18.04 48.78 35.75
C GLU B 172 17.86 48.20 34.36
N GLU B 173 17.35 49.04 33.45
CA GLU B 173 17.21 48.67 32.05
C GLU B 173 18.58 48.73 31.38
N LYS B 174 19.44 47.79 31.81
CA LYS B 174 20.82 47.74 31.28
C LYS B 174 20.90 46.73 30.15
N GLU B 175 21.49 47.12 29.02
CA GLU B 175 21.69 46.22 27.90
C GLU B 175 22.71 45.14 28.26
N ALA B 176 22.65 44.05 27.50
CA ALA B 176 23.65 43.01 27.67
C ALA B 176 25.03 43.57 27.31
N PRO B 177 26.06 43.24 28.08
CA PRO B 177 27.41 43.75 27.75
C PRO B 177 27.86 43.29 26.38
N ARG B 178 28.55 44.18 25.67
CA ARG B 178 29.16 43.86 24.39
C ARG B 178 30.61 44.31 24.44
N PRO B 179 31.58 43.41 24.25
CA PRO B 179 31.42 41.99 23.93
C PRO B 179 30.96 41.14 25.12
N ALA B 180 30.50 39.92 24.83
CA ALA B 180 29.96 39.05 25.87
C ALA B 180 31.00 38.75 26.93
N LEU B 181 30.57 38.71 28.18
CA LEU B 181 31.49 38.50 29.29
C LEU B 181 32.13 37.12 29.23
N LEU B 182 31.38 36.11 28.81
CA LEU B 182 31.86 34.74 28.70
C LEU B 182 31.91 34.28 27.25
N ARG B 183 32.41 35.13 26.35
CA ARG B 183 32.53 34.75 24.96
C ARG B 183 33.64 33.73 24.72
N SER B 184 34.48 33.46 25.73
CA SER B 184 35.44 32.37 25.66
C SER B 184 34.78 31.01 25.72
N ALA B 185 33.46 30.95 25.92
CA ALA B 185 32.71 29.71 25.79
C ALA B 185 32.75 29.15 24.39
N GLU B 186 33.17 29.96 23.41
CA GLU B 186 33.41 29.47 22.05
C GLU B 186 34.36 28.28 22.05
N ASN B 187 35.34 28.27 22.94
CA ASN B 187 36.33 27.22 23.01
C ASN B 187 35.94 26.09 23.96
N PHE B 188 34.75 26.15 24.55
CA PHE B 188 34.25 25.04 25.34
C PHE B 188 33.90 23.88 24.41
N THR B 189 33.93 22.68 24.97
CA THR B 189 33.55 21.48 24.24
C THR B 189 32.44 20.76 25.01
N VAL B 190 31.57 20.10 24.27
CA VAL B 190 30.52 19.25 24.83
C VAL B 190 30.71 17.85 24.28
N LEU B 191 30.69 16.86 25.16
CA LEU B 191 30.65 15.46 24.78
C LEU B 191 29.20 15.00 24.83
N ILE B 192 28.72 14.41 23.74
CA ILE B 192 27.34 13.97 23.64
C ILE B 192 27.33 12.45 23.57
N LYS B 193 26.59 11.84 24.49
CA LYS B 193 26.35 10.40 24.50
C LYS B 193 24.91 10.15 24.12
N ASN B 194 24.69 9.45 23.02
CA ASN B 194 23.36 9.19 22.51
C ASN B 194 23.12 7.69 22.50
N ASN B 195 22.20 7.23 23.34
CA ASN B 195 21.73 5.85 23.33
C ASN B 195 20.41 5.81 22.56
N ILE B 196 20.35 4.98 21.54
CA ILE B 196 19.13 4.85 20.75
C ILE B 196 18.68 3.39 20.75
N HIS B 197 17.39 3.20 20.51
CA HIS B 197 16.78 1.89 20.63
C HIS B 197 15.62 1.78 19.65
N PHE B 198 15.42 0.58 19.13
CA PHE B 198 14.27 0.25 18.30
C PHE B 198 13.49 -0.86 18.99
N PRO B 199 12.46 -0.54 19.77
CA PRO B 199 11.77 -1.59 20.54
C PRO B 199 11.10 -2.65 19.68
N GLY B 200 10.58 -2.28 18.52
CA GLY B 200 9.97 -3.27 17.64
C GLY B 200 10.99 -4.26 17.09
N HIS B 201 12.14 -3.77 16.66
CA HIS B 201 13.21 -4.63 16.16
C HIS B 201 14.12 -5.14 17.27
N ASN B 202 13.97 -4.63 18.49
CA ASN B 202 14.80 -5.03 19.63
C ASN B 202 16.28 -4.81 19.34
N TYR B 203 16.62 -3.62 18.85
CA TYR B 203 17.98 -3.26 18.52
C TYR B 203 18.39 -2.03 19.33
N THR B 204 19.57 -2.09 19.92
CA THR B 204 20.12 -0.98 20.69
C THR B 204 21.54 -0.69 20.22
N THR B 205 21.87 0.59 20.11
CA THR B 205 23.23 1.02 19.83
C THR B 205 23.44 2.41 20.40
N ARG B 206 24.70 2.86 20.38
CA ARG B 206 25.06 4.17 20.88
C ARG B 206 25.96 4.86 19.86
N ASN B 207 26.09 6.17 20.00
CA ASN B 207 26.83 6.97 19.03
C ASN B 207 28.34 6.89 19.23
N ILE B 208 28.81 6.49 20.40
CA ILE B 208 30.24 6.42 20.70
C ILE B 208 30.72 5.00 20.43
N LEU B 209 31.62 4.86 19.47
CA LEU B 209 32.23 3.58 19.15
C LEU B 209 33.40 3.31 20.08
N PRO B 210 33.75 2.04 20.28
CA PRO B 210 34.95 1.72 21.08
C PRO B 210 36.23 2.30 20.51
N THR B 211 36.29 2.58 19.20
CA THR B 211 37.48 3.14 18.59
C THR B 211 37.65 4.63 18.89
N MET B 212 36.61 5.30 19.37
CA MET B 212 36.68 6.73 19.64
C MET B 212 37.55 7.00 20.86
N ASN B 213 38.43 7.99 20.74
CA ASN B 213 39.29 8.41 21.83
C ASN B 213 38.84 9.77 22.34
N GLY B 214 39.30 10.11 23.55
CA GLY B 214 38.93 11.37 24.16
C GLY B 214 39.63 12.59 23.62
N SER B 215 40.65 12.40 22.78
CA SER B 215 41.36 13.50 22.17
C SER B 215 40.75 13.95 20.86
N CYS B 216 39.70 13.28 20.39
CA CYS B 216 39.08 13.65 19.13
C CYS B 216 38.23 14.91 19.29
N THR B 217 38.05 15.61 18.18
CA THR B 217 37.08 16.67 18.07
C THR B 217 36.33 16.49 16.75
N PHE B 218 35.05 16.82 16.76
CA PHE B 218 34.23 16.61 15.58
C PHE B 218 34.70 17.49 14.43
N HIS B 219 34.79 16.90 13.25
CA HIS B 219 34.99 17.64 12.01
C HIS B 219 34.06 17.06 10.97
N LYS B 220 33.55 17.91 10.09
CA LYS B 220 32.57 17.45 9.11
C LYS B 220 33.16 16.42 8.16
N THR B 221 34.45 16.53 7.84
CA THR B 221 35.10 15.59 6.93
C THR B 221 36.22 14.78 7.58
N TRP B 222 36.91 15.32 8.58
CA TRP B 222 38.04 14.60 9.16
C TRP B 222 37.64 13.65 10.27
N ASP B 223 36.73 14.07 11.15
CA ASP B 223 36.24 13.22 12.25
C ASP B 223 34.73 13.37 12.37
N PRO B 224 33.97 12.88 11.39
CA PRO B 224 32.51 13.06 11.41
C PRO B 224 31.79 12.18 12.41
N GLN B 225 32.48 11.26 13.09
CA GLN B 225 31.84 10.38 14.06
C GLN B 225 32.25 10.68 15.50
N CYS B 226 33.16 11.62 15.72
CA CYS B 226 33.50 12.04 17.07
C CYS B 226 32.38 12.91 17.62
N SER B 227 31.91 12.58 18.82
CA SER B 227 30.81 13.29 19.44
C SER B 227 31.26 14.29 20.49
N ILE B 228 32.47 14.82 20.34
CA ILE B 228 32.95 15.95 21.12
C ILE B 228 32.98 17.15 20.19
N PHE B 229 32.22 18.19 20.53
CA PHE B 229 32.02 19.34 19.68
C PHE B 229 32.49 20.61 20.36
N ARG B 230 33.31 21.39 19.66
CA ARG B 230 33.57 22.76 20.08
C ARG B 230 32.35 23.62 19.77
N LEU B 231 31.97 24.46 20.73
CA LEU B 231 30.77 25.28 20.56
C LEU B 231 30.91 26.26 19.40
N GLY B 232 32.08 26.88 19.28
CA GLY B 232 32.32 27.76 18.13
C GLY B 232 32.30 27.00 16.82
N ASP B 233 32.78 25.77 16.83
CA ASP B 233 32.70 24.94 15.62
C ASP B 233 31.25 24.61 15.28
N ILE B 234 30.43 24.36 16.31
CA ILE B 234 29.00 24.14 16.07
C ILE B 234 28.39 25.36 15.41
N PHE B 235 28.74 26.55 15.89
CA PHE B 235 28.17 27.76 15.31
C PHE B 235 28.68 28.01 13.90
N GLN B 236 29.95 27.69 13.63
CA GLN B 236 30.48 27.81 12.28
C GLN B 236 29.76 26.87 11.32
N GLU B 237 29.51 25.63 11.74
CA GLU B 237 28.83 24.67 10.88
C GLU B 237 27.37 25.04 10.64
N ALA B 238 26.78 25.87 11.47
CA ALA B 238 25.42 26.35 11.27
C ALA B 238 25.37 27.68 10.51
N GLY B 239 26.52 28.24 10.16
CA GLY B 239 26.55 29.53 9.51
C GLY B 239 26.33 30.70 10.43
N GLU B 240 26.61 30.55 11.72
CA GLU B 240 26.39 31.59 12.71
C GLU B 240 27.71 32.05 13.29
N ASN B 241 27.69 33.21 13.92
CA ASN B 241 28.85 33.79 14.59
C ASN B 241 28.64 33.67 16.08
N PHE B 242 29.46 32.84 16.74
CA PHE B 242 29.31 32.63 18.18
C PHE B 242 29.50 33.94 18.95
N THR B 243 30.48 34.74 18.53
CA THR B 243 30.78 35.98 19.25
C THR B 243 29.61 36.94 19.22
N GLU B 244 28.93 37.06 18.08
CA GLU B 244 27.79 37.97 17.98
C GLU B 244 26.56 37.41 18.70
N VAL B 245 26.27 36.12 18.53
CA VAL B 245 25.12 35.52 19.19
C VAL B 245 25.30 35.47 20.70
N ALA B 246 26.54 35.47 21.18
CA ALA B 246 26.80 35.37 22.61
C ALA B 246 26.33 36.58 23.40
N VAL B 247 26.18 37.74 22.75
CA VAL B 247 25.82 38.96 23.47
C VAL B 247 24.41 38.85 24.04
N GLN B 248 23.45 38.45 23.20
CA GLN B 248 22.06 38.34 23.64
C GLN B 248 21.58 36.90 23.77
N GLY B 249 22.36 35.93 23.33
CA GLY B 249 21.97 34.53 23.43
C GLY B 249 21.23 34.03 22.22
N GLY B 250 20.93 32.75 22.26
CA GLY B 250 20.20 32.11 21.18
C GLY B 250 19.98 30.66 21.48
N ILE B 251 19.31 29.99 20.55
CA ILE B 251 19.04 28.55 20.65
C ILE B 251 19.69 27.88 19.45
N MET B 252 20.54 26.90 19.72
CA MET B 252 21.25 26.16 18.70
C MET B 252 20.79 24.72 18.73
N GLY B 253 20.46 24.18 17.55
CA GLY B 253 20.01 22.81 17.43
C GLY B 253 21.14 21.90 16.97
N ILE B 254 21.37 20.85 17.74
CA ILE B 254 22.30 19.79 17.37
C ILE B 254 21.46 18.60 16.96
N GLU B 255 21.42 18.32 15.66
CA GLU B 255 20.58 17.27 15.12
C GLU B 255 21.38 15.98 14.99
N ILE B 256 20.87 14.91 15.56
CA ILE B 256 21.44 13.58 15.43
C ILE B 256 20.46 12.75 14.63
N TYR B 257 20.84 12.43 13.40
CA TYR B 257 19.98 11.69 12.48
C TYR B 257 20.45 10.24 12.41
N TRP B 258 19.52 9.31 12.59
CA TRP B 258 19.82 7.88 12.59
C TRP B 258 19.08 7.24 11.43
N ASP B 259 19.77 7.05 10.30
CA ASP B 259 19.26 6.26 9.19
C ASP B 259 19.86 4.88 9.32
N CYS B 260 19.11 3.96 9.90
CA CYS B 260 19.64 2.67 10.33
C CYS B 260 19.01 1.54 9.54
N ASN B 261 19.86 0.70 8.94
CA ASN B 261 19.44 -0.51 8.26
C ASN B 261 19.81 -1.69 9.14
N LEU B 262 18.81 -2.43 9.60
CA LEU B 262 19.02 -3.52 10.54
C LEU B 262 19.05 -4.89 9.86
N ASP B 263 19.04 -4.92 8.53
CA ASP B 263 19.19 -6.19 7.82
C ASP B 263 20.64 -6.67 7.91
N SER B 264 20.81 -7.98 8.07
CA SER B 264 22.14 -8.53 8.29
C SER B 264 23.07 -8.30 7.11
N TRP B 265 22.53 -8.35 5.89
CA TRP B 265 23.35 -8.21 4.71
C TRP B 265 23.66 -6.77 4.34
N SER B 266 22.95 -5.80 4.92
CA SER B 266 23.21 -4.39 4.66
C SER B 266 23.13 -3.59 5.96
N HIS B 267 23.74 -4.11 7.02
CA HIS B 267 23.61 -3.51 8.33
C HIS B 267 24.44 -2.24 8.46
N HIS B 268 23.81 -1.16 8.91
CA HIS B 268 24.51 0.07 9.26
C HIS B 268 23.60 0.91 10.14
N CYS B 269 24.05 1.24 11.34
CA CYS B 269 23.31 2.10 12.26
C CYS B 269 24.32 3.09 12.87
N ARG B 270 24.51 4.20 12.19
CA ARG B 270 25.43 5.24 12.62
C ARG B 270 24.74 6.60 12.53
N PRO B 271 25.11 7.55 13.39
CA PRO B 271 24.47 8.86 13.38
C PRO B 271 25.10 9.83 12.40
N ARG B 272 24.29 10.83 12.02
CA ARG B 272 24.77 11.93 11.16
C ARG B 272 24.52 13.22 11.96
N TYR B 273 25.53 14.07 12.11
CA TYR B 273 25.47 15.28 12.92
C TYR B 273 25.29 16.50 12.03
N SER B 274 24.27 17.30 12.32
CA SER B 274 24.03 18.56 11.64
C SER B 274 23.67 19.60 12.68
N PHE B 275 23.82 20.86 12.30
CA PHE B 275 23.64 21.98 13.23
C PHE B 275 22.77 23.04 12.59
N ARG B 276 21.81 23.54 13.37
CA ARG B 276 20.82 24.48 12.85
C ARG B 276 20.43 25.43 13.97
N ARG B 277 20.47 26.73 13.70
CA ARG B 277 20.01 27.69 14.68
C ARG B 277 18.49 27.66 14.78
N LEU B 278 17.99 27.52 16.01
CA LEU B 278 16.56 27.48 16.27
C LEU B 278 16.01 28.82 16.72
N ASP B 279 16.87 29.72 17.15
CA ASP B 279 16.49 31.10 17.42
C ASP B 279 16.16 31.81 16.12
N ASP B 280 15.25 32.78 16.20
CA ASP B 280 14.92 33.64 15.06
C ASP B 280 15.66 34.97 15.25
N LYS B 281 16.73 35.16 14.48
CA LYS B 281 17.49 36.39 14.59
C LYS B 281 16.70 37.62 14.15
N ASN B 282 15.70 37.44 13.29
CA ASN B 282 14.84 38.52 12.84
C ASN B 282 13.63 38.72 13.75
N THR B 283 13.73 38.30 15.00
CA THR B 283 12.62 38.47 15.95
C THR B 283 12.33 39.95 16.16
N ASP B 284 11.05 40.29 16.18
CA ASP B 284 10.65 41.64 16.51
C ASP B 284 11.00 41.96 17.96
N GLU B 285 11.30 43.23 18.23
CA GLU B 285 11.87 43.62 19.52
C GLU B 285 10.91 43.37 20.68
N SER B 286 9.61 43.33 20.43
CA SER B 286 8.67 43.09 21.52
C SER B 286 8.69 41.64 22.01
N PHE B 287 9.25 40.72 21.22
CA PHE B 287 9.32 39.32 21.58
C PHE B 287 10.66 38.93 22.20
N VAL B 288 11.48 39.90 22.59
CA VAL B 288 12.76 39.69 23.25
C VAL B 288 13.65 38.75 22.43
N PRO B 289 14.25 39.22 21.34
CA PRO B 289 15.15 38.36 20.56
C PRO B 289 16.34 37.89 21.38
N GLY B 290 16.82 36.69 21.06
CA GLY B 290 17.93 36.09 21.77
C GLY B 290 17.49 34.99 22.71
N TYR B 291 18.25 34.76 23.77
CA TYR B 291 17.86 33.81 24.81
C TYR B 291 18.42 34.28 26.13
N ASN B 292 17.54 34.49 27.10
CA ASN B 292 17.95 34.90 28.43
C ASN B 292 16.89 34.47 29.43
N PHE B 293 17.30 34.45 30.70
CA PHE B 293 16.36 34.25 31.79
C PHE B 293 16.92 34.93 33.04
N ARG B 294 16.01 35.21 33.97
CA ARG B 294 16.38 35.79 35.25
C ARG B 294 16.25 34.72 36.33
N TYR B 295 17.32 34.59 37.14
CA TYR B 295 17.28 33.72 38.29
C TYR B 295 17.90 34.46 39.47
N ALA B 296 17.53 34.02 40.67
CA ALA B 296 17.88 34.70 41.90
C ALA B 296 18.69 33.78 42.81
N LYS B 297 19.71 34.34 43.43
CA LYS B 297 20.47 33.67 44.48
C LYS B 297 20.01 34.23 45.81
N TYR B 298 19.26 33.43 46.58
CA TYR B 298 18.67 33.88 47.82
C TYR B 298 19.63 33.64 48.98
N TYR B 299 19.72 34.62 49.87
CA TYR B 299 20.56 34.52 51.05
C TYR B 299 20.04 35.47 52.11
N LYS B 300 20.43 35.22 53.35
CA LYS B 300 20.07 36.06 54.47
C LYS B 300 21.26 36.91 54.90
N GLU B 301 20.98 38.16 55.25
CA GLU B 301 22.00 39.08 55.73
C GLU B 301 21.37 40.02 56.73
N ASN B 302 21.91 40.06 57.95
CA ASN B 302 21.37 40.88 59.04
C ASN B 302 19.90 40.56 59.29
N ASN B 303 19.57 39.27 59.28
CA ASN B 303 18.20 38.78 59.49
C ASN B 303 17.24 39.35 58.45
N VAL B 304 17.72 39.57 57.23
CA VAL B 304 16.90 40.10 56.14
C VAL B 304 17.03 39.14 54.95
N GLU B 305 15.90 38.77 54.38
CA GLU B 305 15.88 37.91 53.20
C GLU B 305 16.32 38.72 51.98
N LYS B 306 17.54 38.48 51.53
CA LYS B 306 18.13 39.20 50.41
C LYS B 306 18.18 38.31 49.19
N ARG B 307 18.38 38.96 48.03
CA ARG B 307 18.49 38.20 46.76
C ARG B 307 19.36 38.92 45.74
N THR B 308 20.25 38.17 45.09
CA THR B 308 21.00 38.67 43.95
C THR B 308 20.31 38.19 42.69
N LEU B 309 19.87 39.12 41.85
CA LEU B 309 19.17 38.80 40.62
C LEU B 309 20.15 38.86 39.46
N ILE B 310 20.23 37.76 38.70
CA ILE B 310 21.10 37.67 37.54
C ILE B 310 20.24 37.47 36.31
N LYS B 311 20.46 38.32 35.30
CA LYS B 311 19.87 38.12 33.98
C LYS B 311 20.95 37.44 33.13
N ALA B 312 20.77 36.14 32.90
CA ALA B 312 21.77 35.32 32.23
C ALA B 312 21.43 35.23 30.75
N PHE B 313 22.38 35.62 29.91
CA PHE B 313 22.31 35.41 28.48
C PHE B 313 23.21 34.23 28.11
N GLY B 314 22.81 33.50 27.08
CA GLY B 314 23.64 32.40 26.64
C GLY B 314 22.93 31.57 25.58
N ILE B 315 23.59 30.50 25.20
CA ILE B 315 23.10 29.61 24.15
C ILE B 315 22.45 28.41 24.83
N ARG B 316 21.19 28.15 24.47
CA ARG B 316 20.56 26.88 24.78
C ARG B 316 20.79 25.94 23.62
N PHE B 317 21.36 24.78 23.89
CA PHE B 317 21.63 23.79 22.88
C PHE B 317 20.58 22.69 22.99
N ASP B 318 19.82 22.48 21.92
CA ASP B 318 18.81 21.43 21.85
C ASP B 318 19.38 20.26 21.06
N ILE B 319 19.42 19.08 21.68
CA ILE B 319 19.85 17.87 21.00
C ILE B 319 18.59 17.21 20.44
N LEU B 320 18.42 17.33 19.13
CA LEU B 320 17.28 16.77 18.43
C LEU B 320 17.70 15.47 17.77
N VAL B 321 17.25 14.35 18.32
CA VAL B 321 17.60 13.03 17.83
C VAL B 321 16.38 12.42 17.16
N PHE B 322 16.52 12.10 15.88
CA PHE B 322 15.44 11.56 15.08
C PHE B 322 16.02 10.52 14.14
N GLY B 323 15.15 9.74 13.53
CA GLY B 323 15.59 8.73 12.58
C GLY B 323 14.70 7.52 12.63
N THR B 324 15.02 6.56 11.79
CA THR B 324 14.20 5.38 11.59
C THR B 324 15.11 4.15 11.50
N GLY B 325 14.60 3.03 11.98
CA GLY B 325 15.28 1.77 11.83
C GLY B 325 14.44 0.79 11.03
N GLY B 326 14.96 0.31 9.92
CA GLY B 326 14.25 -0.59 9.03
C GLY B 326 14.84 -1.99 9.06
N LYS B 327 13.96 -2.98 9.03
CA LYS B 327 14.34 -4.38 8.92
C LYS B 327 13.36 -5.05 7.96
N PHE B 328 13.86 -6.06 7.24
CA PHE B 328 13.04 -6.75 6.26
C PHE B 328 11.78 -7.32 6.89
N ASP B 329 10.64 -7.07 6.24
CA ASP B 329 9.35 -7.59 6.66
C ASP B 329 8.72 -8.31 5.49
N ILE B 330 8.28 -9.55 5.70
CA ILE B 330 7.71 -10.33 4.62
C ILE B 330 6.34 -9.77 4.21
N ILE B 331 5.56 -9.34 5.19
CA ILE B 331 4.23 -8.79 4.90
C ILE B 331 4.36 -7.46 4.17
N GLN B 332 5.38 -6.66 4.51
CA GLN B 332 5.61 -5.42 3.78
C GLN B 332 5.96 -5.69 2.33
N LEU B 333 6.79 -6.71 2.08
CA LEU B 333 7.15 -7.06 0.71
C LEU B 333 5.93 -7.59 -0.06
N VAL B 334 5.13 -8.43 0.57
CA VAL B 334 3.96 -9.00 -0.09
C VAL B 334 2.97 -7.90 -0.48
N VAL B 335 2.75 -6.95 0.41
CA VAL B 335 1.82 -5.85 0.11
C VAL B 335 2.35 -5.00 -1.02
N TYR B 336 3.65 -4.70 -1.04
CA TYR B 336 4.22 -3.90 -2.11
C TYR B 336 4.14 -4.62 -3.46
N ILE B 337 4.47 -5.91 -3.47
CA ILE B 337 4.45 -6.66 -4.73
C ILE B 337 3.02 -6.76 -5.26
N GLY B 338 2.06 -7.03 -4.38
CA GLY B 338 0.68 -7.06 -4.81
C GLY B 338 0.17 -5.72 -5.32
N SER B 339 0.70 -4.63 -4.77
CA SER B 339 0.30 -3.29 -5.20
C SER B 339 0.98 -2.86 -6.49
N THR B 340 1.90 -3.65 -7.03
CA THR B 340 2.54 -3.34 -8.29
C THR B 340 2.32 -4.40 -9.36
N LEU B 341 1.54 -5.44 -9.05
CA LEU B 341 1.28 -6.49 -10.02
C LEU B 341 0.40 -6.03 -11.16
N SER B 342 -0.54 -5.11 -10.89
CA SER B 342 -1.44 -4.61 -11.94
C SER B 342 -0.71 -3.81 -13.00
N TYR B 343 0.50 -3.33 -12.71
CA TYR B 343 1.26 -2.56 -13.68
C TYR B 343 1.83 -3.42 -14.80
N PHE B 344 1.83 -4.74 -14.64
CA PHE B 344 2.28 -5.62 -15.71
C PHE B 344 1.22 -5.85 -16.78
N GLY B 345 0.01 -5.34 -16.57
CA GLY B 345 -0.99 -5.28 -17.62
C GLY B 345 -0.86 -4.10 -18.54
N LEU B 346 0.17 -3.27 -18.34
CA LEU B 346 0.36 -2.08 -19.18
C LEU B 346 0.67 -2.48 -20.61
N ALA B 347 1.50 -3.49 -20.81
CA ALA B 347 1.80 -3.94 -22.17
C ALA B 347 0.56 -4.45 -22.88
N THR B 348 -0.25 -5.24 -22.18
CA THR B 348 -1.50 -5.71 -22.75
C THR B 348 -2.42 -4.56 -23.10
N VAL B 349 -2.56 -3.58 -22.21
CA VAL B 349 -3.43 -2.44 -22.45
C VAL B 349 -2.95 -1.67 -23.68
N CYS B 350 -1.65 -1.41 -23.76
CA CYS B 350 -1.10 -0.61 -24.86
C CYS B 350 -1.26 -1.33 -26.19
N ILE B 351 -0.91 -2.62 -26.25
CA ILE B 351 -0.96 -3.33 -27.53
C ILE B 351 -2.40 -3.58 -27.94
N ASP B 352 -3.30 -3.84 -26.99
CA ASP B 352 -4.70 -4.00 -27.33
C ASP B 352 -5.30 -2.68 -27.82
N LEU B 353 -4.88 -1.56 -27.23
CA LEU B 353 -5.30 -0.26 -27.73
C LEU B 353 -4.80 -0.04 -29.16
N LEU B 354 -3.57 -0.44 -29.43
CA LEU B 354 -3.03 -0.35 -30.79
C LEU B 354 -3.86 -1.19 -31.77
N ILE B 355 -4.23 -2.41 -31.36
CA ILE B 355 -4.98 -3.30 -32.23
C ILE B 355 -6.38 -2.74 -32.48
N ASN B 356 -7.04 -2.25 -31.42
CA ASN B 356 -8.41 -1.76 -31.57
C ASN B 356 -8.46 -0.43 -32.30
N THR B 357 -7.39 0.37 -32.24
CA THR B 357 -7.39 1.69 -32.86
C THR B 357 -6.98 1.64 -34.32
N TYR B 358 -5.91 0.91 -34.65
CA TYR B 358 -5.42 0.86 -36.02
C TYR B 358 -6.23 -0.06 -36.91
N SER B 359 -7.29 -0.68 -36.39
CA SER B 359 -8.19 -1.49 -37.19
C SER B 359 -9.39 -0.70 -37.71
N SER B 360 -9.46 0.59 -37.41
CA SER B 360 -10.60 1.39 -37.84
C SER B 360 -10.43 1.84 -39.29
N ALA B 361 -11.57 2.12 -39.93
CA ALA B 361 -11.59 2.50 -41.33
C ALA B 361 -11.11 3.92 -41.58
N PHE B 362 -11.01 4.75 -40.54
CA PHE B 362 -10.54 6.12 -40.72
C PHE B 362 -9.02 6.16 -40.81
N CYS B 363 -8.38 5.01 -40.61
CA CYS B 363 -6.96 4.89 -40.76
C CYS B 363 -6.53 5.05 -42.21
N ARG B 364 -7.24 4.33 -43.06
CA ARG B 364 -7.01 4.39 -44.50
C ARG B 364 -7.63 5.66 -45.07
N SER B 365 -8.71 6.11 -44.45
CA SER B 365 -9.45 7.25 -44.97
C SER B 365 -8.70 8.56 -44.74
N GLY B 366 -8.17 8.77 -43.54
CA GLY B 366 -7.66 10.08 -43.20
C GLY B 366 -6.36 10.12 -42.40
N VAL B 367 -5.66 9.00 -42.30
CA VAL B 367 -4.39 8.93 -41.60
C VAL B 367 -3.28 8.45 -42.52
N TYR B 368 -3.47 7.31 -43.19
CA TYR B 368 -2.44 6.76 -44.05
C TYR B 368 -2.06 7.65 -45.22
N PRO B 369 -3.00 8.28 -45.95
CA PRO B 369 -2.57 9.18 -47.04
C PRO B 369 -1.65 10.30 -46.58
N TYR B 370 -1.86 10.81 -45.38
CA TYR B 370 -0.97 11.82 -44.81
C TYR B 370 0.37 11.20 -44.43
N CYS B 371 0.34 10.21 -43.55
CA CYS B 371 1.54 9.52 -43.13
C CYS B 371 1.59 8.08 -43.60
N LYS B 372 2.54 7.83 -44.50
CA LYS B 372 2.69 6.52 -45.12
C LYS B 372 3.67 5.64 -44.36
N CYS B 373 4.19 6.14 -43.24
CA CYS B 373 5.07 5.36 -42.42
C CYS B 373 4.28 4.39 -41.55
N CYS B 374 3.01 4.74 -41.37
CA CYS B 374 2.11 3.95 -40.59
C CYS B 374 1.29 2.97 -41.42
N GLU B 375 1.68 2.88 -42.69
CA GLU B 375 1.00 2.03 -43.66
C GLU B 375 1.04 0.53 -43.29
N PRO B 376 2.20 0.00 -42.85
CA PRO B 376 2.18 -1.42 -42.52
C PRO B 376 1.42 -1.77 -41.23
N CYS B 377 0.70 -0.81 -40.67
CA CYS B 377 -0.09 -1.05 -39.50
C CYS B 377 -1.51 -1.49 -39.84
N THR B 378 -1.67 -1.92 -41.08
CA THR B 378 -2.93 -2.45 -41.55
C THR B 378 -3.13 -3.88 -41.06
N VAL B 379 -2.05 -4.46 -40.51
CA VAL B 379 -2.12 -5.80 -39.94
C VAL B 379 -3.04 -5.84 -38.73
N ASN B 380 -3.35 -4.68 -38.15
CA ASN B 380 -4.24 -4.63 -37.00
C ASN B 380 -5.69 -4.91 -37.38
N GLU B 381 -6.06 -4.65 -38.63
CA GLU B 381 -7.38 -5.06 -39.10
C GLU B 381 -7.53 -6.58 -39.07
N TYR B 382 -6.47 -7.30 -39.46
CA TYR B 382 -6.48 -8.75 -39.35
C TYR B 382 -6.45 -9.19 -37.89
N TYR B 383 -5.66 -8.51 -37.05
CA TYR B 383 -5.59 -8.88 -35.64
C TYR B 383 -6.93 -8.67 -34.95
N TYR B 384 -7.61 -7.56 -35.26
CA TYR B 384 -8.90 -7.29 -34.65
C TYR B 384 -9.95 -8.30 -35.07
N ARG B 385 -9.85 -8.82 -36.30
CA ARG B 385 -10.79 -9.84 -36.75
C ARG B 385 -10.64 -11.12 -35.95
N LYS B 386 -9.41 -11.52 -35.65
CA LYS B 386 -9.16 -12.75 -34.92
C LYS B 386 -9.33 -12.61 -33.42
N LYS B 387 -9.51 -11.39 -32.92
CA LYS B 387 -9.59 -11.13 -31.49
C LYS B 387 -11.01 -10.84 -31.01
N CYS B 388 -11.76 -10.00 -31.72
CA CYS B 388 -13.04 -9.51 -31.25
C CYS B 388 -14.16 -9.99 -32.16
N GLU B 389 -15.22 -10.50 -31.55
CA GLU B 389 -16.47 -10.84 -32.25
C GLU B 389 -17.58 -9.96 -31.68
N SER B 390 -18.26 -9.23 -32.55
CA SER B 390 -19.32 -8.33 -32.14
C SER B 390 -20.67 -9.03 -32.26
N ILE B 391 -21.48 -8.95 -31.20
CA ILE B 391 -22.82 -9.51 -31.20
C ILE B 391 -23.81 -8.42 -30.79
N MET B 392 -25.05 -8.59 -31.24
CA MET B 392 -26.13 -7.68 -30.93
C MET B 392 -26.94 -8.20 -29.75
N GLU B 393 -27.47 -7.27 -28.96
CA GLU B 393 -28.42 -7.63 -27.92
C GLU B 393 -29.69 -8.14 -28.58
N PRO B 394 -30.14 -9.35 -28.29
CA PRO B 394 -31.34 -9.90 -28.94
C PRO B 394 -32.64 -9.37 -28.34
N LYS B 395 -32.95 -8.12 -28.66
CA LYS B 395 -34.18 -7.52 -28.14
C LYS B 395 -35.38 -7.91 -29.01
N PRO B 396 -36.60 -7.82 -28.47
CA PRO B 396 -37.78 -8.24 -29.23
C PRO B 396 -38.02 -7.48 -30.51
N THR B 397 -37.48 -6.27 -30.66
CA THR B 397 -37.65 -5.49 -31.86
C THR B 397 -36.46 -5.59 -32.81
N LEU B 398 -35.59 -6.58 -32.60
CA LEU B 398 -34.43 -6.76 -33.46
C LEU B 398 -34.85 -7.46 -34.75
N LYS B 399 -34.58 -6.81 -35.88
CA LYS B 399 -34.92 -7.34 -37.19
C LYS B 399 -33.72 -7.18 -38.11
N TYR B 400 -33.56 -8.14 -39.01
CA TYR B 400 -32.53 -8.08 -40.04
C TYR B 400 -33.19 -8.21 -41.40
N VAL B 401 -32.80 -7.33 -42.32
CA VAL B 401 -33.38 -7.27 -43.66
C VAL B 401 -32.25 -7.36 -44.68
N SER B 402 -32.40 -8.23 -45.66
CA SER B 402 -31.47 -8.35 -46.76
C SER B 402 -32.22 -8.10 -48.07
N PHE B 403 -31.68 -7.21 -48.88
CA PHE B 403 -32.23 -6.93 -50.20
C PHE B 403 -31.31 -7.53 -51.25
N VAL B 404 -31.90 -8.26 -52.20
CA VAL B 404 -31.11 -8.98 -53.19
C VAL B 404 -30.32 -8.04 -54.08
N ASP B 405 -30.73 -6.76 -54.16
CA ASP B 405 -30.06 -5.77 -54.98
C ASP B 405 -29.16 -4.86 -54.15
N GLU B 406 -28.77 -5.29 -52.96
CA GLU B 406 -27.87 -4.53 -52.10
C GLU B 406 -26.76 -5.43 -51.59
N PRO B 407 -25.58 -4.86 -51.32
CA PRO B 407 -24.47 -5.67 -50.80
C PRO B 407 -24.41 -5.79 -49.29
N HIS B 408 -25.21 -5.02 -48.56
CA HIS B 408 -25.21 -5.03 -47.10
C HIS B 408 -26.53 -5.57 -46.57
N ILE B 409 -26.63 -5.64 -45.25
CA ILE B 409 -27.81 -6.13 -44.55
C ILE B 409 -28.25 -5.05 -43.58
N ARG B 410 -29.53 -4.69 -43.61
CA ARG B 410 -30.08 -3.67 -42.73
C ARG B 410 -30.56 -4.29 -41.42
N MET B 411 -30.30 -3.60 -40.32
CA MET B 411 -30.79 -3.99 -39.00
C MET B 411 -31.84 -2.96 -38.56
N VAL B 412 -33.11 -3.37 -38.59
CA VAL B 412 -34.21 -2.51 -38.16
C VAL B 412 -34.49 -2.86 -36.70
N ASP B 413 -33.84 -2.15 -35.78
CA ASP B 413 -33.98 -2.48 -34.34
C ASP B 413 -35.10 -1.67 -33.69
N GLN B 414 -35.75 -0.77 -34.44
CA GLN B 414 -36.80 0.07 -33.90
C GLN B 414 -38.17 -0.54 -34.18
N GLN B 415 -39.17 0.00 -33.47
CA GLN B 415 -40.56 -0.46 -33.68
C GLN B 415 -41.08 0.14 -35.00
N LEU B 416 -41.80 -0.64 -35.78
CA LEU B 416 -42.31 -0.19 -37.08
C LEU B 416 -43.44 0.82 -36.91
N LEU B 417 -44.34 0.59 -35.96
CA LEU B 417 -45.46 1.50 -35.67
C LEU B 417 -46.32 1.73 -36.91
N GLY B 418 -46.62 0.66 -37.64
CA GLY B 418 -47.49 0.74 -38.80
C GLY B 418 -46.80 1.05 -40.11
N LYS B 419 -45.52 1.42 -40.08
CA LYS B 419 -44.76 1.62 -41.30
C LYS B 419 -44.24 0.28 -41.81
N SER B 420 -44.45 0.02 -43.09
CA SER B 420 -44.00 -1.24 -43.68
C SER B 420 -42.50 -1.40 -43.53
N LEU B 421 -42.06 -2.63 -43.27
CA LEU B 421 -40.64 -2.89 -43.07
C LEU B 421 -39.81 -2.56 -44.30
N GLN B 422 -40.43 -2.49 -45.48
CA GLN B 422 -39.71 -2.15 -46.70
C GLN B 422 -39.12 -0.75 -46.62
N VAL B 423 -39.89 0.20 -46.09
CA VAL B 423 -39.46 1.60 -46.10
C VAL B 423 -38.67 1.99 -44.85
N VAL B 424 -38.83 1.27 -43.74
CA VAL B 424 -38.11 1.60 -42.51
C VAL B 424 -36.65 1.22 -42.68
N LYS B 425 -35.80 2.21 -42.89
CA LYS B 425 -34.38 1.96 -43.05
C LYS B 425 -33.71 1.73 -41.69
N GLY B 426 -32.75 0.82 -41.67
CA GLY B 426 -31.98 0.54 -40.48
C GLY B 426 -30.49 0.66 -40.76
N GLN B 427 -29.71 0.35 -39.72
CA GLN B 427 -28.26 0.45 -39.83
C GLN B 427 -27.72 -0.59 -40.82
N GLU B 428 -26.77 -0.16 -41.65
CA GLU B 428 -26.13 -1.07 -42.58
C GLU B 428 -25.19 -2.01 -41.84
N VAL B 429 -25.29 -3.30 -42.12
CA VAL B 429 -24.44 -4.32 -41.51
C VAL B 429 -23.81 -5.17 -42.61
N PRO B 430 -22.50 -5.36 -42.61
CA PRO B 430 -21.89 -6.27 -43.60
C PRO B 430 -22.33 -7.71 -43.38
N ARG B 431 -22.43 -8.44 -44.48
CA ARG B 431 -22.81 -9.85 -44.40
C ARG B 431 -21.61 -10.68 -43.98
N PRO B 432 -21.72 -11.48 -42.91
CA PRO B 432 -20.62 -12.32 -42.42
C PRO B 432 -20.23 -13.41 -43.41
N SER B 473 -47.85 -6.64 -56.90
CA SER B 473 -49.14 -5.99 -56.68
C SER B 473 -49.14 -4.98 -55.53
N PRO B 474 -48.58 -5.32 -54.36
CA PRO B 474 -48.52 -4.33 -53.27
C PRO B 474 -47.68 -3.13 -53.66
N SER B 475 -47.99 -1.99 -53.05
CA SER B 475 -47.28 -0.75 -53.36
C SER B 475 -45.81 -0.85 -52.99
N TRP B 476 -45.51 -1.48 -51.85
CA TRP B 476 -44.12 -1.59 -51.41
C TRP B 476 -43.33 -2.62 -52.21
N CYS B 477 -44.01 -3.54 -52.89
CA CYS B 477 -43.31 -4.58 -53.63
C CYS B 477 -42.62 -4.02 -54.86
N GLN B 478 -41.38 -4.47 -55.08
CA GLN B 478 -40.60 -4.05 -56.23
C GLN B 478 -40.22 -5.22 -57.14
N CYS B 479 -40.86 -6.38 -56.97
CA CYS B 479 -40.54 -7.56 -57.76
C CYS B 479 -41.74 -8.17 -58.44
N GLY B 480 -42.96 -7.74 -58.13
CA GLY B 480 -44.14 -8.27 -58.76
C GLY B 480 -44.63 -9.61 -58.24
N ASN B 481 -43.98 -10.17 -57.23
CA ASN B 481 -44.32 -11.48 -56.70
C ASN B 481 -44.79 -11.46 -55.25
N CYS B 482 -44.64 -10.35 -54.55
CA CYS B 482 -45.02 -10.28 -53.15
C CYS B 482 -46.52 -10.24 -53.01
N LEU B 483 -47.00 -10.69 -51.84
CA LEU B 483 -48.41 -10.74 -51.54
C LEU B 483 -48.70 -9.98 -50.26
N PRO B 484 -49.91 -9.44 -50.10
CA PRO B 484 -50.24 -8.73 -48.87
C PRO B 484 -50.21 -9.67 -47.67
N SER B 485 -49.82 -9.12 -46.52
CA SER B 485 -49.75 -9.92 -45.31
C SER B 485 -51.14 -10.33 -44.85
N ARG B 486 -51.25 -11.56 -44.35
CA ARG B 486 -52.49 -12.07 -43.78
C ARG B 486 -52.46 -12.05 -42.26
N LEU B 487 -51.51 -11.33 -41.67
CA LEU B 487 -51.43 -11.14 -40.23
C LEU B 487 -52.48 -10.16 -39.75
N PRO B 488 -52.75 -10.11 -38.45
CA PRO B 488 -53.59 -9.03 -37.92
C PRO B 488 -52.99 -7.67 -38.25
N GLU B 489 -53.88 -6.69 -38.41
CA GLU B 489 -53.49 -5.39 -38.98
C GLU B 489 -52.39 -4.72 -38.17
N GLN B 490 -52.32 -4.99 -36.86
CA GLN B 490 -51.29 -4.36 -36.04
C GLN B 490 -49.90 -4.85 -36.44
N ARG B 491 -49.77 -6.14 -36.78
CA ARG B 491 -48.48 -6.73 -37.09
C ARG B 491 -48.25 -6.89 -38.59
N ARG B 492 -49.10 -6.28 -39.43
CA ARG B 492 -48.96 -6.43 -40.87
C ARG B 492 -47.66 -5.85 -41.39
N ALA B 493 -47.20 -4.75 -40.79
CA ALA B 493 -46.03 -4.04 -41.29
C ALA B 493 -44.77 -4.89 -41.25
N LEU B 494 -44.73 -5.92 -40.41
CA LEU B 494 -43.57 -6.79 -40.35
C LEU B 494 -43.39 -7.54 -41.68
N GLU B 495 -44.47 -8.09 -42.21
CA GLU B 495 -44.39 -8.93 -43.40
C GLU B 495 -44.52 -8.15 -44.69
N GLU B 496 -44.60 -6.82 -44.62
CA GLU B 496 -44.65 -5.99 -45.82
C GLU B 496 -43.23 -5.64 -46.25
N LEU B 497 -42.52 -6.69 -46.68
CA LEU B 497 -41.13 -6.59 -47.07
C LEU B 497 -40.95 -7.27 -48.42
N CYS B 498 -40.23 -6.62 -49.32
CA CYS B 498 -39.94 -7.17 -50.64
C CYS B 498 -38.51 -7.71 -50.67
N CYS B 499 -38.23 -8.50 -51.70
CA CYS B 499 -36.91 -9.11 -51.84
C CYS B 499 -35.85 -8.14 -52.31
N ARG B 500 -36.29 -7.04 -52.95
CA ARG B 500 -35.33 -6.07 -53.52
C ARG B 500 -35.78 -4.65 -53.19
N ARG B 501 -34.83 -3.74 -53.02
CA ARG B 501 -35.16 -2.34 -52.75
C ARG B 501 -35.67 -1.63 -54.00
N LYS B 502 -35.01 -1.85 -55.13
CA LYS B 502 -35.32 -1.21 -56.40
C LYS B 502 -35.97 -2.20 -57.36
N PRO B 503 -36.79 -1.73 -58.29
CA PRO B 503 -37.51 -2.66 -59.17
C PRO B 503 -36.58 -3.55 -59.97
N GLY B 504 -37.01 -4.78 -60.19
CA GLY B 504 -36.21 -5.74 -60.91
C GLY B 504 -36.76 -7.15 -60.76
N ARG B 505 -35.89 -8.12 -61.00
CA ARG B 505 -36.28 -9.52 -60.93
C ARG B 505 -36.41 -9.99 -59.48
N CYS B 506 -37.33 -10.90 -59.25
CA CYS B 506 -37.54 -11.47 -57.93
C CYS B 506 -36.47 -12.52 -57.62
N ILE B 507 -36.12 -12.62 -56.34
CA ILE B 507 -35.14 -13.61 -55.93
C ILE B 507 -35.72 -15.03 -56.01
N THR B 508 -37.03 -15.16 -55.89
CA THR B 508 -37.64 -16.49 -55.98
C THR B 508 -37.60 -17.06 -57.39
N THR B 509 -37.26 -16.25 -58.39
CA THR B 509 -37.08 -16.71 -59.75
C THR B 509 -35.65 -17.14 -60.03
N SER B 510 -34.77 -17.09 -59.04
CA SER B 510 -33.41 -17.52 -59.21
C SER B 510 -33.33 -19.06 -59.24
N LYS B 511 -32.25 -19.55 -59.86
CA LYS B 511 -32.06 -21.00 -59.93
C LYS B 511 -31.79 -21.60 -58.56
N LEU B 512 -31.02 -20.90 -57.73
CA LEU B 512 -30.66 -21.42 -56.42
C LEU B 512 -31.80 -21.37 -55.42
N PHE B 513 -32.81 -20.52 -55.63
CA PHE B 513 -33.94 -20.48 -54.71
C PHE B 513 -34.68 -21.82 -54.73
N HIS B 514 -34.89 -22.38 -55.93
CA HIS B 514 -35.52 -23.68 -56.02
C HIS B 514 -34.60 -24.80 -55.54
N LYS B 515 -33.29 -24.54 -55.53
CA LYS B 515 -32.31 -25.60 -55.15
C LYS B 515 -32.02 -25.53 -53.66
N LEU B 516 -31.89 -24.32 -53.10
CA LEU B 516 -31.51 -24.16 -51.70
C LEU B 516 -32.70 -24.04 -50.75
N VAL B 517 -33.87 -23.67 -51.25
CA VAL B 517 -34.98 -23.35 -50.37
C VAL B 517 -36.18 -24.25 -50.64
N LEU B 518 -36.48 -24.48 -51.92
CA LEU B 518 -37.73 -25.15 -52.30
C LEU B 518 -37.57 -26.64 -52.55
N SER B 519 -36.35 -27.14 -52.73
CA SER B 519 -36.13 -28.55 -53.02
C SER B 519 -36.65 -29.42 -51.88
N ARG B 520 -37.70 -30.20 -52.16
CA ARG B 520 -38.29 -31.05 -51.12
C ARG B 520 -37.34 -32.17 -50.73
N ASP B 521 -36.58 -32.71 -51.70
CA ASP B 521 -35.65 -33.79 -51.39
C ASP B 521 -34.55 -33.32 -50.44
N THR B 522 -34.01 -32.12 -50.68
CA THR B 522 -32.95 -31.61 -49.80
C THR B 522 -33.48 -31.35 -48.40
N LEU B 523 -34.68 -30.78 -48.29
CA LEU B 523 -35.25 -30.52 -46.97
C LEU B 523 -35.56 -31.82 -46.24
N GLN B 524 -36.03 -32.84 -46.95
CA GLN B 524 -36.24 -34.14 -46.34
C GLN B 524 -34.93 -34.75 -45.88
N LEU B 525 -33.86 -34.58 -46.66
CA LEU B 525 -32.55 -35.08 -46.26
C LEU B 525 -32.07 -34.38 -45.00
N LEU B 526 -32.28 -33.07 -44.90
CA LEU B 526 -31.92 -32.35 -43.67
C LEU B 526 -32.73 -32.85 -42.49
N LEU B 527 -34.03 -33.06 -42.68
CA LEU B 527 -34.88 -33.57 -41.61
C LEU B 527 -34.40 -34.93 -41.13
N LEU B 528 -34.04 -35.81 -42.08
CA LEU B 528 -33.55 -37.13 -41.70
C LEU B 528 -32.17 -37.06 -41.08
N TYR B 529 -31.35 -36.08 -41.47
CA TYR B 529 -30.09 -35.86 -40.77
C TYR B 529 -30.34 -35.53 -39.32
N GLN B 530 -31.34 -34.69 -39.04
CA GLN B 530 -31.72 -34.43 -37.67
C GLN B 530 -32.21 -35.71 -36.98
N ASP B 531 -33.13 -36.43 -37.62
CA ASP B 531 -33.73 -37.65 -37.07
C ASP B 531 -33.73 -38.74 -38.13
N PRO B 532 -32.78 -39.67 -38.11
CA PRO B 532 -32.71 -40.68 -39.17
C PRO B 532 -33.95 -41.54 -39.30
N LEU B 533 -34.58 -41.92 -38.18
CA LEU B 533 -35.78 -42.74 -38.21
C LEU B 533 -36.95 -41.87 -37.81
N LEU B 534 -37.51 -41.18 -38.81
CA LEU B 534 -38.58 -40.21 -38.59
C LEU B 534 -39.76 -40.56 -39.47
N VAL B 535 -40.92 -40.76 -38.86
CA VAL B 535 -42.17 -41.02 -39.56
C VAL B 535 -43.18 -39.97 -39.11
N LEU B 536 -43.75 -39.25 -40.07
CA LEU B 536 -44.70 -38.19 -39.77
C LEU B 536 -45.79 -38.16 -40.83
N GLY B 537 -46.94 -37.62 -40.46
CA GLY B 537 -47.99 -37.38 -41.43
C GLY B 537 -47.66 -36.20 -42.31
N GLU B 538 -48.51 -35.99 -43.32
CA GLU B 538 -48.27 -34.90 -44.27
C GLU B 538 -48.36 -33.54 -43.57
N GLU B 539 -49.32 -33.39 -42.67
CA GLU B 539 -49.46 -32.13 -41.95
C GLU B 539 -48.22 -31.87 -41.08
N ALA B 540 -47.71 -32.91 -40.42
CA ALA B 540 -46.50 -32.75 -39.62
C ALA B 540 -45.28 -32.58 -40.51
N THR B 541 -45.22 -33.30 -41.63
CA THR B 541 -44.09 -33.17 -42.55
C THR B 541 -44.08 -31.78 -43.20
N ASN B 542 -45.24 -31.27 -43.58
CA ASN B 542 -45.30 -29.96 -44.23
C ASN B 542 -44.84 -28.86 -43.29
N SER B 543 -45.24 -28.94 -42.02
CA SER B 543 -44.82 -27.93 -41.05
C SER B 543 -43.30 -27.96 -40.86
N ARG B 544 -42.72 -29.15 -40.77
CA ARG B 544 -41.27 -29.24 -40.62
C ARG B 544 -40.54 -28.82 -41.89
N LEU B 545 -41.10 -29.15 -43.06
CA LEU B 545 -40.47 -28.72 -44.31
C LEU B 545 -40.58 -27.22 -44.50
N ARG B 546 -41.72 -26.63 -44.13
CA ARG B 546 -41.90 -25.19 -44.27
C ARG B 546 -40.95 -24.42 -43.36
N HIS B 547 -40.85 -24.83 -42.10
CA HIS B 547 -39.95 -24.16 -41.16
C HIS B 547 -38.49 -24.36 -41.54
N ARG B 548 -38.15 -25.52 -42.09
CA ARG B 548 -36.79 -25.75 -42.55
C ARG B 548 -36.45 -24.89 -43.75
N ALA B 549 -37.44 -24.60 -44.61
CA ALA B 549 -37.20 -23.76 -45.77
C ALA B 549 -37.01 -22.30 -45.38
N TYR B 550 -37.66 -21.85 -44.30
CA TYR B 550 -37.39 -20.52 -43.78
C TYR B 550 -35.94 -20.40 -43.36
N ARG B 551 -35.44 -21.39 -42.62
CA ARG B 551 -34.07 -21.37 -42.14
C ARG B 551 -33.08 -21.49 -43.30
N CYS B 552 -33.42 -22.24 -44.34
CA CYS B 552 -32.55 -22.34 -45.49
C CYS B 552 -32.39 -21.00 -46.20
N TYR B 553 -33.49 -20.26 -46.35
CA TYR B 553 -33.40 -18.93 -46.93
C TYR B 553 -32.63 -17.98 -46.01
N ALA B 554 -32.94 -18.02 -44.71
CA ALA B 554 -32.29 -17.11 -43.77
C ALA B 554 -30.79 -17.38 -43.69
N THR B 555 -30.40 -18.64 -43.63
CA THR B 555 -28.98 -18.97 -43.58
C THR B 555 -28.27 -18.56 -44.88
N TRP B 556 -28.91 -18.79 -46.02
CA TRP B 556 -28.30 -18.46 -47.30
C TRP B 556 -28.10 -16.96 -47.44
N ARG B 557 -29.13 -16.17 -47.14
CA ARG B 557 -29.09 -14.74 -47.41
C ARG B 557 -28.46 -13.92 -46.29
N PHE B 558 -28.30 -14.49 -45.09
CA PHE B 558 -27.74 -13.77 -43.96
C PHE B 558 -26.48 -14.40 -43.39
N GLY B 559 -26.19 -15.65 -43.72
CA GLY B 559 -24.93 -16.28 -43.36
C GLY B 559 -24.87 -16.80 -41.95
N SER B 560 -24.69 -15.92 -40.97
CA SER B 560 -24.56 -16.32 -39.59
C SER B 560 -25.91 -16.64 -38.98
N GLN B 561 -25.95 -17.65 -38.11
CA GLN B 561 -27.18 -17.98 -37.41
C GLN B 561 -27.58 -16.90 -36.42
N ASP B 562 -26.63 -16.06 -35.97
CA ASP B 562 -26.97 -14.95 -35.09
C ASP B 562 -27.88 -13.97 -35.79
N MET B 563 -27.59 -13.65 -37.05
CA MET B 563 -28.42 -12.77 -37.84
C MET B 563 -29.58 -13.49 -38.50
N ALA B 564 -29.42 -14.76 -38.83
CA ALA B 564 -30.50 -15.55 -39.41
C ALA B 564 -31.62 -15.80 -38.43
N ASP B 565 -31.35 -15.74 -37.12
CA ASP B 565 -32.40 -15.93 -36.13
C ASP B 565 -33.41 -14.80 -36.16
N PHE B 566 -32.96 -13.57 -36.43
CA PHE B 566 -33.83 -12.40 -36.48
C PHE B 566 -34.06 -11.91 -37.89
N ALA B 567 -33.65 -12.68 -38.89
CA ALA B 567 -33.88 -12.32 -40.28
C ALA B 567 -35.37 -12.36 -40.60
N ILE B 568 -35.81 -11.43 -41.43
CA ILE B 568 -37.21 -11.34 -41.84
C ILE B 568 -37.29 -11.74 -43.30
N LEU B 569 -38.12 -12.71 -43.60
CA LEU B 569 -38.28 -13.19 -44.96
C LEU B 569 -39.10 -12.19 -45.78
N PRO B 570 -38.74 -11.96 -47.04
CA PRO B 570 -39.60 -11.16 -47.92
C PRO B 570 -40.92 -11.86 -48.16
N SER B 571 -41.93 -11.06 -48.53
CA SER B 571 -43.26 -11.61 -48.73
C SER B 571 -43.29 -12.61 -49.88
N CYS B 572 -42.54 -12.33 -50.95
CA CYS B 572 -42.48 -13.24 -52.09
C CYS B 572 -41.90 -14.59 -51.69
N CYS B 573 -40.75 -14.57 -51.00
CA CYS B 573 -40.12 -15.82 -50.58
C CYS B 573 -40.98 -16.56 -49.56
N ARG B 574 -41.54 -15.82 -48.60
CA ARG B 574 -42.37 -16.45 -47.59
C ARG B 574 -43.57 -17.15 -48.22
N TRP B 575 -44.24 -16.48 -49.16
CA TRP B 575 -45.42 -17.08 -49.76
C TRP B 575 -45.08 -18.15 -50.79
N ARG B 576 -43.92 -18.06 -51.44
CA ARG B 576 -43.49 -19.16 -52.30
C ARG B 576 -43.22 -20.41 -51.47
N ILE B 577 -42.56 -20.25 -50.32
CA ILE B 577 -42.33 -21.40 -49.44
C ILE B 577 -43.66 -21.96 -48.94
N ARG B 578 -44.58 -21.07 -48.53
CA ARG B 578 -45.88 -21.53 -48.05
C ARG B 578 -46.71 -22.16 -49.16
N LYS B 579 -46.46 -21.81 -50.41
CA LYS B 579 -47.12 -22.49 -51.52
C LYS B 579 -46.53 -23.87 -51.74
N GLU B 580 -45.21 -24.01 -51.60
CA GLU B 580 -44.59 -25.32 -51.77
C GLU B 580 -44.96 -26.28 -50.65
N PHE B 581 -45.09 -25.77 -49.43
CA PHE B 581 -45.42 -26.58 -48.24
C PHE B 581 -46.59 -25.95 -47.53
N PRO B 582 -47.81 -26.16 -48.03
CA PRO B 582 -48.96 -25.43 -47.50
C PRO B 582 -49.39 -25.93 -46.13
N LYS B 583 -50.14 -25.06 -45.44
CA LYS B 583 -50.80 -25.39 -44.17
C LYS B 583 -52.28 -25.56 -44.48
N THR B 584 -52.77 -26.80 -44.33
CA THR B 584 -54.13 -27.11 -44.75
C THR B 584 -55.16 -26.40 -43.88
N GLU B 585 -54.98 -26.43 -42.57
CA GLU B 585 -55.95 -25.85 -41.64
C GLU B 585 -55.25 -24.82 -40.75
N GLY B 586 -55.95 -23.71 -40.51
CA GLY B 586 -55.41 -22.65 -39.69
C GLY B 586 -54.62 -21.63 -40.48
N GLN B 587 -54.04 -20.68 -39.74
CA GLN B 587 -53.26 -19.61 -40.32
C GLN B 587 -51.80 -19.71 -39.87
N TYR B 588 -50.92 -19.07 -40.65
CA TYR B 588 -49.50 -19.09 -40.35
C TYR B 588 -49.14 -18.14 -39.22
N SER B 589 -48.31 -18.62 -38.29
CA SER B 589 -47.94 -17.81 -37.14
C SER B 589 -47.06 -16.63 -37.53
N GLY B 590 -46.20 -16.82 -38.53
CA GLY B 590 -45.25 -15.80 -38.89
C GLY B 590 -44.02 -15.85 -38.01
N PHE B 591 -43.21 -14.79 -38.09
CA PHE B 591 -41.99 -14.72 -37.31
C PHE B 591 -42.32 -14.51 -35.84
N LYS B 592 -41.64 -15.25 -34.97
CA LYS B 592 -41.78 -15.10 -33.54
C LYS B 592 -40.41 -14.92 -32.91
N TYR B 593 -40.36 -14.10 -31.87
CA TYR B 593 -39.11 -13.73 -31.23
C TYR B 593 -38.43 -14.96 -30.64
N PRO B 594 -37.20 -15.29 -31.06
CA PRO B 594 -36.57 -16.54 -30.59
C PRO B 594 -36.29 -16.58 -29.10
N TYR B 595 -36.27 -15.44 -28.40
CA TYR B 595 -36.01 -15.42 -26.98
C TYR B 595 -37.21 -14.87 -26.21
N SER C 6 15.12 -20.02 -30.15
CA SER C 6 13.74 -19.69 -29.81
C SER C 6 13.52 -18.19 -29.78
N TRP C 7 14.20 -17.47 -30.69
CA TRP C 7 14.01 -16.03 -30.79
C TRP C 7 12.59 -15.69 -31.22
N ASN C 8 12.04 -16.44 -32.17
CA ASN C 8 10.66 -16.25 -32.59
C ASN C 8 9.67 -16.76 -31.55
N ASP C 9 10.06 -17.72 -30.72
CA ASP C 9 9.16 -18.20 -29.66
C ASP C 9 8.94 -17.14 -28.59
N VAL C 10 9.96 -16.33 -28.30
CA VAL C 10 9.82 -15.29 -27.29
C VAL C 10 9.12 -14.05 -27.85
N LEU C 11 9.39 -13.69 -29.10
CA LEU C 11 8.81 -12.49 -29.70
C LEU C 11 7.42 -12.81 -30.24
N GLN C 12 6.51 -13.03 -29.30
CA GLN C 12 5.11 -13.30 -29.58
C GLN C 12 4.26 -12.47 -28.65
N TYR C 13 3.06 -12.13 -29.11
CA TYR C 13 2.08 -11.42 -28.29
C TYR C 13 0.81 -12.25 -28.23
N GLU C 14 0.29 -12.45 -27.02
CA GLU C 14 -0.94 -13.18 -26.79
C GLU C 14 -2.01 -12.20 -26.35
N THR C 15 -3.11 -12.16 -27.08
CA THR C 15 -4.25 -11.30 -26.75
C THR C 15 -5.46 -12.17 -26.48
N ASN C 16 -6.34 -11.66 -25.62
CA ASN C 16 -7.55 -12.38 -25.26
C ASN C 16 -8.59 -12.28 -26.36
N LYS C 17 -9.27 -13.39 -26.63
CA LYS C 17 -10.44 -13.36 -27.50
C LYS C 17 -11.64 -12.84 -26.72
N VAL C 18 -12.33 -11.86 -27.29
CA VAL C 18 -13.40 -11.18 -26.58
C VAL C 18 -14.67 -11.22 -27.41
N THR C 19 -15.81 -11.10 -26.71
CA THR C 19 -17.11 -10.91 -27.33
C THR C 19 -17.60 -9.52 -26.97
N ARG C 20 -17.73 -8.67 -27.98
CA ARG C 20 -18.23 -7.32 -27.78
C ARG C 20 -19.75 -7.31 -27.94
N ILE C 21 -20.46 -6.97 -26.88
CA ILE C 21 -21.92 -6.99 -26.87
C ILE C 21 -22.43 -5.58 -27.13
N GLN C 22 -23.31 -5.44 -28.12
CA GLN C 22 -23.96 -4.18 -28.42
C GLN C 22 -25.21 -4.03 -27.56
N SER C 23 -24.98 -3.91 -26.26
CA SER C 23 -26.04 -3.78 -25.26
C SER C 23 -25.88 -2.45 -24.54
N THR C 24 -26.94 -1.64 -24.54
CA THR C 24 -26.90 -0.36 -23.84
C THR C 24 -27.02 -0.52 -22.34
N ASN C 25 -27.70 -1.58 -21.87
CA ASN C 25 -27.80 -1.81 -20.44
C ASN C 25 -26.44 -2.17 -19.84
N TYR C 26 -25.73 -3.11 -20.46
CA TYR C 26 -24.44 -3.52 -19.94
C TYR C 26 -23.37 -2.46 -20.18
N GLY C 27 -23.47 -1.71 -21.29
CA GLY C 27 -22.56 -0.61 -21.51
C GLY C 27 -22.73 0.51 -20.51
N THR C 28 -23.99 0.78 -20.12
CA THR C 28 -24.24 1.80 -19.12
C THR C 28 -23.82 1.34 -17.72
N VAL C 29 -24.13 0.09 -17.38
CA VAL C 29 -23.75 -0.45 -16.07
C VAL C 29 -22.24 -0.47 -15.92
N LYS C 30 -21.52 -0.85 -16.98
CA LYS C 30 -20.07 -0.90 -16.92
C LYS C 30 -19.47 0.48 -16.68
N TRP C 31 -19.99 1.50 -17.36
CA TRP C 31 -19.45 2.84 -17.17
C TRP C 31 -19.86 3.44 -15.85
N VAL C 32 -21.09 3.16 -15.37
CA VAL C 32 -21.51 3.66 -14.08
C VAL C 32 -20.61 3.12 -12.97
N LEU C 33 -20.30 1.83 -13.02
CA LEU C 33 -19.39 1.24 -12.04
C LEU C 33 -17.98 1.80 -12.19
N HIS C 34 -17.58 2.17 -13.40
CA HIS C 34 -16.27 2.76 -13.60
C HIS C 34 -16.18 4.15 -12.95
N MET C 35 -17.25 4.95 -13.04
CA MET C 35 -17.24 6.25 -12.37
C MET C 35 -17.26 6.10 -10.86
N ILE C 36 -17.99 5.11 -10.34
CA ILE C 36 -18.07 4.93 -8.89
C ILE C 36 -16.71 4.57 -8.33
N VAL C 37 -16.00 3.65 -8.99
CA VAL C 37 -14.66 3.28 -8.56
C VAL C 37 -13.71 4.47 -8.70
N PHE C 38 -13.77 5.16 -9.84
CA PHE C 38 -12.88 6.29 -10.07
C PHE C 38 -13.18 7.43 -9.08
N SER C 39 -14.46 7.67 -8.79
CA SER C 39 -14.81 8.73 -7.86
C SER C 39 -14.28 8.45 -6.46
N TYR C 40 -14.40 7.20 -6.00
CA TYR C 40 -13.90 6.87 -4.67
C TYR C 40 -12.38 6.86 -4.65
N ILE C 41 -11.74 6.35 -5.70
CA ILE C 41 -10.29 6.30 -5.74
C ILE C 41 -9.72 7.72 -5.73
N SER C 42 -10.32 8.62 -6.50
CA SER C 42 -9.88 10.01 -6.51
C SER C 42 -10.14 10.69 -5.17
N PHE C 43 -11.30 10.43 -4.57
CA PHE C 43 -11.63 11.05 -3.29
C PHE C 43 -10.70 10.58 -2.17
N ALA C 44 -10.41 9.29 -2.13
CA ALA C 44 -9.51 8.77 -1.11
C ALA C 44 -8.11 9.33 -1.27
N LEU C 45 -7.66 9.47 -2.50
CA LEU C 45 -6.32 9.99 -2.76
C LEU C 45 -6.19 11.44 -2.32
N VAL C 46 -7.22 12.25 -2.57
CA VAL C 46 -7.13 13.69 -2.30
C VAL C 46 -7.41 13.98 -0.83
N SER C 47 -8.44 13.36 -0.26
CA SER C 47 -8.79 13.64 1.12
C SER C 47 -7.70 13.18 2.08
N ASP C 48 -7.10 12.03 1.81
CA ASP C 48 -6.05 11.47 2.67
C ASP C 48 -4.64 11.83 2.22
N LYS C 49 -4.49 12.58 1.13
CA LYS C 49 -3.18 12.97 0.61
C LYS C 49 -2.27 11.76 0.44
N LEU C 50 -2.83 10.72 -0.17
CA LEU C 50 -2.10 9.46 -0.34
C LEU C 50 -1.01 9.55 -1.38
N TYR C 51 -0.92 10.66 -2.11
CA TYR C 51 0.19 10.93 -3.02
C TYR C 51 1.38 11.56 -2.33
N GLN C 52 1.26 11.87 -1.04
CA GLN C 52 2.28 12.62 -0.32
C GLN C 52 3.12 11.69 0.55
N ARG C 53 4.39 12.07 0.68
CA ARG C 53 5.30 11.37 1.63
C ARG C 53 5.20 12.20 2.92
N LYS C 54 4.72 11.60 4.00
CA LYS C 54 4.45 12.29 5.25
C LYS C 54 5.62 12.12 6.22
N GLU C 55 5.85 13.16 7.02
CA GLU C 55 6.99 13.19 7.92
C GLU C 55 6.63 13.81 9.26
N PRO C 56 6.99 13.17 10.38
CA PRO C 56 6.75 13.79 11.68
C PRO C 56 7.60 15.03 11.88
N VAL C 57 7.08 15.94 12.69
CA VAL C 57 7.71 17.25 12.90
C VAL C 57 8.81 17.13 13.94
N ILE C 58 9.83 17.97 13.78
CA ILE C 58 10.89 18.17 14.76
C ILE C 58 10.70 19.55 15.34
N SER C 59 10.43 19.63 16.65
CA SER C 59 9.98 20.85 17.28
C SER C 59 10.98 21.34 18.32
N SER C 60 11.06 22.67 18.44
CA SER C 60 11.79 23.33 19.51
C SER C 60 10.89 24.41 20.09
N VAL C 61 10.77 24.45 21.41
CA VAL C 61 9.84 25.35 22.09
C VAL C 61 10.64 26.27 23.00
N HIS C 62 10.32 27.56 22.96
CA HIS C 62 10.89 28.56 23.84
C HIS C 62 9.74 29.37 24.43
N THR C 63 9.63 29.38 25.76
CA THR C 63 8.53 30.04 26.44
C THR C 63 9.05 31.18 27.31
N LYS C 64 8.19 32.19 27.50
CA LYS C 64 8.52 33.34 28.34
C LYS C 64 7.26 33.74 29.09
N VAL C 65 7.26 33.56 30.40
CA VAL C 65 6.14 33.92 31.24
C VAL C 65 6.33 35.35 31.73
N LYS C 66 5.24 36.11 31.76
CA LYS C 66 5.26 37.50 32.17
C LYS C 66 4.16 37.73 33.20
N GLY C 67 4.51 38.39 34.30
CA GLY C 67 3.54 38.73 35.32
C GLY C 67 4.21 38.88 36.67
N ILE C 68 3.64 39.76 37.49
CA ILE C 68 4.10 40.01 38.86
C ILE C 68 2.95 39.66 39.80
N ALA C 69 3.29 39.09 40.95
CA ALA C 69 2.30 38.69 41.94
C ALA C 69 2.60 39.33 43.28
N GLU C 70 1.56 39.76 43.97
CA GLU C 70 1.63 40.26 45.34
C GLU C 70 0.95 39.26 46.25
N VAL C 71 1.65 38.83 47.30
CA VAL C 71 1.13 37.85 48.25
C VAL C 71 0.95 38.54 49.60
N THR C 72 -0.26 38.41 50.15
CA THR C 72 -0.62 39.02 51.43
C THR C 72 -0.42 37.98 52.53
N GLU C 73 0.58 38.21 53.37
CA GLU C 73 0.88 37.30 54.48
C GLU C 73 1.45 38.05 55.67
N GLY C 84 4.60 40.60 55.93
CA GLY C 84 3.81 41.68 55.37
C GLY C 84 3.34 41.40 53.95
N HIS C 85 4.03 41.98 52.98
CA HIS C 85 3.73 41.78 51.57
C HIS C 85 5.00 41.36 50.85
N SER C 86 4.94 40.23 50.16
CA SER C 86 6.07 39.66 49.43
C SER C 86 5.78 39.72 47.94
N ILE C 87 6.83 40.02 47.16
CA ILE C 87 6.71 40.21 45.73
C ILE C 87 7.23 38.97 45.02
N PHE C 88 6.48 38.53 44.01
CA PHE C 88 6.86 37.38 43.19
C PHE C 88 6.93 37.84 41.73
N ASP C 89 8.15 37.90 41.20
CA ASP C 89 8.35 38.07 39.78
C ASP C 89 8.78 36.73 39.17
N THR C 90 9.12 36.74 37.88
CA THR C 90 9.35 35.48 37.18
C THR C 90 10.44 34.65 37.82
N ALA C 91 11.42 35.30 38.45
CA ALA C 91 12.46 34.57 39.17
C ALA C 91 11.94 33.93 40.45
N ASP C 92 10.73 34.27 40.88
CA ASP C 92 10.19 33.77 42.14
C ASP C 92 9.16 32.66 41.97
N TYR C 93 8.42 32.64 40.87
CA TYR C 93 7.41 31.60 40.65
C TYR C 93 7.72 30.71 39.45
N THR C 94 8.78 30.98 38.70
CA THR C 94 9.17 30.17 37.56
C THR C 94 10.60 29.67 37.77
N PHE C 95 11.05 28.82 36.87
CA PHE C 95 12.38 28.22 36.90
C PHE C 95 13.07 28.46 35.56
N PRO C 96 14.41 28.39 35.52
CA PRO C 96 15.13 28.71 34.28
C PRO C 96 14.73 27.86 33.07
N LEU C 97 13.96 26.80 33.25
CA LEU C 97 13.52 25.98 32.13
C LEU C 97 12.49 26.72 31.30
N GLN C 98 12.72 26.77 29.98
CA GLN C 98 11.84 27.48 29.06
C GLN C 98 11.60 26.64 27.80
N GLY C 99 11.54 25.33 27.97
CA GLY C 99 11.32 24.44 26.84
C GLY C 99 9.90 23.94 26.75
N ASN C 100 9.73 22.63 26.60
CA ASN C 100 8.41 22.03 26.47
C ASN C 100 7.60 22.09 27.75
N SER C 101 8.23 22.37 28.89
CA SER C 101 7.52 22.46 30.16
C SER C 101 7.96 23.72 30.89
N PHE C 102 7.00 24.40 31.51
CA PHE C 102 7.29 25.44 32.47
C PHE C 102 6.30 25.36 33.62
N PHE C 103 6.76 25.74 34.79
CA PHE C 103 5.97 25.68 36.02
C PHE C 103 5.63 27.08 36.48
N VAL C 104 4.38 27.26 36.91
CA VAL C 104 3.98 28.55 37.54
C VAL C 104 3.45 28.22 38.94
N MET C 105 4.10 28.74 39.97
CA MET C 105 3.66 28.49 41.37
C MET C 105 2.41 29.33 41.65
N THR C 106 1.35 28.69 42.17
CA THR C 106 0.08 29.41 42.42
C THR C 106 -0.25 29.38 43.92
N ASN C 107 0.42 28.49 44.67
CA ASN C 107 0.16 28.37 46.13
C ASN C 107 1.45 27.85 46.79
N TYR C 108 1.62 28.03 48.10
CA TYR C 108 2.83 27.46 48.74
C TYR C 108 2.72 27.40 50.26
N VAL C 109 3.43 26.46 50.87
CA VAL C 109 3.53 26.36 52.32
C VAL C 109 5.02 26.38 52.66
N LYS C 110 5.39 27.19 53.63
CA LYS C 110 6.80 27.36 54.00
C LYS C 110 7.04 26.87 55.42
N SER C 111 8.17 26.18 55.61
CA SER C 111 8.69 25.83 56.93
C SER C 111 10.14 26.26 56.98
N GLU C 112 10.41 27.34 57.71
CA GLU C 112 11.71 27.99 57.69
C GLU C 112 12.57 27.57 58.86
N GLY C 113 13.88 27.77 58.70
CA GLY C 113 14.84 27.53 59.75
C GLY C 113 14.98 26.09 60.18
N GLN C 114 15.04 25.16 59.24
CA GLN C 114 15.20 23.75 59.55
C GLN C 114 16.66 23.40 59.73
N VAL C 115 16.95 22.59 60.74
CA VAL C 115 18.30 22.18 61.10
C VAL C 115 18.34 20.67 61.21
N GLN C 116 19.41 20.06 60.69
CA GLN C 116 19.61 18.62 60.81
C GLN C 116 19.95 18.30 62.27
N THR C 117 18.96 17.82 63.01
CA THR C 117 19.13 17.49 64.42
C THR C 117 18.05 16.49 64.81
N LEU C 118 17.86 16.32 66.12
CA LEU C 118 16.82 15.46 66.65
C LEU C 118 15.64 16.30 67.11
N CYS C 119 14.43 15.83 66.82
CA CYS C 119 13.22 16.56 67.16
C CYS C 119 12.07 15.57 67.25
N PRO C 120 11.02 15.91 67.98
CA PRO C 120 9.82 15.07 67.97
C PRO C 120 9.09 15.16 66.63
N GLU C 121 8.38 14.08 66.30
CA GLU C 121 7.56 14.08 65.11
C GLU C 121 6.40 15.05 65.26
N TYR C 122 5.90 15.55 64.13
CA TYR C 122 4.69 16.34 64.17
C TYR C 122 3.50 15.45 64.49
N PRO C 123 2.59 15.90 65.35
CA PRO C 123 1.42 15.06 65.69
C PRO C 123 0.52 14.80 64.49
N ARG C 124 0.49 13.54 64.06
CA ARG C 124 -0.36 13.10 62.96
C ARG C 124 -1.46 12.19 63.51
N ARG C 125 -2.22 11.59 62.59
CA ARG C 125 -3.31 10.71 63.00
C ARG C 125 -2.84 9.53 63.82
N GLY C 126 -1.58 9.12 63.66
CA GLY C 126 -1.04 8.02 64.45
C GLY C 126 0.39 8.24 64.89
N ALA C 127 0.82 9.49 64.98
CA ALA C 127 2.19 9.81 65.35
C ALA C 127 2.37 9.99 66.86
N GLN C 128 1.29 9.96 67.63
CA GLN C 128 1.41 10.09 69.08
C GLN C 128 1.92 8.79 69.69
N CYS C 129 2.54 8.90 70.86
CA CYS C 129 3.04 7.74 71.59
C CYS C 129 2.81 7.97 73.08
N SER C 130 2.73 6.86 73.81
CA SER C 130 2.63 6.89 75.26
C SER C 130 3.75 6.14 75.95
N SER C 131 4.59 5.41 75.22
CA SER C 131 5.71 4.68 75.79
C SER C 131 6.74 4.47 74.69
N ASP C 132 7.99 4.22 75.11
CA ASP C 132 9.04 3.98 74.13
C ASP C 132 8.84 2.67 73.38
N ARG C 133 8.00 1.77 73.91
CA ARG C 133 7.70 0.53 73.20
C ARG C 133 6.93 0.77 71.91
N ARG C 134 6.18 1.87 71.82
CA ARG C 134 5.49 2.19 70.58
C ARG C 134 6.47 2.61 69.49
N CYS C 135 7.44 3.47 69.83
CA CYS C 135 8.45 3.89 68.88
C CYS C 135 9.44 2.75 68.61
N LYS C 136 9.95 2.71 67.38
CA LYS C 136 10.92 1.71 66.97
C LYS C 136 12.13 2.42 66.39
N LYS C 137 13.32 2.10 66.92
CA LYS C 137 14.54 2.74 66.45
C LYS C 137 14.82 2.31 65.01
N GLY C 138 15.19 3.27 64.17
CA GLY C 138 15.48 3.01 62.79
C GLY C 138 14.26 2.90 61.89
N TRP C 139 13.06 3.03 62.43
CA TRP C 139 11.86 2.90 61.62
C TRP C 139 11.72 4.07 60.65
N MET C 140 11.12 3.80 59.50
CA MET C 140 10.98 4.78 58.42
C MET C 140 9.49 4.87 58.10
N ASP C 141 8.81 5.78 58.77
CA ASP C 141 7.38 5.95 58.54
C ASP C 141 7.15 6.54 57.15
N PRO C 142 6.31 5.92 56.32
CA PRO C 142 6.07 6.48 54.96
C PRO C 142 5.55 7.90 54.98
N GLN C 143 4.82 8.30 56.02
CA GLN C 143 4.27 9.64 56.12
C GLN C 143 5.17 10.60 56.87
N SER C 144 6.35 10.16 57.31
CA SER C 144 7.27 10.99 58.07
C SER C 144 8.47 11.39 57.23
N LYS C 145 9.15 12.43 57.68
CA LYS C 145 10.35 12.94 57.01
C LYS C 145 11.62 12.68 57.81
N GLY C 146 11.57 11.72 58.74
CA GLY C 146 12.74 11.38 59.53
C GLY C 146 12.75 9.90 59.87
N ILE C 147 13.86 9.48 60.46
CA ILE C 147 14.06 8.10 60.90
C ILE C 147 14.02 8.08 62.43
N GLN C 148 13.15 7.23 62.97
CA GLN C 148 12.94 7.20 64.41
C GLN C 148 14.15 6.66 65.15
N THR C 149 14.29 7.10 66.40
CA THR C 149 15.35 6.64 67.28
C THR C 149 14.83 5.80 68.44
N GLY C 150 13.52 5.51 68.45
CA GLY C 150 12.93 4.69 69.50
C GLY C 150 12.62 5.43 70.78
N ARG C 151 12.63 6.76 70.77
CA ARG C 151 12.39 7.57 71.95
C ARG C 151 11.13 8.40 71.75
N CYS C 152 10.25 8.39 72.75
CA CYS C 152 8.97 9.11 72.70
C CYS C 152 9.14 10.41 73.48
N VAL C 153 9.74 11.41 72.83
CA VAL C 153 9.99 12.71 73.43
C VAL C 153 8.71 13.53 73.37
N PRO C 154 8.56 14.57 74.20
CA PRO C 154 7.34 15.40 74.14
C PRO C 154 7.42 16.41 73.00
N TYR C 155 6.35 16.48 72.20
CA TYR C 155 6.23 17.53 71.20
C TYR C 155 5.71 18.82 71.83
N ASP C 156 4.54 18.75 72.45
CA ASP C 156 4.00 19.86 73.21
C ASP C 156 3.55 19.35 74.59
N LYS C 157 2.87 20.18 75.35
CA LYS C 157 2.39 19.76 76.67
C LYS C 157 1.33 18.67 76.55
N THR C 158 0.46 18.77 75.55
CA THR C 158 -0.69 17.87 75.47
C THR C 158 -0.26 16.45 75.10
N ARG C 159 0.59 16.30 74.08
CA ARG C 159 0.88 14.98 73.54
C ARG C 159 2.37 14.82 73.29
N LYS C 160 2.77 13.56 73.12
CA LYS C 160 4.16 13.18 72.87
C LYS C 160 4.25 12.44 71.54
N THR C 161 5.37 12.64 70.83
CA THR C 161 5.60 12.00 69.55
C THR C 161 7.00 11.39 69.51
N CYS C 162 7.15 10.38 68.67
CA CYS C 162 8.43 9.67 68.58
C CYS C 162 9.52 10.59 68.05
N GLU C 163 10.69 10.52 68.66
CA GLU C 163 11.83 11.32 68.21
C GLU C 163 12.36 10.77 66.89
N VAL C 164 12.72 11.67 65.98
CA VAL C 164 13.25 11.30 64.68
C VAL C 164 14.49 12.13 64.38
N SER C 165 15.33 11.59 63.51
CA SER C 165 16.44 12.32 62.93
C SER C 165 15.95 12.92 61.62
N ALA C 166 15.89 14.25 61.56
CA ALA C 166 15.35 14.92 60.39
C ALA C 166 15.79 16.38 60.41
N TRP C 167 15.37 17.12 59.39
CA TRP C 167 15.43 18.58 59.46
C TRP C 167 14.37 19.07 60.44
N CYS C 168 14.78 19.93 61.37
CA CYS C 168 13.89 20.20 62.48
C CYS C 168 13.61 21.69 62.62
N PRO C 169 12.37 22.07 62.95
CA PRO C 169 11.25 21.14 63.16
C PRO C 169 10.67 20.59 61.86
N THR C 170 10.11 19.38 61.93
CA THR C 170 9.55 18.75 60.74
C THR C 170 8.38 19.56 60.21
N GLU C 171 8.17 19.48 58.89
CA GLU C 171 7.08 20.21 58.27
C GLU C 171 5.74 19.70 58.79
N GLU C 172 4.87 20.63 59.17
CA GLU C 172 3.56 20.27 59.67
C GLU C 172 2.68 19.80 58.51
N GLU C 173 1.71 18.94 58.85
CA GLU C 173 0.73 18.47 57.88
C GLU C 173 -0.29 19.57 57.63
N LYS C 174 0.21 20.64 56.99
CA LYS C 174 -0.65 21.81 56.71
C LYS C 174 -1.19 21.72 55.28
N GLU C 175 -2.49 21.91 55.12
CA GLU C 175 -3.12 21.90 53.82
C GLU C 175 -2.67 23.12 53.01
N ALA C 176 -2.83 23.02 51.70
CA ALA C 176 -2.55 24.16 50.84
C ALA C 176 -3.52 25.29 51.17
N PRO C 177 -3.06 26.53 51.23
CA PRO C 177 -3.97 27.64 51.53
C PRO C 177 -5.08 27.74 50.50
N ARG C 178 -6.27 28.09 50.97
CA ARG C 178 -7.42 28.35 50.11
C ARG C 178 -8.02 29.68 50.53
N PRO C 179 -8.10 30.68 49.63
CA PRO C 179 -7.70 30.63 48.22
C PRO C 179 -6.19 30.64 48.00
N ALA C 180 -5.76 30.30 46.80
CA ALA C 180 -4.34 30.20 46.49
C ALA C 180 -3.64 31.53 46.70
N LEU C 181 -2.42 31.48 47.23
CA LEU C 181 -1.68 32.69 47.55
C LEU C 181 -1.34 33.47 46.29
N LEU C 182 -1.03 32.78 45.20
CA LEU C 182 -0.68 33.40 43.92
C LEU C 182 -1.72 33.11 42.85
N ARG C 183 -3.01 33.22 43.21
CA ARG C 183 -4.07 32.99 42.24
C ARG C 183 -4.16 34.12 41.22
N SER C 184 -3.47 35.24 41.44
CA SER C 184 -3.36 36.29 40.43
C SER C 184 -2.51 35.86 39.24
N ALA C 185 -1.90 34.68 39.29
CA ALA C 185 -1.24 34.11 38.13
C ALA C 185 -2.20 33.83 36.99
N GLU C 186 -3.51 33.84 37.26
CA GLU C 186 -4.51 33.76 36.21
C GLU C 186 -4.31 34.82 35.14
N ASN C 187 -3.86 36.00 35.54
CA ASN C 187 -3.65 37.12 34.64
C ASN C 187 -2.24 37.17 34.06
N PHE C 188 -1.39 36.19 34.40
CA PHE C 188 -0.10 36.09 33.76
C PHE C 188 -0.26 35.67 32.31
N THR C 189 0.72 36.02 31.49
CA THR C 189 0.74 35.62 30.09
C THR C 189 2.05 34.88 29.80
N VAL C 190 1.97 33.94 28.88
CA VAL C 190 3.15 33.24 28.38
C VAL C 190 3.23 33.45 26.87
N LEU C 191 4.40 33.82 26.39
CA LEU C 191 4.69 33.87 24.97
C LEU C 191 5.40 32.57 24.59
N ILE C 192 4.87 31.89 23.56
CA ILE C 192 5.40 30.61 23.12
C ILE C 192 6.01 30.79 21.74
N LYS C 193 7.29 30.45 21.62
CA LYS C 193 8.00 30.43 20.35
C LYS C 193 8.24 28.98 19.96
N ASN C 194 7.67 28.56 18.83
CA ASN C 194 7.77 27.19 18.36
C ASN C 194 8.48 27.17 17.02
N ASN C 195 9.68 26.60 17.00
CA ASN C 195 10.41 26.34 15.77
C ASN C 195 10.18 24.88 15.39
N ILE C 196 9.71 24.65 14.17
CA ILE C 196 9.47 23.29 13.70
C ILE C 196 10.25 23.07 12.41
N HIS C 197 10.52 21.80 12.13
CA HIS C 197 11.39 21.44 11.02
C HIS C 197 10.97 20.07 10.48
N PHE C 198 11.11 19.92 9.17
CA PHE C 198 10.91 18.63 8.50
C PHE C 198 12.21 18.25 7.83
N PRO C 199 13.06 17.44 8.47
CA PRO C 199 14.37 17.15 7.89
C PRO C 199 14.32 16.42 6.56
N GLY C 200 13.33 15.55 6.36
CA GLY C 200 13.21 14.87 5.08
C GLY C 200 12.87 15.82 3.94
N HIS C 201 11.92 16.72 4.18
CA HIS C 201 11.54 17.71 3.19
C HIS C 201 12.40 18.97 3.24
N ASN C 202 13.27 19.09 4.24
CA ASN C 202 14.15 20.26 4.40
C ASN C 202 13.35 21.55 4.46
N TYR C 203 12.31 21.56 5.30
CA TYR C 203 11.45 22.73 5.47
C TYR C 203 11.47 23.16 6.92
N THR C 204 11.63 24.46 7.15
CA THR C 204 11.63 25.05 8.48
C THR C 204 10.65 26.21 8.52
N THR C 205 9.90 26.31 9.61
CA THR C 205 9.06 27.47 9.87
C THR C 205 8.88 27.63 11.36
N ARG C 206 8.28 28.76 11.75
CA ARG C 206 8.01 29.05 13.15
C ARG C 206 6.58 29.53 13.29
N ASN C 207 6.09 29.50 14.54
CA ASN C 207 4.69 29.83 14.80
C ASN C 207 4.42 31.33 14.82
N ILE C 208 5.44 32.16 14.99
CA ILE C 208 5.26 33.60 15.06
C ILE C 208 5.51 34.19 13.68
N LEU C 209 4.47 34.79 13.11
CA LEU C 209 4.56 35.46 11.83
C LEU C 209 5.11 36.87 12.01
N PRO C 210 5.70 37.44 10.96
CA PRO C 210 6.14 38.84 11.04
C PRO C 210 5.01 39.82 11.29
N THR C 211 3.77 39.47 10.95
CA THR C 211 2.64 40.35 11.18
C THR C 211 2.20 40.39 12.63
N MET C 212 2.65 39.44 13.45
CA MET C 212 2.22 39.39 14.84
C MET C 212 2.86 40.52 15.64
N ASN C 213 2.07 41.18 16.46
CA ASN C 213 2.53 42.24 17.34
C ASN C 213 2.53 41.76 18.78
N GLY C 214 3.25 42.49 19.63
CA GLY C 214 3.35 42.13 21.03
C GLY C 214 2.14 42.47 21.86
N SER C 215 1.20 43.23 21.31
CA SER C 215 -0.02 43.58 22.02
C SER C 215 -1.14 42.57 21.83
N CYS C 216 -0.92 41.55 21.01
CA CYS C 216 -1.94 40.54 20.78
C CYS C 216 -2.08 39.62 21.97
N THR C 217 -3.27 39.02 22.09
CA THR C 217 -3.52 37.92 23.00
C THR C 217 -4.32 36.87 22.24
N PHE C 218 -4.05 35.61 22.54
CA PHE C 218 -4.71 34.53 21.82
C PHE C 218 -6.21 34.53 22.08
N HIS C 219 -6.98 34.37 21.02
CA HIS C 219 -8.40 34.12 21.11
C HIS C 219 -8.75 33.02 20.12
N LYS C 220 -9.69 32.17 20.49
CA LYS C 220 -10.02 31.03 19.63
C LYS C 220 -10.56 31.47 18.27
N THR C 221 -11.28 32.59 18.24
CA THR C 221 -11.85 33.08 16.99
C THR C 221 -11.30 34.44 16.55
N TRP C 222 -10.92 35.30 17.48
CA TRP C 222 -10.47 36.65 17.10
C TRP C 222 -8.98 36.70 16.76
N ASP C 223 -8.14 36.02 17.54
CA ASP C 223 -6.70 35.98 17.28
C ASP C 223 -6.18 34.56 17.47
N PRO C 224 -6.57 33.64 16.59
CA PRO C 224 -6.16 32.24 16.76
C PRO C 224 -4.71 31.95 16.43
N GLN C 225 -3.95 32.92 15.92
CA GLN C 225 -2.55 32.71 15.58
C GLN C 225 -1.60 33.47 16.49
N CYS C 226 -2.10 34.25 17.43
CA CYS C 226 -1.24 34.90 18.41
C CYS C 226 -0.81 33.87 19.45
N SER C 227 0.51 33.80 19.70
CA SER C 227 1.07 32.82 20.61
C SER C 227 1.39 33.41 21.98
N ILE C 228 0.65 34.45 22.38
CA ILE C 228 0.67 34.96 23.75
C ILE C 228 -0.65 34.56 24.40
N PHE C 229 -0.56 33.79 25.47
CA PHE C 229 -1.72 33.19 26.11
C PHE C 229 -1.83 33.66 27.55
N ARG C 230 -3.03 34.14 27.93
CA ARG C 230 -3.35 34.30 29.33
C ARG C 230 -3.60 32.93 29.96
N LEU C 231 -3.02 32.73 31.16
CA LEU C 231 -3.14 31.42 31.80
C LEU C 231 -4.59 31.09 32.15
N GLY C 232 -5.33 32.08 32.66
CA GLY C 232 -6.74 31.86 32.91
C GLY C 232 -7.53 31.58 31.64
N ASP C 233 -7.14 32.22 30.54
CA ASP C 233 -7.78 31.92 29.26
C ASP C 233 -7.47 30.49 28.81
N ILE C 234 -6.25 30.03 29.05
CA ILE C 234 -5.90 28.65 28.76
C ILE C 234 -6.79 27.70 29.54
N PHE C 235 -7.01 28.00 30.83
CA PHE C 235 -7.85 27.14 31.64
C PHE C 235 -9.30 27.19 31.22
N GLN C 236 -9.79 28.37 30.81
CA GLN C 236 -11.16 28.47 30.31
C GLN C 236 -11.34 27.66 29.03
N GLU C 237 -10.37 27.70 28.12
CA GLU C 237 -10.46 26.95 26.88
C GLU C 237 -10.37 25.45 27.09
N ALA C 238 -9.83 25.01 28.22
CA ALA C 238 -9.79 23.58 28.55
C ALA C 238 -10.99 23.15 29.39
N GLY C 239 -11.89 24.06 29.73
CA GLY C 239 -13.01 23.72 30.59
C GLY C 239 -12.67 23.61 32.06
N GLU C 240 -11.59 24.26 32.50
CA GLU C 240 -11.15 24.17 33.88
C GLU C 240 -11.25 25.54 34.55
N ASN C 241 -11.22 25.51 35.87
CA ASN C 241 -11.27 26.72 36.69
C ASN C 241 -9.88 26.96 37.25
N PHE C 242 -9.22 28.04 36.81
CA PHE C 242 -7.88 28.33 37.28
C PHE C 242 -7.84 28.54 38.78
N THR C 243 -8.85 29.25 39.32
CA THR C 243 -8.87 29.56 40.74
C THR C 243 -8.94 28.29 41.59
N GLU C 244 -9.75 27.32 41.18
CA GLU C 244 -9.87 26.09 41.94
C GLU C 244 -8.64 25.19 41.78
N VAL C 245 -8.13 25.05 40.55
CA VAL C 245 -6.95 24.23 40.32
C VAL C 245 -5.71 24.82 40.97
N ALA C 246 -5.69 26.14 41.18
CA ALA C 246 -4.51 26.80 41.73
C ALA C 246 -4.22 26.40 43.17
N VAL C 247 -5.23 25.93 43.91
CA VAL C 247 -5.03 25.61 45.32
C VAL C 247 -4.07 24.44 45.49
N GLN C 248 -4.29 23.35 44.75
CA GLN C 248 -3.45 22.17 44.85
C GLN C 248 -2.56 21.95 43.64
N GLY C 249 -2.76 22.70 42.57
CA GLY C 249 -1.96 22.57 41.38
C GLY C 249 -2.53 21.60 40.38
N GLY C 250 -1.85 21.49 39.25
CA GLY C 250 -2.26 20.59 38.20
C GLY C 250 -1.31 20.67 37.04
N ILE C 251 -1.60 19.87 36.02
CA ILE C 251 -0.81 19.84 34.79
C ILE C 251 -1.73 20.22 33.64
N MET C 252 -1.34 21.25 32.89
CA MET C 252 -2.11 21.74 31.76
C MET C 252 -1.33 21.51 30.49
N GLY C 253 -1.99 20.94 29.48
CA GLY C 253 -1.36 20.68 28.20
C GLY C 253 -1.71 21.74 27.19
N ILE C 254 -0.68 22.33 26.60
CA ILE C 254 -0.82 23.26 25.48
C ILE C 254 -0.39 22.51 24.23
N GLU C 255 -1.36 22.15 23.40
CA GLU C 255 -1.09 21.35 22.21
C GLU C 255 -0.91 22.25 21.00
N ILE C 256 0.21 22.07 20.31
CA ILE C 256 0.48 22.78 19.07
C ILE C 256 0.47 21.73 17.96
N TYR C 257 -0.55 21.78 17.12
CA TYR C 257 -0.73 20.83 16.05
C TYR C 257 -0.32 21.46 14.73
N TRP C 258 0.52 20.76 13.98
CA TRP C 258 1.05 21.24 12.71
C TRP C 258 0.57 20.30 11.60
N ASP C 259 -0.51 20.67 10.93
CA ASP C 259 -0.96 19.98 9.72
C ASP C 259 -0.44 20.79 8.54
N CYS C 260 0.69 20.37 7.99
CA CYS C 260 1.44 21.17 7.03
C CYS C 260 1.45 20.51 5.67
N ASN C 261 1.04 21.26 4.65
CA ASN C 261 1.13 20.84 3.26
C ASN C 261 2.26 21.61 2.61
N LEU C 262 3.28 20.89 2.16
CA LEU C 262 4.48 21.51 1.61
C LEU C 262 4.49 21.54 0.09
N ASP C 263 3.38 21.16 -0.55
CA ASP C 263 3.28 21.29 -1.99
C ASP C 263 3.11 22.75 -2.39
N SER C 264 3.75 23.14 -3.49
CA SER C 264 3.77 24.55 -3.87
C SER C 264 2.37 25.06 -4.21
N TRP C 265 1.53 24.22 -4.80
CA TRP C 265 0.21 24.65 -5.21
C TRP C 265 -0.82 24.64 -4.09
N SER C 266 -0.52 23.99 -2.97
CA SER C 266 -1.44 23.96 -1.83
C SER C 266 -0.66 24.14 -0.53
N HIS C 267 0.27 25.09 -0.51
CA HIS C 267 1.17 25.25 0.62
C HIS C 267 0.47 25.90 1.80
N HIS C 268 0.59 25.26 2.97
CA HIS C 268 0.13 25.85 4.22
C HIS C 268 0.79 25.11 5.37
N CYS C 269 1.54 25.85 6.21
CA CYS C 269 2.17 25.28 7.40
C CYS C 269 1.95 26.26 8.55
N ARG C 270 0.82 26.10 9.24
CA ARG C 270 0.45 26.93 10.36
C ARG C 270 0.01 26.07 11.53
N PRO C 271 0.21 26.54 12.76
CA PRO C 271 -0.17 25.73 13.92
C PRO C 271 -1.61 25.93 14.35
N ARG C 272 -2.10 24.91 15.06
CA ARG C 272 -3.46 24.97 15.66
C ARG C 272 -3.26 24.77 17.16
N TYR C 273 -3.81 25.66 18.00
CA TYR C 273 -3.63 25.65 19.44
C TYR C 273 -4.86 25.07 20.12
N SER C 274 -4.64 24.07 20.96
CA SER C 274 -5.69 23.48 21.78
C SER C 274 -5.14 23.27 23.19
N PHE C 275 -6.04 23.12 24.14
CA PHE C 275 -5.69 23.07 25.55
C PHE C 275 -6.42 21.90 26.21
N ARG C 276 -5.69 21.14 27.01
CA ARG C 276 -6.21 19.93 27.61
C ARG C 276 -5.55 19.73 28.97
N ARG C 277 -6.35 19.51 30.00
CA ARG C 277 -5.79 19.22 31.31
C ARG C 277 -5.21 17.81 31.33
N LEU C 278 -3.97 17.70 31.76
CA LEU C 278 -3.28 16.41 31.84
C LEU C 278 -3.29 15.83 33.24
N ASP C 279 -3.59 16.64 34.25
CA ASP C 279 -3.84 16.16 35.60
C ASP C 279 -5.15 15.38 35.65
N ASP C 280 -5.21 14.40 36.54
CA ASP C 280 -6.44 13.66 36.79
C ASP C 280 -7.08 14.22 38.06
N LYS C 281 -8.15 15.00 37.88
CA LYS C 281 -8.84 15.58 39.03
C LYS C 281 -9.48 14.53 39.92
N ASN C 282 -9.82 13.36 39.37
CA ASN C 282 -10.40 12.27 40.13
C ASN C 282 -9.34 11.35 40.72
N THR C 283 -8.12 11.85 40.92
CA THR C 283 -7.06 11.04 41.49
C THR C 283 -7.42 10.62 42.91
N ASP C 284 -7.15 9.36 43.23
CA ASP C 284 -7.33 8.87 44.58
C ASP C 284 -6.35 9.57 45.53
N GLU C 285 -6.77 9.76 46.78
CA GLU C 285 -6.02 10.60 47.71
C GLU C 285 -4.63 10.06 48.01
N SER C 286 -4.41 8.75 47.87
CA SER C 286 -3.08 8.19 48.15
C SER C 286 -2.07 8.55 47.08
N PHE C 287 -2.51 9.00 45.91
CA PHE C 287 -1.62 9.36 44.82
C PHE C 287 -1.34 10.86 44.75
N VAL C 288 -1.69 11.60 45.80
CA VAL C 288 -1.45 13.04 45.90
C VAL C 288 -2.01 13.79 44.69
N PRO C 289 -3.33 13.99 44.61
CA PRO C 289 -3.90 14.75 43.49
C PRO C 289 -3.36 16.17 43.44
N GLY C 290 -3.28 16.71 42.23
CA GLY C 290 -2.77 18.04 42.01
C GLY C 290 -1.36 18.05 41.45
N TYR C 291 -0.60 19.10 41.74
CA TYR C 291 0.81 19.14 41.35
C TYR C 291 1.55 19.98 42.37
N ASN C 292 2.55 19.39 43.01
CA ASN C 292 3.38 20.10 43.97
C ASN C 292 4.74 19.43 44.05
N PHE C 293 5.70 20.17 44.61
CA PHE C 293 7.00 19.62 44.92
C PHE C 293 7.59 20.40 46.08
N ARG C 294 8.53 19.76 46.77
CA ARG C 294 9.26 20.38 47.86
C ARG C 294 10.67 20.72 47.40
N TYR C 295 11.06 21.97 47.64
CA TYR C 295 12.44 22.39 47.40
C TYR C 295 12.93 23.20 48.58
N ALA C 296 14.25 23.24 48.74
CA ALA C 296 14.88 23.83 49.91
C ALA C 296 15.79 24.97 49.50
N LYS C 297 15.76 26.04 50.29
CA LYS C 297 16.70 27.15 50.16
C LYS C 297 17.73 27.01 51.26
N TYR C 298 18.95 26.62 50.89
CA TYR C 298 20.00 26.34 51.86
C TYR C 298 20.79 27.61 52.17
N TYR C 299 21.08 27.81 53.45
CA TYR C 299 21.86 28.96 53.89
C TYR C 299 22.52 28.62 55.22
N LYS C 300 23.55 29.38 55.56
CA LYS C 300 24.25 29.23 56.82
C LYS C 300 23.87 30.35 57.76
N GLU C 301 23.71 30.02 59.04
CA GLU C 301 23.40 30.99 60.08
C GLU C 301 24.04 30.54 61.37
N ASN C 302 24.89 31.39 61.96
CA ASN C 302 25.62 31.06 63.18
C ASN C 302 26.44 29.78 63.01
N ASN C 303 27.09 29.64 61.86
CA ASN C 303 27.91 28.47 61.52
C ASN C 303 27.09 27.19 61.56
N VAL C 304 25.81 27.27 61.20
CA VAL C 304 24.91 26.12 61.17
C VAL C 304 24.27 26.05 59.79
N GLU C 305 24.30 24.86 59.20
CA GLU C 305 23.69 24.63 57.89
C GLU C 305 22.18 24.60 58.06
N LYS C 306 21.51 25.67 57.65
CA LYS C 306 20.07 25.81 57.78
C LYS C 306 19.40 25.64 56.42
N ARG C 307 18.08 25.42 56.48
CA ARG C 307 17.29 25.27 55.22
C ARG C 307 15.84 25.71 55.41
N THR C 308 15.35 26.48 54.45
CA THR C 308 13.94 26.80 54.38
C THR C 308 13.29 25.86 53.37
N LEU C 309 12.31 25.08 53.82
CA LEU C 309 11.62 24.12 52.97
C LEU C 309 10.31 24.72 52.50
N ILE C 310 10.12 24.73 51.19
CA ILE C 310 8.91 25.25 50.56
C ILE C 310 8.22 24.11 49.84
N LYS C 311 6.94 23.91 50.13
CA LYS C 311 6.08 23.03 49.35
C LYS C 311 5.33 23.90 48.36
N ALA C 312 5.75 23.85 47.10
CA ALA C 312 5.22 24.72 46.06
C ALA C 312 4.11 24.01 45.32
N PHE C 313 2.93 24.62 45.27
CA PHE C 313 1.84 24.18 44.44
C PHE C 313 1.75 25.09 43.22
N GLY C 314 1.32 24.53 42.11
CA GLY C 314 1.16 25.34 40.91
C GLY C 314 0.84 24.49 39.72
N ILE C 315 0.77 25.16 38.57
CA ILE C 315 0.43 24.53 37.31
C ILE C 315 1.72 24.27 36.54
N ARG C 316 1.93 23.01 36.16
CA ARG C 316 2.93 22.67 35.17
C ARG C 316 2.27 22.71 33.80
N PHE C 317 2.84 23.49 32.89
CA PHE C 317 2.32 23.60 31.54
C PHE C 317 3.21 22.79 30.61
N ASP C 318 2.64 21.79 29.94
CA ASP C 318 3.36 20.97 28.98
C ASP C 318 3.01 21.45 27.58
N ILE C 319 4.03 21.83 26.81
CA ILE C 319 3.86 22.22 25.42
C ILE C 319 4.04 20.95 24.58
N LEU C 320 2.94 20.41 24.10
CA LEU C 320 2.95 19.20 23.28
C LEU C 320 2.81 19.61 21.82
N VAL C 321 3.90 19.48 21.07
CA VAL C 321 3.95 19.88 19.67
C VAL C 321 4.02 18.60 18.83
N PHE C 322 3.04 18.43 17.96
CA PHE C 322 2.94 17.26 17.11
C PHE C 322 2.40 17.69 15.76
N GLY C 323 2.50 16.81 14.79
CA GLY C 323 2.00 17.10 13.47
C GLY C 323 2.85 16.43 12.41
N THR C 324 2.43 16.64 11.17
CA THR C 324 3.04 15.98 10.03
C THR C 324 3.21 16.98 8.90
N GLY C 325 4.25 16.78 8.11
CA GLY C 325 4.47 17.57 6.92
C GLY C 325 4.48 16.68 5.69
N GLY C 326 3.58 16.95 4.75
CA GLY C 326 3.43 16.14 3.55
C GLY C 326 3.88 16.91 2.31
N LYS C 327 4.55 16.20 1.42
CA LYS C 327 4.94 16.73 0.12
C LYS C 327 4.73 15.63 -0.91
N PHE C 328 4.41 16.03 -2.14
CA PHE C 328 4.11 15.08 -3.19
C PHE C 328 5.30 14.14 -3.42
N ASP C 329 5.00 12.84 -3.49
CA ASP C 329 5.98 11.81 -3.76
C ASP C 329 5.50 10.98 -4.93
N ILE C 330 6.35 10.80 -5.93
CA ILE C 330 5.95 10.06 -7.12
C ILE C 330 5.80 8.58 -6.80
N ILE C 331 6.68 8.04 -5.97
CA ILE C 331 6.62 6.63 -5.61
C ILE C 331 5.38 6.35 -4.76
N GLN C 332 5.00 7.29 -3.90
CA GLN C 332 3.78 7.15 -3.12
C GLN C 332 2.56 7.12 -4.02
N LEU C 333 2.53 7.98 -5.04
CA LEU C 333 1.41 7.97 -5.98
C LEU C 333 1.37 6.69 -6.80
N VAL C 334 2.52 6.21 -7.26
CA VAL C 334 2.56 5.00 -8.07
C VAL C 334 2.07 3.80 -7.27
N VAL C 335 2.49 3.70 -6.01
CA VAL C 335 2.05 2.59 -5.17
C VAL C 335 0.55 2.65 -4.92
N TYR C 336 0.01 3.83 -4.67
CA TYR C 336 -1.43 3.96 -4.43
C TYR C 336 -2.22 3.62 -5.69
N ILE C 337 -1.79 4.11 -6.85
CA ILE C 337 -2.51 3.84 -8.08
C ILE C 337 -2.48 2.35 -8.41
N GLY C 338 -1.32 1.71 -8.26
CA GLY C 338 -1.24 0.28 -8.48
C GLY C 338 -2.08 -0.52 -7.51
N SER C 339 -2.26 -0.01 -6.29
CA SER C 339 -3.07 -0.71 -5.29
C SER C 339 -4.57 -0.49 -5.49
N THR C 340 -4.97 0.36 -6.44
CA THR C 340 -6.38 0.57 -6.73
C THR C 340 -6.74 0.20 -8.16
N LEU C 341 -5.79 -0.31 -8.95
CA LEU C 341 -6.08 -0.67 -10.33
C LEU C 341 -6.97 -1.91 -10.44
N SER C 342 -6.84 -2.84 -9.49
CA SER C 342 -7.66 -4.06 -9.52
C SER C 342 -9.14 -3.77 -9.29
N TYR C 343 -9.48 -2.61 -8.73
CA TYR C 343 -10.87 -2.27 -8.49
C TYR C 343 -11.63 -1.93 -9.77
N PHE C 344 -10.92 -1.69 -10.87
CA PHE C 344 -11.58 -1.44 -12.14
C PHE C 344 -12.05 -2.71 -12.82
N GLY C 345 -11.73 -3.88 -12.27
CA GLY C 345 -12.32 -5.13 -12.69
C GLY C 345 -13.66 -5.43 -12.06
N LEU C 346 -14.16 -4.51 -11.22
CA LEU C 346 -15.44 -4.73 -10.56
C LEU C 346 -16.59 -4.79 -11.56
N ALA C 347 -16.57 -3.91 -12.56
CA ALA C 347 -17.63 -3.93 -13.57
C ALA C 347 -17.61 -5.24 -14.34
N THR C 348 -16.42 -5.72 -14.72
CA THR C 348 -16.32 -6.99 -15.41
C THR C 348 -16.83 -8.13 -14.53
N VAL C 349 -16.44 -8.14 -13.25
CA VAL C 349 -16.88 -9.20 -12.35
C VAL C 349 -18.40 -9.20 -12.22
N CYS C 350 -18.98 -8.01 -12.02
CA CYS C 350 -20.43 -7.92 -11.82
C CYS C 350 -21.19 -8.34 -13.07
N ILE C 351 -20.80 -7.83 -14.24
CA ILE C 351 -21.56 -8.15 -15.45
C ILE C 351 -21.35 -9.60 -15.86
N ASP C 352 -20.15 -10.14 -15.66
CA ASP C 352 -19.93 -11.56 -15.95
C ASP C 352 -20.72 -12.44 -15.00
N LEU C 353 -20.84 -12.04 -13.74
CA LEU C 353 -21.69 -12.76 -12.80
C LEU C 353 -23.15 -12.71 -13.25
N LEU C 354 -23.60 -11.56 -13.74
CA LEU C 354 -24.96 -11.46 -14.28
C LEU C 354 -25.15 -12.38 -15.46
N ILE C 355 -24.17 -12.45 -16.36
CA ILE C 355 -24.28 -13.28 -17.55
C ILE C 355 -24.30 -14.76 -17.16
N ASN C 356 -23.41 -15.17 -16.25
CA ASN C 356 -23.32 -16.57 -15.87
C ASN C 356 -24.50 -17.01 -15.01
N THR C 357 -25.12 -16.09 -14.29
CA THR C 357 -26.21 -16.44 -13.39
C THR C 357 -27.56 -16.46 -14.10
N TYR C 358 -27.85 -15.45 -14.90
CA TYR C 358 -29.15 -15.34 -15.56
C TYR C 358 -29.25 -16.24 -16.79
N SER C 359 -28.22 -17.01 -17.10
CA SER C 359 -28.26 -17.97 -18.19
C SER C 359 -28.66 -19.37 -17.71
N SER C 360 -28.95 -19.54 -16.43
CA SER C 360 -29.29 -20.85 -15.91
C SER C 360 -30.77 -21.15 -16.17
N ALA C 361 -31.08 -22.45 -16.20
CA ALA C 361 -32.42 -22.92 -16.51
C ALA C 361 -33.40 -22.73 -15.34
N PHE C 362 -32.90 -22.47 -14.14
CA PHE C 362 -33.79 -22.27 -13.00
C PHE C 362 -34.36 -20.85 -13.01
N CYS C 363 -33.89 -20.03 -13.94
CA CYS C 363 -34.41 -18.71 -14.12
C CYS C 363 -35.84 -18.72 -14.63
N ARG C 364 -36.03 -19.53 -15.67
CA ARG C 364 -37.34 -19.73 -16.27
C ARG C 364 -38.19 -20.65 -15.39
N SER C 365 -37.51 -21.57 -14.70
CA SER C 365 -38.21 -22.58 -13.92
C SER C 365 -38.82 -21.99 -12.65
N GLY C 366 -38.06 -21.17 -11.92
CA GLY C 366 -38.50 -20.78 -10.60
C GLY C 366 -38.25 -19.33 -10.20
N VAL C 367 -37.90 -18.48 -11.16
CA VAL C 367 -37.67 -17.07 -10.91
C VAL C 367 -38.60 -16.20 -11.75
N TYR C 368 -38.60 -16.41 -13.07
CA TYR C 368 -39.41 -15.58 -13.96
C TYR C 368 -40.92 -15.69 -13.69
N PRO C 369 -41.51 -16.87 -13.46
CA PRO C 369 -42.95 -16.90 -13.15
C PRO C 369 -43.33 -16.05 -11.96
N TYR C 370 -42.47 -15.99 -10.94
CA TYR C 370 -42.70 -15.12 -9.80
C TYR C 370 -42.54 -13.65 -10.18
N CYS C 371 -41.35 -13.30 -10.66
CA CYS C 371 -41.08 -11.95 -11.09
C CYS C 371 -40.88 -11.82 -12.59
N LYS C 372 -41.83 -11.14 -13.22
CA LYS C 372 -41.83 -10.99 -14.66
C LYS C 372 -41.11 -9.72 -15.11
N CYS C 373 -40.55 -8.98 -14.15
CA CYS C 373 -39.79 -7.81 -14.47
C CYS C 373 -38.39 -8.18 -14.94
N CYS C 374 -37.99 -9.38 -14.55
CA CYS C 374 -36.70 -9.91 -14.90
C CYS C 374 -36.73 -10.78 -16.14
N GLU C 375 -37.89 -10.75 -16.79
CA GLU C 375 -38.12 -11.55 -18.00
C GLU C 375 -37.18 -11.21 -19.17
N PRO C 376 -36.95 -9.90 -19.44
CA PRO C 376 -36.04 -9.63 -20.56
C PRO C 376 -34.57 -9.93 -20.28
N CYS C 377 -34.29 -10.61 -19.17
CA CYS C 377 -32.94 -10.99 -18.85
C CYS C 377 -32.58 -12.37 -19.40
N THR C 378 -33.40 -12.81 -20.35
CA THR C 378 -33.18 -14.07 -21.03
C THR C 378 -32.08 -13.92 -22.08
N VAL C 379 -31.71 -12.66 -22.34
CA VAL C 379 -30.62 -12.38 -23.28
C VAL C 379 -29.29 -12.90 -22.77
N ASN C 380 -29.20 -13.20 -21.48
CA ASN C 380 -27.97 -13.73 -20.91
C ASN C 380 -27.72 -15.18 -21.32
N GLU C 381 -28.77 -15.92 -21.67
CA GLU C 381 -28.59 -17.24 -22.23
C GLU C 381 -27.87 -17.17 -23.57
N TYR C 382 -28.21 -16.16 -24.39
CA TYR C 382 -27.49 -15.94 -25.63
C TYR C 382 -26.07 -15.44 -25.37
N TYR C 383 -25.90 -14.55 -24.39
CA TYR C 383 -24.57 -14.04 -24.07
C TYR C 383 -23.66 -15.14 -23.56
N TYR C 384 -24.19 -16.03 -22.72
CA TYR C 384 -23.38 -17.12 -22.19
C TYR C 384 -22.97 -18.09 -23.29
N ARG C 385 -23.83 -18.28 -24.30
CA ARG C 385 -23.48 -19.15 -25.42
C ARG C 385 -22.28 -18.60 -26.20
N LYS C 386 -22.25 -17.29 -26.42
CA LYS C 386 -21.18 -16.68 -27.19
C LYS C 386 -19.91 -16.45 -26.38
N LYS C 387 -19.97 -16.64 -25.07
CA LYS C 387 -18.84 -16.36 -24.18
C LYS C 387 -18.12 -17.60 -23.70
N CYS C 388 -18.84 -18.63 -23.29
CA CYS C 388 -18.26 -19.79 -22.63
C CYS C 388 -18.46 -21.04 -23.47
N GLU C 389 -17.40 -21.82 -23.65
CA GLU C 389 -17.46 -23.14 -24.26
C GLU C 389 -17.01 -24.15 -23.22
N SER C 390 -17.85 -25.15 -22.96
CA SER C 390 -17.54 -26.18 -21.97
C SER C 390 -16.92 -27.40 -22.65
N ILE C 391 -15.81 -27.87 -22.09
CA ILE C 391 -15.15 -29.06 -22.59
C ILE C 391 -14.97 -30.05 -21.43
N MET C 392 -14.89 -31.32 -21.78
CA MET C 392 -14.67 -32.39 -20.83
C MET C 392 -13.20 -32.76 -20.75
N GLU C 393 -12.77 -33.16 -19.57
CA GLU C 393 -11.44 -33.73 -19.42
C GLU C 393 -11.37 -35.05 -20.16
N PRO C 394 -10.46 -35.22 -21.12
CA PRO C 394 -10.41 -36.47 -21.90
C PRO C 394 -9.72 -37.61 -21.15
N LYS C 395 -10.42 -38.18 -20.18
CA LYS C 395 -9.86 -39.27 -19.42
C LYS C 395 -10.05 -40.60 -20.15
N PRO C 396 -9.25 -41.62 -19.81
CA PRO C 396 -9.33 -42.90 -20.54
C PRO C 396 -10.68 -43.59 -20.44
N THR C 397 -11.49 -43.29 -19.43
CA THR C 397 -12.80 -43.91 -19.28
C THR C 397 -13.93 -43.02 -19.81
N LEU C 398 -13.60 -42.00 -20.59
CA LEU C 398 -14.61 -41.10 -21.14
C LEU C 398 -15.26 -41.77 -22.35
N LYS C 399 -16.58 -41.93 -22.28
CA LYS C 399 -17.36 -42.53 -23.35
C LYS C 399 -18.58 -41.68 -23.63
N TYR C 400 -18.98 -41.65 -24.90
CA TYR C 400 -20.20 -40.96 -25.32
C TYR C 400 -21.10 -41.95 -26.03
N VAL C 401 -22.38 -41.96 -25.68
CA VAL C 401 -23.35 -42.89 -26.22
C VAL C 401 -24.52 -42.10 -26.76
N SER C 402 -24.93 -42.39 -27.99
CA SER C 402 -26.10 -41.79 -28.61
C SER C 402 -27.08 -42.90 -28.97
N PHE C 403 -28.33 -42.76 -28.54
CA PHE C 403 -29.40 -43.68 -28.88
C PHE C 403 -30.31 -43.02 -29.91
N VAL C 404 -30.62 -43.74 -30.98
CA VAL C 404 -31.38 -43.16 -32.07
C VAL C 404 -32.79 -42.79 -31.64
N ASP C 405 -33.28 -43.39 -30.55
CA ASP C 405 -34.61 -43.12 -30.03
C ASP C 405 -34.59 -42.16 -28.84
N GLU C 406 -33.52 -41.40 -28.68
CA GLU C 406 -33.40 -40.41 -27.62
C GLU C 406 -32.93 -39.08 -28.20
N PRO C 407 -33.30 -37.97 -27.57
CA PRO C 407 -32.88 -36.65 -28.05
C PRO C 407 -31.55 -36.17 -27.48
N HIS C 408 -31.02 -36.83 -26.45
CA HIS C 408 -29.79 -36.42 -25.80
C HIS C 408 -28.69 -37.45 -26.04
N ILE C 409 -27.51 -37.16 -25.51
CA ILE C 409 -26.34 -38.02 -25.62
C ILE C 409 -25.83 -38.31 -24.21
N ARG C 410 -25.63 -39.59 -23.91
CA ARG C 410 -25.15 -40.00 -22.61
C ARG C 410 -23.62 -40.01 -22.57
N MET C 411 -23.08 -39.56 -21.45
CA MET C 411 -21.64 -39.60 -21.20
C MET C 411 -21.37 -40.61 -20.08
N VAL C 412 -20.82 -41.76 -20.45
CA VAL C 412 -20.49 -42.82 -19.49
C VAL C 412 -19.02 -42.62 -19.14
N ASP C 413 -18.75 -41.85 -18.09
CA ASP C 413 -17.34 -41.53 -17.74
C ASP C 413 -16.79 -42.53 -16.71
N GLN C 414 -17.61 -43.48 -16.26
CA GLN C 414 -17.19 -44.45 -15.26
C GLN C 414 -16.73 -45.73 -15.92
N GLN C 415 -16.06 -46.56 -15.11
CA GLN C 415 -15.60 -47.89 -15.62
C GLN C 415 -16.81 -48.82 -15.68
N LEU C 416 -16.90 -49.62 -16.73
CA LEU C 416 -18.03 -50.53 -16.92
C LEU C 416 -17.98 -51.70 -15.94
N LEU C 417 -16.79 -52.26 -15.71
CA LEU C 417 -16.59 -53.37 -14.78
C LEU C 417 -17.47 -54.57 -15.12
N GLY C 418 -17.53 -54.90 -16.40
CA GLY C 418 -18.27 -56.06 -16.86
C GLY C 418 -19.73 -55.81 -17.17
N LYS C 419 -20.26 -54.64 -16.84
CA LYS C 419 -21.62 -54.30 -17.22
C LYS C 419 -21.64 -53.76 -18.64
N SER C 420 -22.55 -54.28 -19.46
CA SER C 420 -22.63 -53.83 -20.84
C SER C 420 -22.91 -52.34 -20.91
N LEU C 421 -22.31 -51.68 -21.90
CA LEU C 421 -22.47 -50.24 -22.05
C LEU C 421 -23.92 -49.84 -22.32
N GLN C 422 -24.75 -50.78 -22.78
CA GLN C 422 -26.15 -50.47 -23.03
C GLN C 422 -26.87 -50.10 -21.75
N VAL C 423 -26.59 -50.81 -20.66
CA VAL C 423 -27.32 -50.60 -19.42
C VAL C 423 -26.70 -49.55 -18.51
N VAL C 424 -25.40 -49.30 -18.64
CA VAL C 424 -24.73 -48.32 -17.80
C VAL C 424 -25.16 -46.92 -18.21
N LYS C 425 -26.04 -46.31 -17.42
CA LYS C 425 -26.51 -44.96 -17.72
C LYS C 425 -25.46 -43.93 -17.31
N GLY C 426 -25.35 -42.87 -18.12
CA GLY C 426 -24.46 -41.77 -17.83
C GLY C 426 -25.21 -40.45 -17.84
N GLN C 427 -24.45 -39.38 -17.66
CA GLN C 427 -25.04 -38.05 -17.63
C GLN C 427 -25.60 -37.67 -18.99
N GLU C 428 -26.78 -37.07 -18.99
CA GLU C 428 -27.37 -36.59 -20.23
C GLU C 428 -26.64 -35.35 -20.73
N VAL C 429 -26.30 -35.34 -22.01
CA VAL C 429 -25.61 -34.21 -22.63
C VAL C 429 -26.36 -33.82 -23.89
N PRO C 430 -26.69 -32.54 -24.07
CA PRO C 430 -27.33 -32.11 -25.32
C PRO C 430 -26.38 -32.26 -26.51
N ARG C 431 -26.96 -32.56 -27.66
CA ARG C 431 -26.18 -32.71 -28.88
C ARG C 431 -25.83 -31.33 -29.44
N PRO C 432 -24.54 -31.02 -29.66
CA PRO C 432 -24.11 -29.72 -30.19
C PRO C 432 -24.62 -29.48 -31.61
N SER C 473 -30.29 -60.42 -31.64
CA SER C 473 -29.99 -61.68 -30.97
C SER C 473 -29.45 -61.51 -29.54
N PRO C 474 -28.49 -60.60 -29.33
CA PRO C 474 -28.01 -60.38 -27.95
C PRO C 474 -29.12 -59.85 -27.05
N SER C 475 -28.99 -60.14 -25.75
CA SER C 475 -30.01 -59.73 -24.80
C SER C 475 -30.12 -58.21 -24.72
N TRP C 476 -28.98 -57.52 -24.77
CA TRP C 476 -29.00 -56.07 -24.67
C TRP C 476 -29.47 -55.40 -25.94
N CYS C 477 -29.45 -56.10 -27.07
CA CYS C 477 -29.83 -55.51 -28.34
C CYS C 477 -31.33 -55.26 -28.39
N GLN C 478 -31.71 -54.09 -28.89
CA GLN C 478 -33.12 -53.71 -29.05
C GLN C 478 -33.49 -53.45 -30.50
N CYS C 479 -32.65 -53.84 -31.45
CA CYS C 479 -32.91 -53.60 -32.87
C CYS C 479 -32.86 -54.84 -33.73
N GLY C 480 -32.38 -55.97 -33.20
CA GLY C 480 -32.33 -57.20 -33.96
C GLY C 480 -31.16 -57.33 -34.91
N ASN C 481 -30.26 -56.34 -34.94
CA ASN C 481 -29.14 -56.35 -35.88
C ASN C 481 -27.79 -56.39 -35.20
N CYS C 482 -27.71 -56.21 -33.89
CA CYS C 482 -26.43 -56.18 -33.20
C CYS C 482 -25.86 -57.59 -33.09
N LEU C 483 -24.54 -57.64 -32.97
CA LEU C 483 -23.81 -58.90 -32.88
C LEU C 483 -22.96 -58.92 -31.61
N PRO C 484 -22.70 -60.09 -31.06
CA PRO C 484 -21.84 -60.16 -29.86
C PRO C 484 -20.44 -59.68 -30.15
N SER C 485 -19.83 -59.05 -29.15
CA SER C 485 -18.48 -58.53 -29.30
C SER C 485 -17.47 -59.67 -29.46
N ARG C 486 -16.49 -59.46 -30.33
CA ARG C 486 -15.40 -60.40 -30.52
C ARG C 486 -14.12 -59.95 -29.81
N LEU C 487 -14.24 -58.99 -28.90
CA LEU C 487 -13.12 -58.53 -28.09
C LEU C 487 -12.82 -59.53 -27.00
N PRO C 488 -11.65 -59.42 -26.36
CA PRO C 488 -11.41 -60.23 -25.16
C PRO C 488 -12.45 -59.95 -24.09
N GLU C 489 -12.75 -60.98 -23.29
CA GLU C 489 -13.91 -60.95 -22.40
C GLU C 489 -13.85 -59.77 -21.44
N GLN C 490 -12.65 -59.30 -21.08
CA GLN C 490 -12.55 -58.18 -20.15
C GLN C 490 -13.11 -56.90 -20.76
N ARG C 491 -12.88 -56.69 -22.06
CA ARG C 491 -13.30 -55.48 -22.75
C ARG C 491 -14.57 -55.65 -23.57
N ARG C 492 -15.27 -56.78 -23.40
CA ARG C 492 -16.47 -57.04 -24.19
C ARG C 492 -17.57 -56.03 -23.91
N ALA C 493 -17.67 -55.57 -22.66
CA ALA C 493 -18.78 -54.70 -22.25
C ALA C 493 -18.78 -53.37 -23.00
N LEU C 494 -17.62 -52.95 -23.52
CA LEU C 494 -17.57 -51.71 -24.29
C LEU C 494 -18.42 -51.80 -25.55
N GLU C 495 -18.30 -52.90 -26.29
CA GLU C 495 -18.96 -53.05 -27.57
C GLU C 495 -20.35 -53.64 -27.46
N GLU C 496 -20.84 -53.89 -26.24
CA GLU C 496 -22.21 -54.38 -26.04
C GLU C 496 -23.15 -53.20 -25.94
N LEU C 497 -23.29 -52.50 -27.06
CA LEU C 497 -24.10 -51.30 -27.16
C LEU C 497 -25.00 -51.42 -28.38
N CYS C 498 -26.27 -51.07 -28.21
CA CYS C 498 -27.25 -51.08 -29.29
C CYS C 498 -27.48 -49.67 -29.80
N CYS C 499 -28.11 -49.58 -30.97
CA CYS C 499 -28.37 -48.28 -31.57
C CYS C 499 -29.52 -47.54 -30.92
N ARG C 500 -30.39 -48.29 -30.23
CA ARG C 500 -31.59 -47.67 -29.62
C ARG C 500 -31.79 -48.21 -28.22
N ARG C 501 -32.34 -47.39 -27.32
CA ARG C 501 -32.61 -47.82 -25.96
C ARG C 501 -33.81 -48.75 -25.89
N LYS C 502 -34.89 -48.41 -26.60
CA LYS C 502 -36.14 -49.15 -26.60
C LYS C 502 -36.32 -49.90 -27.92
N PRO C 503 -37.06 -51.01 -27.93
CA PRO C 503 -37.17 -51.81 -29.15
C PRO C 503 -37.76 -51.02 -30.31
N GLY C 504 -37.27 -51.32 -31.50
CA GLY C 504 -37.73 -50.63 -32.69
C GLY C 504 -36.81 -50.90 -33.87
N ARG C 505 -36.86 -50.01 -34.85
CA ARG C 505 -36.08 -50.17 -36.06
C ARG C 505 -34.61 -49.81 -35.82
N CYS C 506 -33.74 -50.51 -36.54
CA CYS C 506 -32.31 -50.25 -36.45
C CYS C 506 -31.93 -49.00 -37.23
N ILE C 507 -30.91 -48.30 -36.75
CA ILE C 507 -30.45 -47.10 -37.44
C ILE C 507 -29.72 -47.48 -38.74
N THR C 508 -29.14 -48.67 -38.80
CA THR C 508 -28.46 -49.10 -40.02
C THR C 508 -29.41 -49.36 -41.17
N THR C 509 -30.72 -49.44 -40.90
CA THR C 509 -31.73 -49.58 -41.94
C THR C 509 -32.23 -48.25 -42.45
N SER C 510 -31.68 -47.14 -41.95
CA SER C 510 -32.07 -45.83 -42.42
C SER C 510 -31.47 -45.55 -43.79
N LYS C 511 -32.11 -44.63 -44.52
CA LYS C 511 -31.62 -44.27 -45.85
C LYS C 511 -30.28 -43.53 -45.76
N LEU C 512 -30.11 -42.68 -44.76
CA LEU C 512 -28.89 -41.90 -44.63
C LEU C 512 -27.70 -42.70 -44.13
N PHE C 513 -27.94 -43.84 -43.46
CA PHE C 513 -26.83 -44.66 -43.03
C PHE C 513 -26.04 -45.19 -44.21
N HIS C 514 -26.74 -45.64 -45.25
CA HIS C 514 -26.06 -46.07 -46.46
C HIS C 514 -25.46 -44.92 -47.24
N LYS C 515 -25.98 -43.70 -47.01
CA LYS C 515 -25.49 -42.52 -47.78
C LYS C 515 -24.36 -41.83 -47.03
N LEU C 516 -24.44 -41.73 -45.70
CA LEU C 516 -23.45 -41.00 -44.93
C LEU C 516 -22.33 -41.88 -44.39
N VAL C 517 -22.54 -43.18 -44.28
CA VAL C 517 -21.58 -44.04 -43.59
C VAL C 517 -21.05 -45.12 -44.53
N LEU C 518 -21.95 -45.74 -45.31
CA LEU C 518 -21.58 -46.92 -46.08
C LEU C 518 -21.20 -46.64 -47.51
N SER C 519 -21.53 -45.45 -48.04
CA SER C 519 -21.22 -45.14 -49.43
C SER C 519 -19.72 -45.18 -49.70
N ARG C 520 -19.30 -46.15 -50.51
CA ARG C 520 -17.87 -46.30 -50.80
C ARG C 520 -17.35 -45.12 -51.62
N ASP C 521 -18.17 -44.60 -52.54
CA ASP C 521 -17.74 -43.49 -53.35
C ASP C 521 -17.49 -42.24 -52.51
N THR C 522 -18.37 -41.96 -51.56
CA THR C 522 -18.19 -40.78 -50.70
C THR C 522 -16.94 -40.93 -49.83
N LEU C 523 -16.72 -42.12 -49.27
CA LEU C 523 -15.54 -42.33 -48.44
C LEU C 523 -14.26 -42.22 -49.27
N GLN C 524 -14.28 -42.74 -50.50
CA GLN C 524 -13.13 -42.59 -51.39
C GLN C 524 -12.88 -41.12 -51.72
N LEU C 525 -13.96 -40.35 -51.93
CA LEU C 525 -13.82 -38.93 -52.19
C LEU C 525 -13.20 -38.21 -51.00
N LEU C 526 -13.61 -38.57 -49.78
CA LEU C 526 -13.01 -37.99 -48.59
C LEU C 526 -11.53 -38.34 -48.49
N LEU C 527 -11.20 -39.62 -48.77
CA LEU C 527 -9.80 -40.05 -48.73
C LEU C 527 -8.96 -39.27 -49.73
N LEU C 528 -9.49 -39.06 -50.94
CA LEU C 528 -8.76 -38.31 -51.96
C LEU C 528 -8.70 -36.83 -51.60
N TYR C 529 -9.70 -36.30 -50.91
CA TYR C 529 -9.61 -34.93 -50.40
C TYR C 529 -8.44 -34.81 -49.45
N GLN C 530 -8.25 -35.80 -48.58
CA GLN C 530 -7.08 -35.83 -47.72
C GLN C 530 -5.79 -35.92 -48.54
N ASP C 531 -5.74 -36.86 -49.48
CA ASP C 531 -4.55 -37.11 -50.31
C ASP C 531 -4.99 -37.26 -51.77
N PRO C 532 -4.86 -36.21 -52.59
CA PRO C 532 -5.36 -36.30 -53.97
C PRO C 532 -4.70 -37.39 -54.79
N LEU C 533 -3.39 -37.63 -54.62
CA LEU C 533 -2.68 -38.66 -55.36
C LEU C 533 -2.36 -39.79 -54.39
N LEU C 534 -3.32 -40.70 -54.23
CA LEU C 534 -3.23 -41.78 -53.27
C LEU C 534 -3.45 -43.10 -53.99
N VAL C 535 -2.48 -44.01 -53.88
CA VAL C 535 -2.57 -45.35 -54.42
C VAL C 535 -2.32 -46.33 -53.28
N LEU C 536 -3.27 -47.25 -53.08
CA LEU C 536 -3.17 -48.22 -51.99
C LEU C 536 -3.75 -49.54 -52.45
N GLY C 537 -3.31 -50.62 -51.80
CA GLY C 537 -3.89 -51.91 -52.02
C GLY C 537 -5.26 -52.02 -51.37
N GLU C 538 -5.94 -53.14 -51.65
CA GLU C 538 -7.29 -53.31 -51.10
C GLU C 538 -7.26 -53.40 -49.58
N GLU C 539 -6.25 -54.08 -49.03
CA GLU C 539 -6.14 -54.18 -47.58
C GLU C 539 -5.90 -52.82 -46.95
N ALA C 540 -5.05 -51.99 -47.58
CA ALA C 540 -4.83 -50.64 -47.08
C ALA C 540 -6.04 -49.75 -47.34
N THR C 541 -6.69 -49.92 -48.48
CA THR C 541 -7.88 -49.12 -48.78
C THR C 541 -9.03 -49.47 -47.85
N ASN C 542 -9.22 -50.77 -47.56
CA ASN C 542 -10.31 -51.18 -46.69
C ASN C 542 -10.13 -50.64 -45.28
N SER C 543 -8.91 -50.66 -44.77
CA SER C 543 -8.64 -50.12 -43.44
C SER C 543 -8.95 -48.63 -43.37
N ARG C 544 -8.54 -47.88 -44.39
CA ARG C 544 -8.83 -46.44 -44.41
C ARG C 544 -10.31 -46.18 -44.61
N LEU C 545 -10.99 -46.98 -45.43
CA LEU C 545 -12.42 -46.80 -45.62
C LEU C 545 -13.19 -47.17 -44.36
N ARG C 546 -12.78 -48.22 -43.68
CA ARG C 546 -13.46 -48.64 -42.46
C ARG C 546 -13.33 -47.59 -41.36
N HIS C 547 -12.11 -47.08 -41.16
CA HIS C 547 -11.90 -46.06 -40.13
C HIS C 547 -12.59 -44.75 -40.49
N ARG C 548 -12.66 -44.42 -41.78
CA ARG C 548 -13.37 -43.23 -42.19
C ARG C 548 -14.87 -43.36 -41.97
N ALA C 549 -15.41 -44.58 -42.10
CA ALA C 549 -16.82 -44.80 -41.87
C ALA C 549 -17.19 -44.71 -40.40
N TYR C 550 -16.27 -45.10 -39.51
CA TYR C 550 -16.48 -44.88 -38.08
C TYR C 550 -16.62 -43.40 -37.78
N ARG C 551 -15.73 -42.58 -38.34
CA ARG C 551 -15.77 -41.14 -38.11
C ARG C 551 -17.00 -40.51 -38.72
N CYS C 552 -17.44 -41.02 -39.87
CA CYS C 552 -18.66 -40.50 -40.49
C CYS C 552 -19.88 -40.74 -39.62
N TYR C 553 -19.98 -41.94 -39.03
CA TYR C 553 -21.08 -42.19 -38.10
C TYR C 553 -20.94 -41.34 -36.84
N ALA C 554 -19.73 -41.26 -36.29
CA ALA C 554 -19.53 -40.51 -35.04
C ALA C 554 -19.82 -39.03 -35.25
N THR C 555 -19.35 -38.45 -36.36
CA THR C 555 -19.61 -37.05 -36.63
C THR C 555 -21.10 -36.80 -36.84
N TRP C 556 -21.77 -37.70 -37.57
CA TRP C 556 -23.19 -37.52 -37.85
C TRP C 556 -24.03 -37.58 -36.58
N ARG C 557 -23.79 -38.58 -35.74
CA ARG C 557 -24.64 -38.83 -34.59
C ARG C 557 -24.24 -38.03 -33.35
N PHE C 558 -23.04 -37.45 -33.33
CA PHE C 558 -22.57 -36.72 -32.17
C PHE C 558 -22.20 -35.27 -32.47
N GLY C 559 -22.04 -34.91 -33.74
CA GLY C 559 -21.86 -33.52 -34.12
C GLY C 559 -20.44 -32.99 -33.96
N SER C 560 -20.07 -32.68 -32.73
CA SER C 560 -18.77 -32.11 -32.46
C SER C 560 -17.68 -33.18 -32.47
N GLN C 561 -16.50 -32.83 -32.98
CA GLN C 561 -15.38 -33.75 -32.95
C GLN C 561 -14.89 -34.00 -31.52
N ASP C 562 -15.17 -33.10 -30.60
CA ASP C 562 -14.79 -33.32 -29.20
C ASP C 562 -15.53 -34.53 -28.64
N MET C 563 -16.82 -34.65 -28.93
CA MET C 563 -17.61 -35.79 -28.49
C MET C 563 -17.50 -36.97 -29.44
N ALA C 564 -17.27 -36.73 -30.73
CA ALA C 564 -17.09 -37.81 -31.69
C ALA C 564 -15.78 -38.57 -31.46
N ASP C 565 -14.80 -37.94 -30.81
CA ASP C 565 -13.55 -38.64 -30.53
C ASP C 565 -13.74 -39.77 -29.53
N PHE C 566 -14.65 -39.59 -28.57
CA PHE C 566 -14.92 -40.60 -27.54
C PHE C 566 -16.26 -41.28 -27.75
N ALA C 567 -16.90 -41.05 -28.89
CA ALA C 567 -18.16 -41.71 -29.19
C ALA C 567 -17.94 -43.21 -29.37
N ILE C 568 -18.90 -44.00 -28.91
CA ILE C 568 -18.86 -45.45 -29.02
C ILE C 568 -19.89 -45.88 -30.04
N LEU C 569 -19.47 -46.62 -31.03
CA LEU C 569 -20.36 -47.09 -32.08
C LEU C 569 -21.22 -48.23 -31.56
N PRO C 570 -22.50 -48.27 -31.93
CA PRO C 570 -23.32 -49.44 -31.62
C PRO C 570 -22.82 -50.67 -32.35
N SER C 571 -23.15 -51.84 -31.80
CA SER C 571 -22.68 -53.09 -32.38
C SER C 571 -23.21 -53.28 -33.80
N CYS C 572 -24.47 -52.93 -34.03
CA CYS C 572 -25.05 -53.06 -35.36
C CYS C 572 -24.32 -52.20 -36.38
N CYS C 573 -24.10 -50.93 -36.05
CA CYS C 573 -23.41 -50.03 -36.97
C CYS C 573 -21.96 -50.46 -37.17
N ARG C 574 -21.29 -50.83 -36.08
CA ARG C 574 -19.90 -51.25 -36.17
C ARG C 574 -19.75 -52.45 -37.09
N TRP C 575 -20.63 -53.45 -36.92
CA TRP C 575 -20.50 -54.66 -37.72
C TRP C 575 -21.02 -54.47 -39.14
N ARG C 576 -21.98 -53.57 -39.36
CA ARG C 576 -22.36 -53.24 -40.73
C ARG C 576 -21.21 -52.58 -41.47
N ILE C 577 -20.51 -51.65 -40.81
CA ILE C 577 -19.34 -51.03 -41.42
C ILE C 577 -18.27 -52.08 -41.70
N ARG C 578 -18.01 -52.95 -40.73
CA ARG C 578 -17.00 -53.99 -40.90
C ARG C 578 -17.41 -55.00 -41.97
N LYS C 579 -18.70 -55.16 -42.23
CA LYS C 579 -19.14 -56.00 -43.33
C LYS C 579 -18.91 -55.31 -44.67
N GLU C 580 -19.14 -54.00 -44.73
CA GLU C 580 -18.92 -53.27 -45.98
C GLU C 580 -17.44 -53.18 -46.32
N PHE C 581 -16.58 -53.03 -45.31
CA PHE C 581 -15.13 -52.89 -45.51
C PHE C 581 -14.43 -53.90 -44.61
N PRO C 582 -14.38 -55.16 -45.01
CA PRO C 582 -13.88 -56.21 -44.12
C PRO C 582 -12.38 -56.18 -43.94
N LYS C 583 -11.93 -56.80 -42.86
CA LYS C 583 -10.52 -57.03 -42.57
C LYS C 583 -10.23 -58.50 -42.87
N THR C 584 -9.42 -58.75 -43.90
CA THR C 584 -9.22 -60.12 -44.37
C THR C 584 -8.47 -60.96 -43.34
N GLU C 585 -7.41 -60.41 -42.76
CA GLU C 585 -6.56 -61.14 -41.83
C GLU C 585 -6.47 -60.39 -40.51
N GLY C 586 -6.52 -61.13 -39.41
CA GLY C 586 -6.45 -60.53 -38.09
C GLY C 586 -7.81 -60.16 -37.55
N GLN C 587 -7.78 -59.54 -36.36
CA GLN C 587 -8.98 -59.10 -35.68
C GLN C 587 -9.01 -57.58 -35.56
N TYR C 588 -10.21 -57.06 -35.34
CA TYR C 588 -10.41 -55.62 -35.23
C TYR C 588 -9.98 -55.09 -33.88
N SER C 589 -9.23 -53.98 -33.88
CA SER C 589 -8.72 -53.41 -32.64
C SER C 589 -9.84 -52.86 -31.78
N GLY C 590 -10.88 -52.29 -32.39
CA GLY C 590 -11.92 -51.63 -31.64
C GLY C 590 -11.53 -50.21 -31.29
N PHE C 591 -12.32 -49.61 -30.39
CA PHE C 591 -12.06 -48.25 -29.97
C PHE C 591 -10.81 -48.18 -29.12
N LYS C 592 -9.97 -47.19 -29.38
CA LYS C 592 -8.77 -46.94 -28.60
C LYS C 592 -8.75 -45.49 -28.15
N TYR C 593 -8.24 -45.27 -26.95
CA TYR C 593 -8.25 -43.95 -26.33
C TYR C 593 -7.43 -42.97 -27.16
N PRO C 594 -8.03 -41.88 -27.64
CA PRO C 594 -7.29 -40.97 -28.55
C PRO C 594 -6.10 -40.27 -27.91
N TYR C 595 -6.02 -40.22 -26.58
CA TYR C 595 -4.89 -39.58 -25.92
C TYR C 595 -4.11 -40.58 -25.08
PB GDP D . -6.13 -11.05 -63.52
O1B GDP D . -6.35 -12.07 -64.62
O2B GDP D . -5.73 -9.73 -64.14
O3B GDP D . -7.40 -10.86 -62.75
O3A GDP D . -4.96 -11.54 -62.53
PA GDP D . -4.94 -13.03 -61.91
O1A GDP D . -6.11 -13.85 -62.36
O2A GDP D . -3.65 -13.73 -62.27
O5' GDP D . -4.99 -12.74 -60.34
C5' GDP D . -6.17 -12.17 -59.77
C4' GDP D . -6.33 -12.61 -58.33
O4' GDP D . -5.90 -13.97 -58.20
C3' GDP D . -5.51 -11.77 -57.37
O3' GDP D . -6.38 -11.09 -56.47
C2' GDP D . -4.65 -12.75 -56.60
O2' GDP D . -4.77 -12.51 -55.20
C1' GDP D . -5.20 -14.13 -56.97
N9 GDP D . -4.08 -15.07 -57.12
C8 GDP D . -3.37 -15.31 -58.24
N7 GDP D . -2.41 -16.24 -58.02
C5 GDP D . -2.49 -16.60 -56.73
C6 GDP D . -1.78 -17.54 -55.84
O6 GDP D . -0.84 -18.24 -56.26
N1 GDP D . -2.19 -17.62 -54.56
C2 GDP D . -3.21 -16.89 -54.08
N2 GDP D . -3.54 -17.03 -52.78
N3 GDP D . -3.90 -16.02 -54.85
C4 GDP D . -3.59 -15.84 -56.14
ZN ZN E . 2.00 -30.28 -61.28
ZN ZN F . 5.52 -29.03 -62.15
C1 NAG G . 16.24 -2.08 52.03
C2 NAG G . 17.61 -2.06 52.68
C3 NAG G . 17.88 -3.39 53.39
C4 NAG G . 16.75 -3.72 54.35
C5 NAG G . 15.41 -3.68 53.63
C6 NAG G . 14.23 -3.89 54.54
C7 NAG G . 19.44 -0.71 51.75
C8 NAG G . 20.46 -0.60 50.66
N2 NAG G . 18.65 -1.79 51.70
O3 NAG G . 19.12 -3.30 54.10
O4 NAG G . 16.94 -5.02 54.90
O5 NAG G . 15.24 -2.40 53.01
O6 NAG G . 13.70 -2.65 54.98
O7 NAG G . 19.33 0.13 52.64
C1 NAG H . 26.16 -5.71 44.04
C2 NAG H . 26.32 -7.15 44.49
C3 NAG H . 27.01 -7.21 45.84
C4 NAG H . 28.32 -6.43 45.81
C5 NAG H . 28.10 -5.02 45.28
C6 NAG H . 29.38 -4.25 45.09
C7 NAG H . 24.71 -8.87 43.79
C8 NAG H . 23.34 -9.43 43.97
N2 NAG H . 25.02 -7.81 44.54
O3 NAG H . 27.25 -8.56 46.20
O4 NAG H . 28.89 -6.37 47.11
O5 NAG H . 27.45 -5.07 44.01
O6 NAG H . 29.16 -2.85 45.14
O7 NAG H . 25.52 -9.35 42.99
C1 PLM I . 5.88 -31.25 -21.28
O2 PLM I . 6.14 -30.69 -22.35
C2 PLM I . 6.40 -30.77 -19.96
C3 PLM I . 6.88 -31.90 -19.08
C4 PLM I . 7.34 -31.43 -17.72
C5 PLM I . 8.37 -30.33 -17.84
C6 PLM I . 8.44 -29.53 -16.55
C7 PLM I . 7.07 -29.01 -16.17
C8 PLM I . 7.07 -28.41 -14.79
C9 PLM I . 5.66 -28.03 -14.37
CA PLM I . 5.17 -26.83 -15.13
CB PLM I . 5.72 -25.54 -14.55
CC PLM I . 5.17 -25.31 -13.15
CD PLM I . 3.65 -25.24 -13.17
CE PLM I . 3.11 -24.84 -11.81
C1 PLM J . 10.40 -36.99 -14.85
O2 PLM J . 9.53 -36.32 -15.40
C2 PLM J . 11.69 -36.43 -14.33
C3 PLM J . 12.70 -36.16 -15.42
C4 PLM J . 12.31 -35.01 -16.32
C5 PLM J . 12.12 -33.74 -15.52
C1 PLM K . 5.94 -38.70 -10.84
O2 PLM K . 5.00 -38.13 -10.28
C2 PLM K . 7.36 -38.21 -10.79
C3 PLM K . 7.47 -36.78 -10.28
C4 PLM K . 8.90 -36.43 -9.92
C5 PLM K . 8.96 -35.10 -9.18
C1 PLM L . 6.30 -35.04 -14.63
O2 PLM L . 6.50 -34.54 -15.74
C2 PLM L . 7.08 -34.66 -13.40
C3 PLM L . 7.08 -33.17 -13.14
C4 PLM L . 7.45 -32.85 -11.71
C5 PLM L . 7.51 -31.35 -11.48
C6 PLM L . 8.65 -30.72 -12.26
C7 PLM L . 8.94 -29.32 -11.74
C1 PLM M . -0.31 -33.00 -15.22
O2 PLM M . 0.13 -31.88 -15.51
C2 PLM M . -1.56 -33.22 -14.44
C3 PLM M . -1.42 -32.71 -13.01
C4 PLM M . -2.75 -32.29 -12.42
C5 PLM M . -2.54 -31.60 -11.09
C6 PLM M . -1.44 -30.56 -11.20
C7 PLM M . -0.94 -30.15 -9.83
C8 PLM M . 0.37 -29.39 -9.94
C9 PLM M . 0.83 -28.90 -8.59
CA PLM M . 0.31 -27.50 -8.32
CB PLM M . 1.00 -26.48 -9.19
CC PLM M . 0.49 -25.09 -8.90
CD PLM M . 0.98 -24.57 -7.57
CE PLM M . 2.34 -23.93 -7.69
CF PLM M . 2.78 -23.30 -6.40
CG PLM M . 1.99 -22.06 -6.07
NA NA N . -3.80 -5.31 -8.60
PB GDP O . -47.06 -22.06 -38.65
O1B GDP O . -47.48 -22.43 -40.04
O2B GDP O . -48.27 -22.03 -37.75
O3B GDP O . -46.08 -23.08 -38.12
O3A GDP O . -46.37 -20.61 -38.63
PA GDP O . -45.21 -20.20 -39.67
O1A GDP O . -44.87 -21.32 -40.61
O2A GDP O . -45.63 -18.98 -40.46
O5' GDP O . -44.00 -19.84 -38.70
C5' GDP O . -43.39 -20.88 -37.94
C4' GDP O . -41.93 -20.57 -37.68
O4' GDP O . -41.37 -19.93 -38.82
C3' GDP O . -41.74 -19.64 -36.50
O3' GDP O . -40.99 -20.31 -35.48
C2' GDP O . -40.93 -18.48 -37.02
O2' GDP O . -39.81 -18.23 -36.18
C1' GDP O . -40.48 -18.90 -38.41
N9 GDP O . -40.56 -17.75 -39.33
C8 GDP O . -41.63 -17.36 -40.05
N7 GDP O . -41.34 -16.25 -40.77
C5 GDP O . -40.06 -15.93 -40.52
C6 GDP O . -39.12 -14.86 -40.95
O6 GDP O . -39.48 -13.99 -41.76
N1 GDP O . -37.89 -14.88 -40.45
C2 GDP O . -37.47 -15.82 -39.57
N2 GDP O . -36.20 -15.76 -39.11
N3 GDP O . -38.27 -16.81 -39.13
C4 GDP O . -39.55 -16.91 -39.57
ZN ZN P . -39.44 -11.01 -54.78
ZN ZN Q . -41.80 -8.09 -54.07
C1 NAG R . 39.84 30.28 21.71
C2 NAG R . 39.96 31.77 22.02
C3 NAG R . 41.03 32.42 21.16
C4 NAG R . 42.35 31.66 21.30
C5 NAG R . 42.14 30.18 21.01
C6 NAG R . 43.37 29.34 21.24
C7 NAG R . 38.01 33.06 22.79
C8 NAG R . 36.72 33.70 22.41
N2 NAG R . 38.68 32.44 21.81
O3 NAG R . 41.22 33.77 21.55
O4 NAG R . 43.32 32.19 20.39
O5 NAG R . 41.11 29.66 21.88
O6 NAG R . 43.38 28.79 22.55
O7 NAG R . 38.43 33.08 23.95
C1 NAG S . 31.53 37.99 14.84
C2 NAG S . 32.49 38.46 13.75
C3 NAG S . 33.44 39.50 14.32
C4 NAG S . 32.66 40.64 14.99
C5 NAG S . 31.68 40.07 16.01
C6 NAG S . 30.78 41.12 16.60
C7 NAG S . 33.13 36.99 11.91
C8 NAG S . 33.95 35.80 11.49
N2 NAG S . 33.22 37.35 13.19
O3 NAG S . 34.25 40.03 13.27
O4 NAG S . 33.57 41.53 15.64
O5 NAG S . 30.83 39.10 15.38
O6 NAG S . 30.28 40.73 17.88
O7 NAG S . 32.42 37.59 11.11
C1 PLM T . -6.38 4.03 -37.51
O2 PLM T . -7.60 3.89 -37.50
C2 PLM T . -5.63 4.82 -36.49
C3 PLM T . -4.55 5.68 -37.10
C4 PLM T . -3.74 6.43 -36.06
C5 PLM T . -4.64 7.21 -35.13
C6 PLM T . -3.92 7.53 -33.84
C7 PLM T . -3.39 6.26 -33.20
C8 PLM T . -2.47 6.57 -32.04
C9 PLM T . -1.85 5.30 -31.52
CA PLM T . -2.86 4.44 -30.78
CB PLM T . -3.08 4.96 -29.37
CC PLM T . -1.83 4.78 -28.53
CD PLM T . -1.40 3.33 -28.48
CE PLM T . -0.26 3.14 -27.50
C1 PLM U . 0.13 10.92 -39.73
O2 PLM U . -0.35 9.84 -39.37
C2 PLM U . -0.08 12.21 -38.98
C3 PLM U . -1.43 12.83 -39.25
C4 PLM U . -2.57 12.05 -38.63
C5 PLM U . -2.39 11.91 -37.13
C1 PLM V . 5.65 8.05 -39.42
O2 PLM V . 6.18 7.24 -38.66
C2 PLM V . 5.04 9.34 -38.96
C3 PLM V . 4.82 9.38 -37.46
C4 PLM V . 4.54 10.80 -36.98
C5 PLM V . 4.56 10.88 -35.47
C1 PLM W . 0.76 6.82 -37.87
O2 PLM W . -0.45 6.62 -37.93
C2 PLM W . 1.39 7.85 -36.99
C3 PLM W . 0.97 7.71 -35.54
C4 PLM W . 1.93 8.42 -34.60
C5 PLM W . 1.46 8.33 -33.16
C6 PLM W . 0.17 9.11 -32.95
C7 PLM W . -0.10 9.32 -31.48
C1 PLM X . 1.44 0.09 -36.31
O2 PLM X . 0.58 0.26 -35.44
C2 PLM X . 2.59 -0.85 -36.15
C3 PLM X . 3.54 -0.39 -35.06
C4 PLM X . 4.27 -1.54 -34.41
C5 PLM X . 5.04 -1.07 -33.19
C6 PLM X . 4.16 -0.20 -32.32
C7 PLM X . 4.97 0.59 -31.32
C8 PLM X . 4.14 1.70 -30.71
C9 PLM X . 4.94 2.44 -29.66
CA PLM X . 4.73 1.83 -28.29
CB PLM X . 3.33 2.10 -27.76
CC PLM X . 3.13 1.50 -26.40
CD PLM X . 3.88 2.26 -25.33
CE PLM X . 3.08 3.43 -24.83
CF PLM X . 3.77 4.13 -23.67
CG PLM X . 3.76 3.28 -22.42
PB GDP Y . -8.44 -52.40 -37.10
O1B GDP Y . -9.34 -53.14 -38.07
O2B GDP Y . -7.32 -53.30 -36.68
O3B GDP Y . -7.87 -51.19 -37.78
O3A GDP Y . -9.28 -51.95 -35.81
PA GDP Y . -10.69 -51.21 -35.92
O1A GDP Y . -11.11 -50.98 -37.35
O2A GDP Y . -11.76 -51.98 -35.19
O5' GDP Y . -10.40 -49.82 -35.16
C5' GDP Y . -9.50 -48.89 -35.75
C4' GDP Y . -9.87 -47.47 -35.36
O4' GDP Y . -11.30 -47.35 -35.31
C3' GDP Y . -9.33 -47.09 -33.99
O3' GDP Y . -8.42 -46.01 -34.12
C2' GDP Y . -10.53 -46.63 -33.19
O2' GDP Y . -10.28 -45.37 -32.59
C1' GDP Y . -11.66 -46.54 -34.20
N9 GDP Y . -12.92 -47.02 -33.59
C8 GDP Y . -13.36 -48.29 -33.56
N7 GDP Y . -14.55 -48.38 -32.91
C5 GDP Y . -14.87 -47.14 -32.50
C6 GDP Y . -15.98 -46.52 -31.75
O6 GDP Y . -16.94 -47.21 -31.34
N1 GDP Y . -15.94 -45.21 -31.54
C2 GDP Y . -14.92 -44.44 -31.97
N2 GDP Y . -14.95 -43.11 -31.73
N3 GDP Y . -13.87 -44.94 -32.66
C4 GDP Y . -13.80 -46.25 -32.95
ZN ZN Z . -29.25 -51.23 -34.59
ZN ZN AA . -29.16 -53.68 -31.66
C1 NAG BA . -7.18 39.66 36.77
C2 NAG BA . -7.59 39.64 38.24
C3 NAG BA . -8.94 40.33 38.41
C4 NAG BA . -8.90 41.73 37.81
C5 NAG BA . -8.45 41.65 36.36
C6 NAG BA . -8.27 43.00 35.72
C7 NAG BA . -6.88 37.83 39.74
C8 NAG BA . -7.08 36.39 40.13
N2 NAG BA . -7.65 38.27 38.75
O3 NAG BA . -9.24 40.42 39.80
O4 NAG BA . -10.20 42.32 37.86
O5 NAG BA . -7.17 40.99 36.29
O6 NAG BA . -6.93 43.46 35.81
O7 NAG BA . -6.05 38.54 40.29
C1 NAG CA . -13.70 28.75 40.53
C2 NAG CA . -15.12 29.29 40.47
C3 NAG CA . -15.40 30.21 41.65
C4 NAG CA . -15.08 29.50 42.96
C5 NAG CA . -13.67 28.93 42.92
C6 NAG CA . -13.33 28.10 44.13
C7 NAG CA . -16.26 29.59 38.31
C8 NAG CA . -16.36 30.43 37.07
N2 NAG CA . -15.36 29.99 39.21
O3 NAG CA . -16.76 30.61 41.63
O4 NAG CA . -15.20 30.41 44.05
O5 NAG CA . -13.51 28.08 41.77
O6 NAG CA . -11.93 28.04 44.36
O7 NAG CA . -16.96 28.61 38.48
C1 PLM DA . -31.47 -17.12 -13.42
O2 PLM DA . -31.02 -18.25 -13.53
C2 PLM DA . -31.18 -16.23 -12.24
C3 PLM DA . -32.42 -15.50 -11.75
C4 PLM DA . -32.10 -14.54 -10.62
C5 PLM DA . -31.38 -15.25 -9.50
C6 PLM DA . -30.65 -14.25 -8.63
C7 PLM DA . -29.73 -13.39 -9.48
C8 PLM DA . -29.16 -12.24 -8.68
C9 PLM DA . -28.37 -11.32 -9.57
CA PLM DA . -27.07 -11.95 -10.00
CB PLM DA . -26.02 -11.85 -8.91
CC PLM DA . -25.63 -10.40 -8.68
CD PLM DA . -25.09 -9.76 -9.95
CE PLM DA . -24.54 -8.38 -9.68
C1 PLM EA . -38.36 -12.53 -8.29
O2 PLM EA . -37.45 -12.74 -9.09
C2 PLM EA . -38.23 -12.70 -6.80
C3 PLM EA . -38.30 -14.15 -6.36
C4 PLM EA . -37.07 -14.95 -6.78
C5 PLM EA . -35.81 -14.33 -6.23
C1 PLM FA . -38.59 -6.80 -10.72
O2 PLM FA . -37.76 -5.97 -11.09
C2 PLM FA . -38.56 -7.43 -9.36
C3 PLM FA . -37.25 -7.22 -8.63
C4 PLM FA . -37.36 -7.56 -7.16
C5 PLM FA . -36.13 -7.12 -6.40
C1 PLM GA . -35.23 -10.84 -11.10
O2 PLM GA . -34.81 -11.98 -11.31
C2 PLM GA . -35.12 -10.14 -9.78
C3 PLM GA . -33.70 -10.11 -9.25
C4 PLM GA . -33.51 -9.04 -8.19
C5 PLM GA . -32.11 -9.07 -7.62
C6 PLM GA . -31.86 -10.34 -6.83
C7 PLM GA . -30.62 -10.21 -5.98
C1 PLM HA . -31.21 -8.81 -16.39
O2 PLM HA . -30.29 -9.41 -15.84
C2 PLM HA . -31.03 -7.53 -17.16
C3 PLM HA . -30.61 -6.39 -16.27
C4 PLM HA . -29.78 -5.35 -16.99
C5 PLM HA . -29.21 -4.35 -16.02
C6 PLM HA . -28.56 -5.06 -14.85
C7 PLM HA . -28.31 -4.13 -13.69
C8 PLM HA . -28.01 -4.90 -12.43
C9 PLM HA . -27.69 -3.96 -11.28
CA PLM HA . -26.20 -3.69 -11.21
CB PLM HA . -25.45 -4.90 -10.72
CC PLM HA . -23.96 -4.63 -10.64
CD PLM HA . -23.63 -3.72 -9.48
CE PLM HA . -23.45 -4.51 -8.20
CF PLM HA . -22.98 -3.62 -7.06
CG PLM HA . -21.56 -3.17 -7.25
#